data_7ME5
# 
_entry.id   7ME5 
# 
_audit_conform.dict_name       mmcif_pdbx.dic 
_audit_conform.dict_version    5.397 
_audit_conform.dict_location   http://mmcif.pdb.org/dictionaries/ascii/mmcif_pdbx.dic 
# 
loop_
_database_2.database_id 
_database_2.database_code 
_database_2.pdbx_database_accession 
_database_2.pdbx_DOI 
PDB   7ME5         pdb_00007me5 10.2210/pdb7me5/pdb 
WWPDB D_1000256062 ?            ?                   
# 
loop_
_pdbx_audit_revision_history.ordinal 
_pdbx_audit_revision_history.data_content_type 
_pdbx_audit_revision_history.major_revision 
_pdbx_audit_revision_history.minor_revision 
_pdbx_audit_revision_history.revision_date 
1 'Structure model' 1 0 2021-10-13 
2 'Structure model' 1 1 2021-11-24 
3 'Structure model' 1 2 2023-10-18 
4 'Structure model' 1 3 2024-10-09 
# 
_pdbx_audit_revision_details.ordinal             1 
_pdbx_audit_revision_details.revision_ordinal    1 
_pdbx_audit_revision_details.data_content_type   'Structure model' 
_pdbx_audit_revision_details.provider            repository 
_pdbx_audit_revision_details.type                'Initial release' 
_pdbx_audit_revision_details.description         ? 
_pdbx_audit_revision_details.details             ? 
# 
loop_
_pdbx_audit_revision_group.ordinal 
_pdbx_audit_revision_group.revision_ordinal 
_pdbx_audit_revision_group.data_content_type 
_pdbx_audit_revision_group.group 
1 2 'Structure model' 'Database references'    
2 3 'Structure model' 'Data collection'        
3 3 'Structure model' 'Refinement description' 
4 4 'Structure model' 'Structure summary'      
# 
loop_
_pdbx_audit_revision_category.ordinal 
_pdbx_audit_revision_category.revision_ordinal 
_pdbx_audit_revision_category.data_content_type 
_pdbx_audit_revision_category.category 
1 2 'Structure model' citation                      
2 2 'Structure model' citation_author               
3 3 'Structure model' chem_comp_atom                
4 3 'Structure model' chem_comp_bond                
5 3 'Structure model' pdbx_initial_refinement_model 
6 4 'Structure model' pdbx_entry_details            
7 4 'Structure model' pdbx_modification_feature     
# 
loop_
_pdbx_audit_revision_item.ordinal 
_pdbx_audit_revision_item.revision_ordinal 
_pdbx_audit_revision_item.data_content_type 
_pdbx_audit_revision_item.item 
1  2 'Structure model' '_citation.country'                            
2  2 'Structure model' '_citation.journal_abbrev'                     
3  2 'Structure model' '_citation.journal_id_CSD'                     
4  2 'Structure model' '_citation.journal_id_ISSN'                    
5  2 'Structure model' '_citation.journal_volume'                     
6  2 'Structure model' '_citation.page_first'                         
7  2 'Structure model' '_citation.page_last'                          
8  2 'Structure model' '_citation.pdbx_database_id_DOI'               
9  2 'Structure model' '_citation.pdbx_database_id_PubMed'            
10 2 'Structure model' '_citation.title'                              
11 2 'Structure model' '_citation.year'                               
12 4 'Structure model' '_pdbx_entry_details.has_protein_modification' 
# 
_pdbx_database_status.status_code                     REL 
_pdbx_database_status.status_code_sf                  REL 
_pdbx_database_status.status_code_mr                  ? 
_pdbx_database_status.entry_id                        7ME5 
_pdbx_database_status.recvd_initial_deposition_date   2021-04-06 
_pdbx_database_status.SG_entry                        N 
_pdbx_database_status.deposit_site                    RCSB 
_pdbx_database_status.process_site                    RCSB 
_pdbx_database_status.status_code_cs                  ? 
_pdbx_database_status.status_code_nmr_data            ? 
_pdbx_database_status.methods_development_category    ? 
_pdbx_database_status.pdb_format_compatible           Y 
# 
_pdbx_database_related.db_name        PDB 
_pdbx_database_related.details        . 
_pdbx_database_related.db_id          7ME4 
_pdbx_database_related.content_type   unspecified 
# 
loop_
_audit_author.name 
_audit_author.pdbx_ordinal 
_audit_author.identifier_ORCID 
'Shi, F.'        1 ?                   
'Mendrola, J.M.' 2 ?                   
'Perry, K.'      3 0000-0002-4046-1704 
'Stayrook, S.E.' 4 0000-0002-1677-8293 
'Lemmon, M.A.'   5 0000-0002-3379-5319 
# 
_citation.abstract                  ? 
_citation.abstract_id_CAS           ? 
_citation.book_id_ISBN              ? 
_citation.book_publisher            ? 
_citation.book_publisher_city       ? 
_citation.book_title                ? 
_citation.coordinate_linkage        ? 
_citation.country                   US 
_citation.database_id_Medline       ? 
_citation.details                   ? 
_citation.id                        primary 
_citation.journal_abbrev            'Cell Rep' 
_citation.journal_id_ASTM           ? 
_citation.journal_id_CSD            ? 
_citation.journal_id_ISSN           2211-1247 
_citation.journal_full              ? 
_citation.journal_issue             ? 
_citation.journal_volume            37 
_citation.language                  ? 
_citation.page_first                109834 
_citation.page_last                 109834 
_citation.title                     
'ROR and RYK extracellular region structures suggest that receptor tyrosine kinases have distinct WNT-recognition modes.' 
_citation.year                      2021 
_citation.database_id_CSD           ? 
_citation.pdbx_database_id_DOI      10.1016/j.celrep.2021.109834 
_citation.pdbx_database_id_PubMed   34686333 
_citation.pdbx_database_id_patent   ? 
_citation.unpublished_flag          ? 
# 
loop_
_citation_author.citation_id 
_citation_author.name 
_citation_author.ordinal 
_citation_author.identifier_ORCID 
primary 'Shi, F.'           1  ? 
primary 'Mendrola, J.M.'    2  ? 
primary 'Sheetz, J.B.'      3  ? 
primary 'Wu, N.'            4  ? 
primary 'Sommer, A.'        5  ? 
primary 'Speer, K.F.'       6  ? 
primary 'Noordermeer, J.N.' 7  ? 
primary 'Kan, Z.Y.'         8  ? 
primary 'Perry, K.'         9  ? 
primary 'Englander, S.W.'   10 ? 
primary 'Stayrook, S.E.'    11 ? 
primary 'Fradkin, L.G.'     12 ? 
primary 'Lemmon, M.A.'      13 ? 
# 
loop_
_entity.id 
_entity.type 
_entity.src_method 
_entity.pdbx_description 
_entity.formula_weight 
_entity.pdbx_number_of_molecules 
_entity.pdbx_ec 
_entity.pdbx_mutation 
_entity.pdbx_fragment 
_entity.details 
1 polymer     man 'Tyrosine-protein kinase transmembrane receptor DRL-2' 18065.623 1  ? ? 
'Extracellular domain, UNP residues 26-183' ? 
2 non-polymer syn 2-acetamido-2-deoxy-beta-D-glucopyranose               221.208   1  ? ? ? ? 
3 water       nat water                                                  18.015    84 ? ? ? ? 
# 
_entity_name_com.entity_id   1 
_entity_name_com.name        'Derailed 2' 
# 
_entity_poly.entity_id                      1 
_entity_poly.type                           'polypeptide(L)' 
_entity_poly.nstd_linkage                   no 
_entity_poly.nstd_monomer                   no 
_entity_poly.pdbx_seq_one_letter_code       
;YLNIFISHHEVMKLMGLEADLFYVHEGAINTYAMHFTVPVPADVHELEFSWQSLIAYPLPYAISIEYNNDQEALGTPTLS
IPHKGLVPQEIESFLVYLPCTGNASLQMPVNVNMVVRAPPRFNDTRLHFKRNKICAKGISPEPNQSPAPAHAPSQGPAIE
GR
;
_entity_poly.pdbx_seq_one_letter_code_can   
;YLNIFISHHEVMKLMGLEADLFYVHEGAINTYAMHFTVPVPADVHELEFSWQSLIAYPLPYAISIEYNNDQEALGTPTLS
IPHKGLVPQEIESFLVYLPCTGNASLQMPVNVNMVVRAPPRFNDTRLHFKRNKICAKGISPEPNQSPAPAHAPSQGPAIE
GR
;
_entity_poly.pdbx_strand_id                 A 
_entity_poly.pdbx_target_identifier         ? 
# 
loop_
_pdbx_entity_nonpoly.entity_id 
_pdbx_entity_nonpoly.name 
_pdbx_entity_nonpoly.comp_id 
2 2-acetamido-2-deoxy-beta-D-glucopyranose NAG 
3 water                                    HOH 
# 
loop_
_entity_poly_seq.entity_id 
_entity_poly_seq.num 
_entity_poly_seq.mon_id 
_entity_poly_seq.hetero 
1 1   TYR n 
1 2   LEU n 
1 3   ASN n 
1 4   ILE n 
1 5   PHE n 
1 6   ILE n 
1 7   SER n 
1 8   HIS n 
1 9   HIS n 
1 10  GLU n 
1 11  VAL n 
1 12  MET n 
1 13  LYS n 
1 14  LEU n 
1 15  MET n 
1 16  GLY n 
1 17  LEU n 
1 18  GLU n 
1 19  ALA n 
1 20  ASP n 
1 21  LEU n 
1 22  PHE n 
1 23  TYR n 
1 24  VAL n 
1 25  HIS n 
1 26  GLU n 
1 27  GLY n 
1 28  ALA n 
1 29  ILE n 
1 30  ASN n 
1 31  THR n 
1 32  TYR n 
1 33  ALA n 
1 34  MET n 
1 35  HIS n 
1 36  PHE n 
1 37  THR n 
1 38  VAL n 
1 39  PRO n 
1 40  VAL n 
1 41  PRO n 
1 42  ALA n 
1 43  ASP n 
1 44  VAL n 
1 45  HIS n 
1 46  GLU n 
1 47  LEU n 
1 48  GLU n 
1 49  PHE n 
1 50  SER n 
1 51  TRP n 
1 52  GLN n 
1 53  SER n 
1 54  LEU n 
1 55  ILE n 
1 56  ALA n 
1 57  TYR n 
1 58  PRO n 
1 59  LEU n 
1 60  PRO n 
1 61  TYR n 
1 62  ALA n 
1 63  ILE n 
1 64  SER n 
1 65  ILE n 
1 66  GLU n 
1 67  TYR n 
1 68  ASN n 
1 69  ASN n 
1 70  ASP n 
1 71  GLN n 
1 72  GLU n 
1 73  ALA n 
1 74  LEU n 
1 75  GLY n 
1 76  THR n 
1 77  PRO n 
1 78  THR n 
1 79  LEU n 
1 80  SER n 
1 81  ILE n 
1 82  PRO n 
1 83  HIS n 
1 84  LYS n 
1 85  GLY n 
1 86  LEU n 
1 87  VAL n 
1 88  PRO n 
1 89  GLN n 
1 90  GLU n 
1 91  ILE n 
1 92  GLU n 
1 93  SER n 
1 94  PHE n 
1 95  LEU n 
1 96  VAL n 
1 97  TYR n 
1 98  LEU n 
1 99  PRO n 
1 100 CYS n 
1 101 THR n 
1 102 GLY n 
1 103 ASN n 
1 104 ALA n 
1 105 SER n 
1 106 LEU n 
1 107 GLN n 
1 108 MET n 
1 109 PRO n 
1 110 VAL n 
1 111 ASN n 
1 112 VAL n 
1 113 ASN n 
1 114 MET n 
1 115 VAL n 
1 116 VAL n 
1 117 ARG n 
1 118 ALA n 
1 119 PRO n 
1 120 PRO n 
1 121 ARG n 
1 122 PHE n 
1 123 ASN n 
1 124 ASP n 
1 125 THR n 
1 126 ARG n 
1 127 LEU n 
1 128 HIS n 
1 129 PHE n 
1 130 LYS n 
1 131 ARG n 
1 132 ASN n 
1 133 LYS n 
1 134 ILE n 
1 135 CYS n 
1 136 ALA n 
1 137 LYS n 
1 138 GLY n 
1 139 ILE n 
1 140 SER n 
1 141 PRO n 
1 142 GLU n 
1 143 PRO n 
1 144 ASN n 
1 145 GLN n 
1 146 SER n 
1 147 PRO n 
1 148 ALA n 
1 149 PRO n 
1 150 ALA n 
1 151 HIS n 
1 152 ALA n 
1 153 PRO n 
1 154 SER n 
1 155 GLN n 
1 156 GLY n 
1 157 PRO n 
1 158 ALA n 
1 159 ILE n 
1 160 GLU n 
1 161 GLY n 
1 162 ARG n 
# 
_entity_src_gen.entity_id                          1 
_entity_src_gen.pdbx_src_id                        1 
_entity_src_gen.pdbx_alt_source_flag               sample 
_entity_src_gen.pdbx_seq_type                      'Biological sequence' 
_entity_src_gen.pdbx_beg_seq_num                   1 
_entity_src_gen.pdbx_end_seq_num                   162 
_entity_src_gen.gene_src_common_name               'Fruit fly' 
_entity_src_gen.gene_src_genus                     ? 
_entity_src_gen.pdbx_gene_src_gene                 
'Drl-2, CG12463, Dmel\CG3915, dnl, DNT-like, DRL-2, drl-2, drl2, CG3915, Dmel_CG3915' 
_entity_src_gen.gene_src_species                   ? 
_entity_src_gen.gene_src_strain                    ? 
_entity_src_gen.gene_src_tissue                    ? 
_entity_src_gen.gene_src_tissue_fraction           ? 
_entity_src_gen.gene_src_details                   ? 
_entity_src_gen.pdbx_gene_src_fragment             ? 
_entity_src_gen.pdbx_gene_src_scientific_name      'Drosophila melanogaster' 
_entity_src_gen.pdbx_gene_src_ncbi_taxonomy_id     7227 
_entity_src_gen.pdbx_gene_src_variant              ? 
_entity_src_gen.pdbx_gene_src_cell_line            ? 
_entity_src_gen.pdbx_gene_src_atcc                 ? 
_entity_src_gen.pdbx_gene_src_organ                ? 
_entity_src_gen.pdbx_gene_src_organelle            ? 
_entity_src_gen.pdbx_gene_src_cell                 ? 
_entity_src_gen.pdbx_gene_src_cellular_location    ? 
_entity_src_gen.host_org_common_name               ? 
_entity_src_gen.pdbx_host_org_scientific_name      'Spodoptera frugiperda' 
_entity_src_gen.pdbx_host_org_ncbi_taxonomy_id     7108 
_entity_src_gen.host_org_genus                     ? 
_entity_src_gen.pdbx_host_org_gene                 ? 
_entity_src_gen.pdbx_host_org_organ                ? 
_entity_src_gen.host_org_species                   ? 
_entity_src_gen.pdbx_host_org_tissue               ? 
_entity_src_gen.pdbx_host_org_tissue_fraction      ? 
_entity_src_gen.pdbx_host_org_strain               ? 
_entity_src_gen.pdbx_host_org_variant              ? 
_entity_src_gen.pdbx_host_org_cell_line            ? 
_entity_src_gen.pdbx_host_org_atcc                 ? 
_entity_src_gen.pdbx_host_org_culture_collection   ? 
_entity_src_gen.pdbx_host_org_cell                 ? 
_entity_src_gen.pdbx_host_org_organelle            ? 
_entity_src_gen.pdbx_host_org_cellular_location    ? 
_entity_src_gen.pdbx_host_org_vector_type          ? 
_entity_src_gen.pdbx_host_org_vector               ? 
_entity_src_gen.host_org_details                   ? 
_entity_src_gen.expression_system_id               ? 
_entity_src_gen.plasmid_name                       ? 
_entity_src_gen.plasmid_details                    ? 
_entity_src_gen.pdbx_description                   ? 
# 
loop_
_chem_comp.id 
_chem_comp.type 
_chem_comp.mon_nstd_flag 
_chem_comp.name 
_chem_comp.pdbx_synonyms 
_chem_comp.formula 
_chem_comp.formula_weight 
ALA 'L-peptide linking'          y ALANINE                                  ? 'C3 H7 N O2'     89.093  
ARG 'L-peptide linking'          y ARGININE                                 ? 'C6 H15 N4 O2 1' 175.209 
ASN 'L-peptide linking'          y ASPARAGINE                               ? 'C4 H8 N2 O3'    132.118 
ASP 'L-peptide linking'          y 'ASPARTIC ACID'                          ? 'C4 H7 N O4'     133.103 
CYS 'L-peptide linking'          y CYSTEINE                                 ? 'C3 H7 N O2 S'   121.158 
GLN 'L-peptide linking'          y GLUTAMINE                                ? 'C5 H10 N2 O3'   146.144 
GLU 'L-peptide linking'          y 'GLUTAMIC ACID'                          ? 'C5 H9 N O4'     147.129 
GLY 'peptide linking'            y GLYCINE                                  ? 'C2 H5 N O2'     75.067  
HIS 'L-peptide linking'          y HISTIDINE                                ? 'C6 H10 N3 O2 1' 156.162 
HOH non-polymer                  . WATER                                    ? 'H2 O'           18.015  
ILE 'L-peptide linking'          y ISOLEUCINE                               ? 'C6 H13 N O2'    131.173 
LEU 'L-peptide linking'          y LEUCINE                                  ? 'C6 H13 N O2'    131.173 
LYS 'L-peptide linking'          y LYSINE                                   ? 'C6 H15 N2 O2 1' 147.195 
MET 'L-peptide linking'          y METHIONINE                               ? 'C5 H11 N O2 S'  149.211 
NAG 'D-saccharide, beta linking' . 2-acetamido-2-deoxy-beta-D-glucopyranose 
;N-acetyl-beta-D-glucosamine; 2-acetamido-2-deoxy-beta-D-glucose; 2-acetamido-2-deoxy-D-glucose; 2-acetamido-2-deoxy-glucose; N-ACETYL-D-GLUCOSAMINE
;
'C8 H15 N O6'    221.208 
PHE 'L-peptide linking'          y PHENYLALANINE                            ? 'C9 H11 N O2'    165.189 
PRO 'L-peptide linking'          y PROLINE                                  ? 'C5 H9 N O2'     115.130 
SER 'L-peptide linking'          y SERINE                                   ? 'C3 H7 N O3'     105.093 
THR 'L-peptide linking'          y THREONINE                                ? 'C4 H9 N O3'     119.119 
TRP 'L-peptide linking'          y TRYPTOPHAN                               ? 'C11 H12 N2 O2'  204.225 
TYR 'L-peptide linking'          y TYROSINE                                 ? 'C9 H11 N O3'    181.189 
VAL 'L-peptide linking'          y VALINE                                   ? 'C5 H11 N O2'    117.146 
# 
loop_
_pdbx_chem_comp_identifier.comp_id 
_pdbx_chem_comp_identifier.type 
_pdbx_chem_comp_identifier.program 
_pdbx_chem_comp_identifier.program_version 
_pdbx_chem_comp_identifier.identifier 
NAG 'CONDENSED IUPAC CARBOHYDRATE SYMBOL' GMML     1.0 DGlcpNAcb                      
NAG 'COMMON NAME'                         GMML     1.0 N-acetyl-b-D-glucopyranosamine 
NAG 'IUPAC CARBOHYDRATE SYMBOL'           PDB-CARE 1.0 b-D-GlcpNAc                    
NAG 'SNFG CARBOHYDRATE SYMBOL'            GMML     1.0 GlcNAc                         
# 
loop_
_pdbx_poly_seq_scheme.asym_id 
_pdbx_poly_seq_scheme.entity_id 
_pdbx_poly_seq_scheme.seq_id 
_pdbx_poly_seq_scheme.mon_id 
_pdbx_poly_seq_scheme.ndb_seq_num 
_pdbx_poly_seq_scheme.pdb_seq_num 
_pdbx_poly_seq_scheme.auth_seq_num 
_pdbx_poly_seq_scheme.pdb_mon_id 
_pdbx_poly_seq_scheme.auth_mon_id 
_pdbx_poly_seq_scheme.pdb_strand_id 
_pdbx_poly_seq_scheme.pdb_ins_code 
_pdbx_poly_seq_scheme.hetero 
A 1 1   TYR 1   26  26  TYR TYR A . n 
A 1 2   LEU 2   27  27  LEU LEU A . n 
A 1 3   ASN 3   28  28  ASN ASN A . n 
A 1 4   ILE 4   29  29  ILE ILE A . n 
A 1 5   PHE 5   30  30  PHE PHE A . n 
A 1 6   ILE 6   31  31  ILE ILE A . n 
A 1 7   SER 7   32  32  SER SER A . n 
A 1 8   HIS 8   33  33  HIS HIS A . n 
A 1 9   HIS 9   34  34  HIS HIS A . n 
A 1 10  GLU 10  35  35  GLU GLU A . n 
A 1 11  VAL 11  36  36  VAL VAL A . n 
A 1 12  MET 12  37  37  MET MET A . n 
A 1 13  LYS 13  38  38  LYS LYS A . n 
A 1 14  LEU 14  39  39  LEU LEU A . n 
A 1 15  MET 15  40  40  MET MET A . n 
A 1 16  GLY 16  41  41  GLY GLY A . n 
A 1 17  LEU 17  42  42  LEU LEU A . n 
A 1 18  GLU 18  43  43  GLU GLU A . n 
A 1 19  ALA 19  44  44  ALA ALA A . n 
A 1 20  ASP 20  45  45  ASP ASP A . n 
A 1 21  LEU 21  46  46  LEU LEU A . n 
A 1 22  PHE 22  47  47  PHE PHE A . n 
A 1 23  TYR 23  48  48  TYR TYR A . n 
A 1 24  VAL 24  49  49  VAL VAL A . n 
A 1 25  HIS 25  50  50  HIS HIS A . n 
A 1 26  GLU 26  51  51  GLU GLU A . n 
A 1 27  GLY 27  52  52  GLY GLY A . n 
A 1 28  ALA 28  53  53  ALA ALA A . n 
A 1 29  ILE 29  54  54  ILE ILE A . n 
A 1 30  ASN 30  55  55  ASN ASN A . n 
A 1 31  THR 31  56  56  THR THR A . n 
A 1 32  TYR 32  57  57  TYR TYR A . n 
A 1 33  ALA 33  58  58  ALA ALA A . n 
A 1 34  MET 34  59  59  MET MET A . n 
A 1 35  HIS 35  60  60  HIS HIS A . n 
A 1 36  PHE 36  61  61  PHE PHE A . n 
A 1 37  THR 37  62  62  THR THR A . n 
A 1 38  VAL 38  63  63  VAL VAL A . n 
A 1 39  PRO 39  64  64  PRO PRO A . n 
A 1 40  VAL 40  65  65  VAL VAL A . n 
A 1 41  PRO 41  66  66  PRO PRO A . n 
A 1 42  ALA 42  67  67  ALA ALA A . n 
A 1 43  ASP 43  68  68  ASP ASP A . n 
A 1 44  VAL 44  69  69  VAL VAL A . n 
A 1 45  HIS 45  70  70  HIS HIS A . n 
A 1 46  GLU 46  71  71  GLU GLU A . n 
A 1 47  LEU 47  72  72  LEU LEU A . n 
A 1 48  GLU 48  73  73  GLU GLU A . n 
A 1 49  PHE 49  74  74  PHE PHE A . n 
A 1 50  SER 50  75  75  SER SER A . n 
A 1 51  TRP 51  76  76  TRP TRP A . n 
A 1 52  GLN 52  77  77  GLN GLN A . n 
A 1 53  SER 53  78  78  SER SER A . n 
A 1 54  LEU 54  79  79  LEU LEU A . n 
A 1 55  ILE 55  80  80  ILE ILE A . n 
A 1 56  ALA 56  81  81  ALA ALA A . n 
A 1 57  TYR 57  82  82  TYR TYR A . n 
A 1 58  PRO 58  83  83  PRO PRO A . n 
A 1 59  LEU 59  84  84  LEU LEU A . n 
A 1 60  PRO 60  85  85  PRO PRO A . n 
A 1 61  TYR 61  86  86  TYR TYR A . n 
A 1 62  ALA 62  87  87  ALA ALA A . n 
A 1 63  ILE 63  88  88  ILE ILE A . n 
A 1 64  SER 64  89  89  SER SER A . n 
A 1 65  ILE 65  90  90  ILE ILE A . n 
A 1 66  GLU 66  91  91  GLU GLU A . n 
A 1 67  TYR 67  92  92  TYR TYR A . n 
A 1 68  ASN 68  93  93  ASN ASN A . n 
A 1 69  ASN 69  94  94  ASN ASN A . n 
A 1 70  ASP 70  95  95  ASP ASP A . n 
A 1 71  GLN 71  96  96  GLN GLN A . n 
A 1 72  GLU 72  97  97  GLU GLU A . n 
A 1 73  ALA 73  98  98  ALA ALA A . n 
A 1 74  LEU 74  99  99  LEU LEU A . n 
A 1 75  GLY 75  100 100 GLY GLY A . n 
A 1 76  THR 76  101 101 THR THR A . n 
A 1 77  PRO 77  102 102 PRO PRO A . n 
A 1 78  THR 78  103 103 THR THR A . n 
A 1 79  LEU 79  104 104 LEU LEU A . n 
A 1 80  SER 80  105 105 SER SER A . n 
A 1 81  ILE 81  106 106 ILE ILE A . n 
A 1 82  PRO 82  107 107 PRO PRO A . n 
A 1 83  HIS 83  108 108 HIS HIS A . n 
A 1 84  LYS 84  109 109 LYS LYS A . n 
A 1 85  GLY 85  110 110 GLY GLY A . n 
A 1 86  LEU 86  111 111 LEU LEU A . n 
A 1 87  VAL 87  112 112 VAL VAL A . n 
A 1 88  PRO 88  113 113 PRO PRO A . n 
A 1 89  GLN 89  114 114 GLN GLN A . n 
A 1 90  GLU 90  115 115 GLU GLU A . n 
A 1 91  ILE 91  116 116 ILE ILE A . n 
A 1 92  GLU 92  117 117 GLU GLU A . n 
A 1 93  SER 93  118 118 SER SER A . n 
A 1 94  PHE 94  119 119 PHE PHE A . n 
A 1 95  LEU 95  120 120 LEU LEU A . n 
A 1 96  VAL 96  121 121 VAL VAL A . n 
A 1 97  TYR 97  122 122 TYR TYR A . n 
A 1 98  LEU 98  123 123 LEU LEU A . n 
A 1 99  PRO 99  124 124 PRO PRO A . n 
A 1 100 CYS 100 125 125 CYS CYS A . n 
A 1 101 THR 101 126 126 THR THR A . n 
A 1 102 GLY 102 127 127 GLY GLY A . n 
A 1 103 ASN 103 128 128 ASN ASN A . n 
A 1 104 ALA 104 129 129 ALA ALA A . n 
A 1 105 SER 105 130 130 SER SER A . n 
A 1 106 LEU 106 131 131 LEU LEU A . n 
A 1 107 GLN 107 132 132 GLN GLN A . n 
A 1 108 MET 108 133 133 MET MET A . n 
A 1 109 PRO 109 134 134 PRO PRO A . n 
A 1 110 VAL 110 135 135 VAL VAL A . n 
A 1 111 ASN 111 136 136 ASN ASN A . n 
A 1 112 VAL 112 137 137 VAL VAL A . n 
A 1 113 ASN 113 138 138 ASN ASN A . n 
A 1 114 MET 114 139 139 MET MET A . n 
A 1 115 VAL 115 140 140 VAL VAL A . n 
A 1 116 VAL 116 141 141 VAL VAL A . n 
A 1 117 ARG 117 142 142 ARG ARG A . n 
A 1 118 ALA 118 143 143 ALA ALA A . n 
A 1 119 PRO 119 144 144 PRO PRO A . n 
A 1 120 PRO 120 145 145 PRO PRO A . n 
A 1 121 ARG 121 146 146 ARG ARG A . n 
A 1 122 PHE 122 147 147 PHE PHE A . n 
A 1 123 ASN 123 148 148 ASN ASN A . n 
A 1 124 ASP 124 149 149 ASP ASP A . n 
A 1 125 THR 125 150 150 THR THR A . n 
A 1 126 ARG 126 151 151 ARG ARG A . n 
A 1 127 LEU 127 152 152 LEU LEU A . n 
A 1 128 HIS 128 153 153 HIS HIS A . n 
A 1 129 PHE 129 154 154 PHE PHE A . n 
A 1 130 LYS 130 155 155 LYS LYS A . n 
A 1 131 ARG 131 156 156 ARG ARG A . n 
A 1 132 ASN 132 157 157 ASN ASN A . n 
A 1 133 LYS 133 158 158 LYS LYS A . n 
A 1 134 ILE 134 159 159 ILE ILE A . n 
A 1 135 CYS 135 160 160 CYS CYS A . n 
A 1 136 ALA 136 161 161 ALA ALA A . n 
A 1 137 LYS 137 162 162 LYS LYS A . n 
A 1 138 GLY 138 163 163 GLY GLY A . n 
A 1 139 ILE 139 164 164 ILE ILE A . n 
A 1 140 SER 140 165 165 SER SER A . n 
A 1 141 PRO 141 166 166 PRO PRO A . n 
A 1 142 GLU 142 167 167 GLU GLU A . n 
A 1 143 PRO 143 168 168 PRO PRO A . n 
A 1 144 ASN 144 169 169 ASN ASN A . n 
A 1 145 GLN 145 170 170 GLN GLN A . n 
A 1 146 SER 146 171 171 SER SER A . n 
A 1 147 PRO 147 172 172 PRO PRO A . n 
A 1 148 ALA 148 173 173 ALA ALA A . n 
A 1 149 PRO 149 174 174 PRO PRO A . n 
A 1 150 ALA 150 175 175 ALA ALA A . n 
A 1 151 HIS 151 176 176 HIS HIS A . n 
A 1 152 ALA 152 177 177 ALA ALA A . n 
A 1 153 PRO 153 178 178 PRO PRO A . n 
A 1 154 SER 154 179 ?   ?   ?   A . n 
A 1 155 GLN 155 180 ?   ?   ?   A . n 
A 1 156 GLY 156 181 ?   ?   ?   A . n 
A 1 157 PRO 157 182 ?   ?   ?   A . n 
A 1 158 ALA 158 183 ?   ?   ?   A . n 
A 1 159 ILE 159 184 ?   ?   ?   A . n 
A 1 160 GLU 160 185 ?   ?   ?   A . n 
A 1 161 GLY 161 186 ?   ?   ?   A . n 
A 1 162 ARG 162 187 ?   ?   ?   A . n 
# 
loop_
_pdbx_nonpoly_scheme.asym_id 
_pdbx_nonpoly_scheme.entity_id 
_pdbx_nonpoly_scheme.mon_id 
_pdbx_nonpoly_scheme.ndb_seq_num 
_pdbx_nonpoly_scheme.pdb_seq_num 
_pdbx_nonpoly_scheme.auth_seq_num 
_pdbx_nonpoly_scheme.pdb_mon_id 
_pdbx_nonpoly_scheme.auth_mon_id 
_pdbx_nonpoly_scheme.pdb_strand_id 
_pdbx_nonpoly_scheme.pdb_ins_code 
B 2 NAG 1  201 1   NAG NAG A . 
C 3 HOH 1  301 60  HOH HOH A . 
C 3 HOH 2  302 103 HOH HOH A . 
C 3 HOH 3  303 61  HOH HOH A . 
C 3 HOH 4  304 91  HOH HOH A . 
C 3 HOH 5  305 98  HOH HOH A . 
C 3 HOH 6  306 58  HOH HOH A . 
C 3 HOH 7  307 113 HOH HOH A . 
C 3 HOH 8  308 36  HOH HOH A . 
C 3 HOH 9  309 7   HOH HOH A . 
C 3 HOH 10 310 101 HOH HOH A . 
C 3 HOH 11 311 32  HOH HOH A . 
C 3 HOH 12 312 97  HOH HOH A . 
C 3 HOH 13 313 13  HOH HOH A . 
C 3 HOH 14 314 102 HOH HOH A . 
C 3 HOH 15 315 55  HOH HOH A . 
C 3 HOH 16 316 4   HOH HOH A . 
C 3 HOH 17 317 84  HOH HOH A . 
C 3 HOH 18 318 3   HOH HOH A . 
C 3 HOH 19 319 94  HOH HOH A . 
C 3 HOH 20 320 11  HOH HOH A . 
C 3 HOH 21 321 63  HOH HOH A . 
C 3 HOH 22 322 87  HOH HOH A . 
C 3 HOH 23 323 21  HOH HOH A . 
C 3 HOH 24 324 15  HOH HOH A . 
C 3 HOH 25 325 78  HOH HOH A . 
C 3 HOH 26 326 5   HOH HOH A . 
C 3 HOH 27 327 88  HOH HOH A . 
C 3 HOH 28 328 54  HOH HOH A . 
C 3 HOH 29 329 69  HOH HOH A . 
C 3 HOH 30 330 107 HOH HOH A . 
C 3 HOH 31 331 1   HOH HOH A . 
C 3 HOH 32 332 80  HOH HOH A . 
C 3 HOH 33 333 79  HOH HOH A . 
C 3 HOH 34 334 10  HOH HOH A . 
C 3 HOH 35 335 100 HOH HOH A . 
C 3 HOH 36 336 67  HOH HOH A . 
C 3 HOH 37 337 112 HOH HOH A . 
C 3 HOH 38 338 34  HOH HOH A . 
C 3 HOH 39 339 24  HOH HOH A . 
C 3 HOH 40 340 83  HOH HOH A . 
C 3 HOH 41 341 12  HOH HOH A . 
C 3 HOH 42 342 92  HOH HOH A . 
C 3 HOH 43 343 8   HOH HOH A . 
C 3 HOH 44 344 18  HOH HOH A . 
C 3 HOH 45 345 14  HOH HOH A . 
C 3 HOH 46 346 89  HOH HOH A . 
C 3 HOH 47 347 85  HOH HOH A . 
C 3 HOH 48 348 2   HOH HOH A . 
C 3 HOH 49 349 6   HOH HOH A . 
C 3 HOH 50 350 82  HOH HOH A . 
C 3 HOH 51 351 99  HOH HOH A . 
C 3 HOH 52 352 49  HOH HOH A . 
C 3 HOH 53 353 81  HOH HOH A . 
C 3 HOH 54 354 30  HOH HOH A . 
C 3 HOH 55 355 40  HOH HOH A . 
C 3 HOH 56 356 109 HOH HOH A . 
C 3 HOH 57 357 95  HOH HOH A . 
C 3 HOH 58 358 20  HOH HOH A . 
C 3 HOH 59 359 33  HOH HOH A . 
C 3 HOH 60 360 90  HOH HOH A . 
C 3 HOH 61 361 51  HOH HOH A . 
C 3 HOH 62 362 26  HOH HOH A . 
C 3 HOH 63 363 29  HOH HOH A . 
C 3 HOH 64 364 42  HOH HOH A . 
C 3 HOH 65 365 86  HOH HOH A . 
C 3 HOH 66 366 39  HOH HOH A . 
C 3 HOH 67 367 37  HOH HOH A . 
C 3 HOH 68 368 93  HOH HOH A . 
C 3 HOH 69 369 46  HOH HOH A . 
C 3 HOH 70 370 76  HOH HOH A . 
C 3 HOH 71 371 23  HOH HOH A . 
C 3 HOH 72 372 57  HOH HOH A . 
C 3 HOH 73 373 110 HOH HOH A . 
C 3 HOH 74 374 9   HOH HOH A . 
C 3 HOH 75 375 31  HOH HOH A . 
C 3 HOH 76 376 53  HOH HOH A . 
C 3 HOH 77 377 19  HOH HOH A . 
C 3 HOH 78 378 38  HOH HOH A . 
C 3 HOH 79 379 27  HOH HOH A . 
C 3 HOH 80 380 52  HOH HOH A . 
C 3 HOH 81 381 104 HOH HOH A . 
C 3 HOH 82 382 64  HOH HOH A . 
C 3 HOH 83 383 48  HOH HOH A . 
C 3 HOH 84 384 66  HOH HOH A . 
# 
loop_
_software.citation_id 
_software.classification 
_software.compiler_name 
_software.compiler_version 
_software.contact_author 
_software.contact_author_email 
_software.date 
_software.description 
_software.dependencies 
_software.hardware 
_software.language 
_software.location 
_software.mods 
_software.name 
_software.os 
_software.os_version 
_software.type 
_software.version 
_software.pdbx_ordinal 
? refinement       ? ? ? ? ? ? ? ? ? ? ? PHENIX ? ? ? dev_3915 1 
? 'data reduction' ? ? ? ? ? ? ? ? ? ? ? XDS    ? ? ? .        2 
? 'data scaling'   ? ? ? ? ? ? ? ? ? ? ? SCALA  ? ? ? .        3 
? phasing          ? ? ? ? ? ? ? ? ? ? ? PHASER ? ? ? .        4 
# 
_cell.angle_alpha                  90.000 
_cell.angle_alpha_esd              ? 
_cell.angle_beta                   90.000 
_cell.angle_beta_esd               ? 
_cell.angle_gamma                  90.000 
_cell.angle_gamma_esd              ? 
_cell.entry_id                     7ME5 
_cell.details                      ? 
_cell.formula_units_Z              ? 
_cell.length_a                     56.978 
_cell.length_a_esd                 ? 
_cell.length_b                     91.583 
_cell.length_b_esd                 ? 
_cell.length_c                     76.362 
_cell.length_c_esd                 ? 
_cell.volume                       ? 
_cell.volume_esd                   ? 
_cell.Z_PDB                        8 
_cell.reciprocal_angle_alpha       ? 
_cell.reciprocal_angle_beta        ? 
_cell.reciprocal_angle_gamma       ? 
_cell.reciprocal_angle_alpha_esd   ? 
_cell.reciprocal_angle_beta_esd    ? 
_cell.reciprocal_angle_gamma_esd   ? 
_cell.reciprocal_length_a          ? 
_cell.reciprocal_length_b          ? 
_cell.reciprocal_length_c          ? 
_cell.reciprocal_length_a_esd      ? 
_cell.reciprocal_length_b_esd      ? 
_cell.reciprocal_length_c_esd      ? 
_cell.pdbx_unique_axis             ? 
# 
_symmetry.entry_id                         7ME5 
_symmetry.cell_setting                     ? 
_symmetry.Int_Tables_number                20 
_symmetry.space_group_name_Hall            ? 
_symmetry.space_group_name_H-M             'C 2 2 21' 
_symmetry.pdbx_full_space_group_name_H-M   ? 
# 
_exptl.absorpt_coefficient_mu     ? 
_exptl.absorpt_correction_T_max   ? 
_exptl.absorpt_correction_T_min   ? 
_exptl.absorpt_correction_type    ? 
_exptl.absorpt_process_details    ? 
_exptl.entry_id                   7ME5 
_exptl.crystals_number            1 
_exptl.details                    ? 
_exptl.method                     'X-RAY DIFFRACTION' 
_exptl.method_details             ? 
# 
_exptl_crystal.colour                      ? 
_exptl_crystal.density_diffrn              ? 
_exptl_crystal.density_Matthews            2.93 
_exptl_crystal.density_method              ? 
_exptl_crystal.density_percent_sol         58 
_exptl_crystal.description                 bar 
_exptl_crystal.F_000                       ? 
_exptl_crystal.id                          1 
_exptl_crystal.preparation                 ? 
_exptl_crystal.size_max                    ? 
_exptl_crystal.size_mid                    ? 
_exptl_crystal.size_min                    ? 
_exptl_crystal.size_rad                    ? 
_exptl_crystal.colour_lustre               ? 
_exptl_crystal.colour_modifier             ? 
_exptl_crystal.colour_primary              ? 
_exptl_crystal.density_meas                ? 
_exptl_crystal.density_meas_esd            ? 
_exptl_crystal.density_meas_gt             ? 
_exptl_crystal.density_meas_lt             ? 
_exptl_crystal.density_meas_temp           ? 
_exptl_crystal.density_meas_temp_esd       ? 
_exptl_crystal.density_meas_temp_gt        ? 
_exptl_crystal.density_meas_temp_lt        ? 
_exptl_crystal.pdbx_crystal_image_url      ? 
_exptl_crystal.pdbx_crystal_image_format   ? 
_exptl_crystal.pdbx_mosaicity              ? 
_exptl_crystal.pdbx_mosaicity_esd          ? 
# 
_exptl_crystal_grow.apparatus       ? 
_exptl_crystal_grow.atmosphere      ? 
_exptl_crystal_grow.crystal_id      1 
_exptl_crystal_grow.details         ? 
_exptl_crystal_grow.method          'VAPOR DIFFUSION, HANGING DROP' 
_exptl_crystal_grow.method_ref      ? 
_exptl_crystal_grow.pH              8.5 
_exptl_crystal_grow.pressure        ? 
_exptl_crystal_grow.pressure_esd    ? 
_exptl_crystal_grow.seeding         ? 
_exptl_crystal_grow.seeding_ref     ? 
_exptl_crystal_grow.temp            294.15 
_exptl_crystal_grow.temp_details    ? 
_exptl_crystal_grow.temp_esd        ? 
_exptl_crystal_grow.time            ? 
_exptl_crystal_grow.pdbx_details    '12 mg/ml protein, 100mM Tris (ph 8.5), 100 mM sodium acetate, 25% PEG 6000, 15% glycerol' 
_exptl_crystal_grow.pdbx_pH_range   ? 
# 
_diffrn.ambient_environment              ? 
_diffrn.ambient_temp                     100 
_diffrn.ambient_temp_details             ? 
_diffrn.ambient_temp_esd                 ? 
_diffrn.crystal_id                       1 
_diffrn.crystal_support                  ? 
_diffrn.crystal_treatment                ? 
_diffrn.details                          ? 
_diffrn.id                               1 
_diffrn.ambient_pressure                 ? 
_diffrn.ambient_pressure_esd             ? 
_diffrn.ambient_pressure_gt              ? 
_diffrn.ambient_pressure_lt              ? 
_diffrn.ambient_temp_gt                  ? 
_diffrn.ambient_temp_lt                  ? 
_diffrn.pdbx_serial_crystal_experiment   N 
# 
_diffrn_detector.details                      'Osmic mirrors' 
_diffrn_detector.detector                     CCD 
_diffrn_detector.diffrn_id                    1 
_diffrn_detector.type                         'RIGAKU SATURN 944+' 
_diffrn_detector.area_resol_mean              ? 
_diffrn_detector.dtime                        ? 
_diffrn_detector.pdbx_frames_total            ? 
_diffrn_detector.pdbx_collection_time_total   ? 
_diffrn_detector.pdbx_collection_date         2012-01-24 
_diffrn_detector.pdbx_frequency               ? 
# 
_diffrn_radiation.collimation                      ? 
_diffrn_radiation.diffrn_id                        1 
_diffrn_radiation.filter_edge                      ? 
_diffrn_radiation.inhomogeneity                    ? 
_diffrn_radiation.monochromator                    'osmic mirrors' 
_diffrn_radiation.polarisn_norm                    ? 
_diffrn_radiation.polarisn_ratio                   ? 
_diffrn_radiation.probe                            ? 
_diffrn_radiation.type                             ? 
_diffrn_radiation.xray_symbol                      ? 
_diffrn_radiation.wavelength_id                    1 
_diffrn_radiation.pdbx_monochromatic_or_laue_m_l   M 
_diffrn_radiation.pdbx_wavelength_list             ? 
_diffrn_radiation.pdbx_wavelength                  ? 
_diffrn_radiation.pdbx_diffrn_protocol             'SINGLE WAVELENGTH' 
_diffrn_radiation.pdbx_analyzer                    ? 
_diffrn_radiation.pdbx_scattering_type             x-ray 
# 
_diffrn_radiation_wavelength.id           1 
_diffrn_radiation_wavelength.wavelength   1.5418 
_diffrn_radiation_wavelength.wt           1.0 
# 
_diffrn_source.current                     ? 
_diffrn_source.details                     ? 
_diffrn_source.diffrn_id                   1 
_diffrn_source.power                       ? 
_diffrn_source.size                        ? 
_diffrn_source.source                      'ROTATING ANODE' 
_diffrn_source.target                      ? 
_diffrn_source.type                        'RIGAKU MICROMAX-007 HF' 
_diffrn_source.voltage                     ? 
_diffrn_source.take-off_angle              ? 
_diffrn_source.pdbx_wavelength_list        1.5418 
_diffrn_source.pdbx_wavelength             ? 
_diffrn_source.pdbx_synchrotron_beamline   ? 
_diffrn_source.pdbx_synchrotron_site       ? 
# 
_reflns.B_iso_Wilson_estimate                          ? 
_reflns.entry_id                                       7ME5 
_reflns.data_reduction_details                         ? 
_reflns.data_reduction_method                          ? 
_reflns.d_resolution_high                              2.000 
_reflns.d_resolution_low                               45.790 
_reflns.details                                        ? 
_reflns.limit_h_max                                    ? 
_reflns.limit_h_min                                    ? 
_reflns.limit_k_max                                    ? 
_reflns.limit_k_min                                    ? 
_reflns.limit_l_max                                    ? 
_reflns.limit_l_min                                    ? 
_reflns.number_all                                     ? 
_reflns.number_obs                                     13786 
_reflns.observed_criterion                             ? 
_reflns.observed_criterion_F_max                       ? 
_reflns.observed_criterion_F_min                       ? 
_reflns.observed_criterion_I_max                       ? 
_reflns.observed_criterion_I_min                       ? 
_reflns.observed_criterion_sigma_F                     ? 
_reflns.observed_criterion_sigma_I                     ? 
_reflns.percent_possible_obs                           99.500 
_reflns.R_free_details                                 ? 
_reflns.Rmerge_F_all                                   ? 
_reflns.Rmerge_F_obs                                   ? 
_reflns.Friedel_coverage                               ? 
_reflns.number_gt                                      ? 
_reflns.threshold_expression                           ? 
_reflns.pdbx_redundancy                                6.600 
_reflns.pdbx_Rmerge_I_obs                              0.067 
_reflns.pdbx_Rmerge_I_all                              ? 
_reflns.pdbx_Rsym_value                                ? 
_reflns.pdbx_netI_over_av_sigmaI                       ? 
_reflns.pdbx_netI_over_sigmaI                          19.100 
_reflns.pdbx_res_netI_over_av_sigmaI_2                 ? 
_reflns.pdbx_res_netI_over_sigmaI_2                    ? 
_reflns.pdbx_chi_squared                               ? 
_reflns.pdbx_scaling_rejects                           6 
_reflns.pdbx_d_res_high_opt                            ? 
_reflns.pdbx_d_res_low_opt                             ? 
_reflns.pdbx_d_res_opt_method                          ? 
_reflns.phase_calculation_details                      ? 
_reflns.pdbx_Rrim_I_all                                0.073 
_reflns.pdbx_Rpim_I_all                                0.028 
_reflns.pdbx_d_opt                                     ? 
_reflns.pdbx_number_measured_all                       90856 
_reflns.pdbx_diffrn_id                                 1 
_reflns.pdbx_ordinal                                   1 
_reflns.pdbx_CC_half                                   0.999 
_reflns.pdbx_CC_star                                   ? 
_reflns.pdbx_R_split                                   ? 
_reflns.pdbx_aniso_diffraction_limit_axis_1_ortho[1]   ? 
_reflns.pdbx_aniso_diffraction_limit_axis_1_ortho[2]   ? 
_reflns.pdbx_aniso_diffraction_limit_axis_1_ortho[3]   ? 
_reflns.pdbx_aniso_diffraction_limit_axis_2_ortho[1]   ? 
_reflns.pdbx_aniso_diffraction_limit_axis_2_ortho[2]   ? 
_reflns.pdbx_aniso_diffraction_limit_axis_2_ortho[3]   ? 
_reflns.pdbx_aniso_diffraction_limit_axis_3_ortho[1]   ? 
_reflns.pdbx_aniso_diffraction_limit_axis_3_ortho[2]   ? 
_reflns.pdbx_aniso_diffraction_limit_axis_3_ortho[3]   ? 
_reflns.pdbx_aniso_diffraction_limit_1                 ? 
_reflns.pdbx_aniso_diffraction_limit_2                 ? 
_reflns.pdbx_aniso_diffraction_limit_3                 ? 
_reflns.pdbx_aniso_B_tensor_eigenvector_1_ortho[1]     ? 
_reflns.pdbx_aniso_B_tensor_eigenvector_1_ortho[2]     ? 
_reflns.pdbx_aniso_B_tensor_eigenvector_1_ortho[3]     ? 
_reflns.pdbx_aniso_B_tensor_eigenvector_2_ortho[1]     ? 
_reflns.pdbx_aniso_B_tensor_eigenvector_2_ortho[2]     ? 
_reflns.pdbx_aniso_B_tensor_eigenvector_2_ortho[3]     ? 
_reflns.pdbx_aniso_B_tensor_eigenvector_3_ortho[1]     ? 
_reflns.pdbx_aniso_B_tensor_eigenvector_3_ortho[2]     ? 
_reflns.pdbx_aniso_B_tensor_eigenvector_3_ortho[3]     ? 
_reflns.pdbx_aniso_B_tensor_eigenvalue_1               ? 
_reflns.pdbx_aniso_B_tensor_eigenvalue_2               ? 
_reflns.pdbx_aniso_B_tensor_eigenvalue_3               ? 
_reflns.pdbx_orthogonalization_convention              ? 
_reflns.pdbx_percent_possible_ellipsoidal              ? 
_reflns.pdbx_percent_possible_spherical                ? 
_reflns.pdbx_percent_possible_ellipsoidal_anomalous    ? 
_reflns.pdbx_percent_possible_spherical_anomalous      ? 
_reflns.pdbx_redundancy_anomalous                      ? 
_reflns.pdbx_CC_half_anomalous                         ? 
_reflns.pdbx_absDiff_over_sigma_anomalous              ? 
_reflns.pdbx_percent_possible_anomalous                ? 
_reflns.pdbx_observed_signal_threshold                 ? 
_reflns.pdbx_signal_type                               ? 
_reflns.pdbx_signal_details                            ? 
_reflns.pdbx_signal_software_id                        ? 
# 
loop_
_reflns_shell.d_res_high 
_reflns_shell.d_res_low 
_reflns_shell.meanI_over_sigI_all 
_reflns_shell.meanI_over_sigI_obs 
_reflns_shell.number_measured_all 
_reflns_shell.number_measured_obs 
_reflns_shell.number_possible 
_reflns_shell.number_unique_all 
_reflns_shell.number_unique_obs 
_reflns_shell.percent_possible_all 
_reflns_shell.percent_possible_obs 
_reflns_shell.Rmerge_F_all 
_reflns_shell.Rmerge_F_obs 
_reflns_shell.Rmerge_I_all 
_reflns_shell.Rmerge_I_obs 
_reflns_shell.meanI_over_sigI_gt 
_reflns_shell.meanI_over_uI_all 
_reflns_shell.meanI_over_uI_gt 
_reflns_shell.number_measured_gt 
_reflns_shell.number_unique_gt 
_reflns_shell.percent_possible_gt 
_reflns_shell.Rmerge_F_gt 
_reflns_shell.Rmerge_I_gt 
_reflns_shell.pdbx_redundancy 
_reflns_shell.pdbx_Rsym_value 
_reflns_shell.pdbx_chi_squared 
_reflns_shell.pdbx_netI_over_sigmaI_all 
_reflns_shell.pdbx_netI_over_sigmaI_obs 
_reflns_shell.pdbx_Rrim_I_all 
_reflns_shell.pdbx_Rpim_I_all 
_reflns_shell.pdbx_rejects 
_reflns_shell.pdbx_ordinal 
_reflns_shell.pdbx_diffrn_id 
_reflns_shell.pdbx_CC_half 
_reflns_shell.pdbx_CC_star 
_reflns_shell.pdbx_R_split 
_reflns_shell.pdbx_percent_possible_ellipsoidal 
_reflns_shell.pdbx_percent_possible_spherical 
_reflns_shell.pdbx_percent_possible_ellipsoidal_anomalous 
_reflns_shell.pdbx_percent_possible_spherical_anomalous 
_reflns_shell.pdbx_redundancy_anomalous 
_reflns_shell.pdbx_CC_half_anomalous 
_reflns_shell.pdbx_absDiff_over_sigma_anomalous 
_reflns_shell.pdbx_percent_possible_anomalous 
2.000 2.050  ? ? 3366 ? ? ? 929 94.200 ? ? ? ? 0.898 ? ? ? ? ? ? ? ? 3.600 ? ? ? 1.500  1.048 0.524 ? 1 1 0.597 ? ? ? ? ? ? ? ? ? 
? 
8.940 45.790 ? ? 1060 ? ? ? 186 98.800 ? ? ? ? 0.020 ? ? ? ? ? ? ? ? 5.700 ? ? ? 75.600 0.022 0.009 ? 2 1 0.999 ? ? ? ? ? ? ? ? ? 
? 
# 
_refine.aniso_B[1][1]                            ? 
_refine.aniso_B[1][2]                            ? 
_refine.aniso_B[1][3]                            ? 
_refine.aniso_B[2][2]                            ? 
_refine.aniso_B[2][3]                            ? 
_refine.aniso_B[3][3]                            ? 
_refine.B_iso_max                                101.080 
_refine.B_iso_mean                               46.0118 
_refine.B_iso_min                                21.260 
_refine.correlation_coeff_Fo_to_Fc               ? 
_refine.correlation_coeff_Fo_to_Fc_free          ? 
_refine.details                                  ? 
_refine.diff_density_max                         ? 
_refine.diff_density_max_esd                     ? 
_refine.diff_density_min                         ? 
_refine.diff_density_min_esd                     ? 
_refine.diff_density_rms                         ? 
_refine.diff_density_rms_esd                     ? 
_refine.entry_id                                 7ME5 
_refine.pdbx_refine_id                           'X-RAY DIFFRACTION' 
_refine.ls_abs_structure_details                 ? 
_refine.ls_abs_structure_Flack                   ? 
_refine.ls_abs_structure_Flack_esd               ? 
_refine.ls_abs_structure_Rogers                  ? 
_refine.ls_abs_structure_Rogers_esd              ? 
_refine.ls_d_res_high                            2.0000 
_refine.ls_d_res_low                             29.9700 
_refine.ls_extinction_coef                       ? 
_refine.ls_extinction_coef_esd                   ? 
_refine.ls_extinction_expression                 ? 
_refine.ls_extinction_method                     ? 
_refine.ls_goodness_of_fit_all                   ? 
_refine.ls_goodness_of_fit_all_esd               ? 
_refine.ls_goodness_of_fit_obs                   ? 
_refine.ls_goodness_of_fit_obs_esd               ? 
_refine.ls_hydrogen_treatment                    ? 
_refine.ls_matrix_type                           ? 
_refine.ls_number_constraints                    ? 
_refine.ls_number_parameters                     ? 
_refine.ls_number_reflns_all                     ? 
_refine.ls_number_reflns_obs                     13748 
_refine.ls_number_reflns_R_free                  636 
_refine.ls_number_reflns_R_work                  13112 
_refine.ls_number_restraints                     ? 
_refine.ls_percent_reflns_obs                    99.3900 
_refine.ls_percent_reflns_R_free                 4.6300 
_refine.ls_R_factor_all                          ? 
_refine.ls_R_factor_obs                          0.2315 
_refine.ls_R_factor_R_free                       0.2527 
_refine.ls_R_factor_R_free_error                 ? 
_refine.ls_R_factor_R_free_error_details         ? 
_refine.ls_R_factor_R_work                       0.2303 
_refine.ls_R_Fsqd_factor_obs                     ? 
_refine.ls_R_I_factor_obs                        ? 
_refine.ls_redundancy_reflns_all                 ? 
_refine.ls_redundancy_reflns_obs                 ? 
_refine.ls_restrained_S_all                      ? 
_refine.ls_restrained_S_obs                      ? 
_refine.ls_shift_over_esd_max                    ? 
_refine.ls_shift_over_esd_mean                   ? 
_refine.ls_structure_factor_coef                 ? 
_refine.ls_weighting_details                     ? 
_refine.ls_weighting_scheme                      ? 
_refine.ls_wR_factor_all                         ? 
_refine.ls_wR_factor_obs                         ? 
_refine.ls_wR_factor_R_free                      ? 
_refine.ls_wR_factor_R_work                      ? 
_refine.occupancy_max                            ? 
_refine.occupancy_min                            ? 
_refine.solvent_model_details                    'FLAT BULK SOLVENT MODEL' 
_refine.solvent_model_param_bsol                 ? 
_refine.solvent_model_param_ksol                 ? 
_refine.pdbx_R_complete                          ? 
_refine.ls_R_factor_gt                           ? 
_refine.ls_goodness_of_fit_gt                    ? 
_refine.ls_goodness_of_fit_ref                   ? 
_refine.ls_shift_over_su_max                     ? 
_refine.ls_shift_over_su_max_lt                  ? 
_refine.ls_shift_over_su_mean                    ? 
_refine.ls_shift_over_su_mean_lt                 ? 
_refine.pdbx_ls_sigma_I                          ? 
_refine.pdbx_ls_sigma_F                          1.330 
_refine.pdbx_ls_sigma_Fsqd                       ? 
_refine.pdbx_data_cutoff_high_absF               ? 
_refine.pdbx_data_cutoff_high_rms_absF           ? 
_refine.pdbx_data_cutoff_low_absF                ? 
_refine.pdbx_isotropic_thermal_model             ? 
_refine.pdbx_ls_cross_valid_method               THROUGHOUT 
_refine.pdbx_method_to_determine_struct          'MOLECULAR REPLACEMENT' 
_refine.pdbx_starting_model                      2YGN 
_refine.pdbx_stereochemistry_target_values       ML 
_refine.pdbx_R_Free_selection_details            ? 
_refine.pdbx_stereochem_target_val_spec_case     ? 
_refine.pdbx_overall_ESU_R                       ? 
_refine.pdbx_overall_ESU_R_Free                  ? 
_refine.pdbx_solvent_vdw_probe_radii             1.1100 
_refine.pdbx_solvent_ion_probe_radii             ? 
_refine.pdbx_solvent_shrinkage_radii             0.9000 
_refine.pdbx_real_space_R                        ? 
_refine.pdbx_density_correlation                 ? 
_refine.pdbx_pd_number_of_powder_patterns        ? 
_refine.pdbx_pd_number_of_points                 ? 
_refine.pdbx_pd_meas_number_of_points            ? 
_refine.pdbx_pd_proc_ls_prof_R_factor            ? 
_refine.pdbx_pd_proc_ls_prof_wR_factor           ? 
_refine.pdbx_pd_Marquardt_correlation_coeff      ? 
_refine.pdbx_pd_Fsqrd_R_factor                   ? 
_refine.pdbx_pd_ls_matrix_band_width             ? 
_refine.pdbx_overall_phase_error                 35.9200 
_refine.pdbx_overall_SU_R_free_Cruickshank_DPI   ? 
_refine.pdbx_overall_SU_R_free_Blow_DPI          ? 
_refine.pdbx_overall_SU_R_Blow_DPI               ? 
_refine.pdbx_TLS_residual_ADP_flag               ? 
_refine.pdbx_diffrn_id                           1 
_refine.overall_SU_B                             ? 
_refine.overall_SU_ML                            0.2300 
_refine.overall_SU_R_Cruickshank_DPI             ? 
_refine.overall_SU_R_free                        ? 
_refine.overall_FOM_free_R_set                   ? 
_refine.overall_FOM_work_R_set                   ? 
_refine.pdbx_average_fsc_overall                 ? 
_refine.pdbx_average_fsc_work                    ? 
_refine.pdbx_average_fsc_free                    ? 
# 
_refine_hist.pdbx_refine_id                   'X-RAY DIFFRACTION' 
_refine_hist.cycle_id                         final 
_refine_hist.details                          ? 
_refine_hist.d_res_high                       2.0000 
_refine_hist.d_res_low                        29.9700 
_refine_hist.number_atoms_solvent             84 
_refine_hist.number_atoms_total               1307 
_refine_hist.number_reflns_all                ? 
_refine_hist.number_reflns_obs                ? 
_refine_hist.number_reflns_R_free             ? 
_refine_hist.number_reflns_R_work             ? 
_refine_hist.R_factor_all                     ? 
_refine_hist.R_factor_obs                     ? 
_refine_hist.R_factor_R_free                  ? 
_refine_hist.R_factor_R_work                  ? 
_refine_hist.pdbx_number_residues_total       153 
_refine_hist.pdbx_B_iso_mean_ligand           79.60 
_refine_hist.pdbx_B_iso_mean_solvent          47.49 
_refine_hist.pdbx_number_atoms_protein        1209 
_refine_hist.pdbx_number_atoms_nucleic_acid   0 
_refine_hist.pdbx_number_atoms_ligand         14 
_refine_hist.pdbx_number_atoms_lipid          ? 
_refine_hist.pdbx_number_atoms_carb           ? 
_refine_hist.pdbx_pseudo_atom_details         ? 
# 
loop_
_refine_ls_restr.pdbx_refine_id 
_refine_ls_restr.criterion 
_refine_ls_restr.dev_ideal 
_refine_ls_restr.dev_ideal_target 
_refine_ls_restr.number 
_refine_ls_restr.rejects 
_refine_ls_restr.type 
_refine_ls_restr.weight 
_refine_ls_restr.pdbx_restraint_function 
'X-RAY DIFFRACTION' ? 0.003 ? 1262 ? f_bond_d           ? ? 
'X-RAY DIFFRACTION' ? 0.625 ? 1727 ? f_angle_d          ? ? 
'X-RAY DIFFRACTION' ? 0.063 ? 193  ? f_chiral_restr     ? ? 
'X-RAY DIFFRACTION' ? 0.005 ? 225  ? f_plane_restr      ? ? 
'X-RAY DIFFRACTION' ? 6.526 ? 169  ? f_dihedral_angle_d ? ? 
# 
loop_
_refine_ls_shell.pdbx_refine_id 
_refine_ls_shell.d_res_high 
_refine_ls_shell.d_res_low 
_refine_ls_shell.number_reflns_all 
_refine_ls_shell.number_reflns_obs 
_refine_ls_shell.number_reflns_R_free 
_refine_ls_shell.number_reflns_R_work 
_refine_ls_shell.percent_reflns_obs 
_refine_ls_shell.percent_reflns_R_free 
_refine_ls_shell.R_factor_all 
_refine_ls_shell.R_factor_obs 
_refine_ls_shell.R_factor_R_free 
_refine_ls_shell.R_factor_R_free_error 
_refine_ls_shell.R_factor_R_work 
_refine_ls_shell.redundancy_reflns_all 
_refine_ls_shell.redundancy_reflns_obs 
_refine_ls_shell.wR_factor_all 
_refine_ls_shell.wR_factor_obs 
_refine_ls_shell.wR_factor_R_free 
_refine_ls_shell.wR_factor_R_work 
_refine_ls_shell.pdbx_R_complete 
_refine_ls_shell.pdbx_total_number_of_bins_used 
_refine_ls_shell.pdbx_phase_error 
_refine_ls_shell.pdbx_fsc_work 
_refine_ls_shell.pdbx_fsc_free 
'X-RAY DIFFRACTION' 2.0000 2.1500  2644 . 90  2554 97.0000  . . . 0.3651 0.0000 0.3536 . . . . . . . 5 . . . 
'X-RAY DIFFRACTION' 2.1500 2.3700  2714 . 106 2608 100.0000 . . . 0.3445 0.0000 0.2913 . . . . . . . 5 . . . 
'X-RAY DIFFRACTION' 2.3700 2.7100  2750 . 127 2623 100.0000 . . . 0.3469 0.0000 0.2872 . . . . . . . 5 . . . 
'X-RAY DIFFRACTION' 2.7100 3.4200  2758 . 158 2600 100.0000 . . . 0.2796 0.0000 0.2484 . . . . . . . 5 . . . 
'X-RAY DIFFRACTION' 3.4200 29.9700 2882 . 155 2727 100.0000 . . . 0.2046 0.0000 0.1826 . . . . . . . 5 . . . 
# 
_struct.entry_id                     7ME5 
_struct.title                        'Structure of the extracellular WNT-binding module in Drl-2' 
_struct.pdbx_model_details           ? 
_struct.pdbx_formula_weight          ? 
_struct.pdbx_formula_weight_method   ? 
_struct.pdbx_model_type_details      ? 
_struct.pdbx_CASP_flag               N 
# 
_struct_keywords.entry_id        7ME5 
_struct_keywords.text            
;WNT signaling, receptor tyrosine kinases, acylation, growth factor signaling, co-receptor, pseudokinases, ligand, receptor, cancer, SIGNALING PROTEIN
;
_struct_keywords.pdbx_keywords   'SIGNALING PROTEIN' 
# 
loop_
_struct_asym.id 
_struct_asym.pdbx_blank_PDB_chainid_flag 
_struct_asym.pdbx_modified 
_struct_asym.entity_id 
_struct_asym.details 
A N N 1 ? 
B N N 2 ? 
C N N 3 ? 
# 
_struct_ref.id                         1 
_struct_ref.db_name                    UNP 
_struct_ref.db_code                    Q7JQT0_DROME 
_struct_ref.pdbx_db_accession          Q7JQT0 
_struct_ref.pdbx_db_isoform            ? 
_struct_ref.entity_id                  1 
_struct_ref.pdbx_seq_one_letter_code   
;YLNIFISHHEVMKLMGLEADLFYVHEGAINTYAMHFTVPVPADVHELEFSWQSLIAYPLPYAISIEYNNDQEALGTPTLS
IPHKGLVPQEIESFLVYLPCTGNASLQMPVNVNMVVRAPPRFNDTRLHFKRNKICAKGISPEPNQSPAPAHAPSQGPA
;
_struct_ref.pdbx_align_begin           26 
# 
_struct_ref_seq.align_id                      1 
_struct_ref_seq.ref_id                        1 
_struct_ref_seq.pdbx_PDB_id_code              7ME5 
_struct_ref_seq.pdbx_strand_id                A 
_struct_ref_seq.seq_align_beg                 1 
_struct_ref_seq.pdbx_seq_align_beg_ins_code   ? 
_struct_ref_seq.seq_align_end                 158 
_struct_ref_seq.pdbx_seq_align_end_ins_code   ? 
_struct_ref_seq.pdbx_db_accession             Q7JQT0 
_struct_ref_seq.db_align_beg                  26 
_struct_ref_seq.pdbx_db_align_beg_ins_code    ? 
_struct_ref_seq.db_align_end                  183 
_struct_ref_seq.pdbx_db_align_end_ins_code    ? 
_struct_ref_seq.pdbx_auth_seq_align_beg       26 
_struct_ref_seq.pdbx_auth_seq_align_end       183 
# 
loop_
_struct_ref_seq_dif.align_id 
_struct_ref_seq_dif.pdbx_pdb_id_code 
_struct_ref_seq_dif.mon_id 
_struct_ref_seq_dif.pdbx_pdb_strand_id 
_struct_ref_seq_dif.seq_num 
_struct_ref_seq_dif.pdbx_pdb_ins_code 
_struct_ref_seq_dif.pdbx_seq_db_name 
_struct_ref_seq_dif.pdbx_seq_db_accession_code 
_struct_ref_seq_dif.db_mon_id 
_struct_ref_seq_dif.pdbx_seq_db_seq_num 
_struct_ref_seq_dif.details 
_struct_ref_seq_dif.pdbx_auth_seq_num 
_struct_ref_seq_dif.pdbx_ordinal 
1 7ME5 ILE A 159 ? UNP Q7JQT0 ? ? 'expression tag' 184 1 
1 7ME5 GLU A 160 ? UNP Q7JQT0 ? ? 'expression tag' 185 2 
1 7ME5 GLY A 161 ? UNP Q7JQT0 ? ? 'expression tag' 186 3 
1 7ME5 ARG A 162 ? UNP Q7JQT0 ? ? 'expression tag' 187 4 
# 
_pdbx_struct_assembly.id                   1 
_pdbx_struct_assembly.details              author_defined_assembly 
_pdbx_struct_assembly.method_details       ? 
_pdbx_struct_assembly.oligomeric_details   monomeric 
_pdbx_struct_assembly.oligomeric_count     1 
# 
_pdbx_struct_assembly_gen.assembly_id       1 
_pdbx_struct_assembly_gen.oper_expression   1 
_pdbx_struct_assembly_gen.asym_id_list      A,B,C 
# 
_pdbx_struct_assembly_auth_evidence.id                     1 
_pdbx_struct_assembly_auth_evidence.assembly_id            1 
_pdbx_struct_assembly_auth_evidence.experimental_support   'gel filtration' 
_pdbx_struct_assembly_auth_evidence.details                ? 
# 
_pdbx_struct_oper_list.id                   1 
_pdbx_struct_oper_list.type                 'identity operation' 
_pdbx_struct_oper_list.name                 1_555 
_pdbx_struct_oper_list.symmetry_operation   x,y,z 
_pdbx_struct_oper_list.matrix[1][1]         1.0000000000 
_pdbx_struct_oper_list.matrix[1][2]         0.0000000000 
_pdbx_struct_oper_list.matrix[1][3]         0.0000000000 
_pdbx_struct_oper_list.vector[1]            0.0000000000 
_pdbx_struct_oper_list.matrix[2][1]         0.0000000000 
_pdbx_struct_oper_list.matrix[2][2]         1.0000000000 
_pdbx_struct_oper_list.matrix[2][3]         0.0000000000 
_pdbx_struct_oper_list.vector[2]            0.0000000000 
_pdbx_struct_oper_list.matrix[3][1]         0.0000000000 
_pdbx_struct_oper_list.matrix[3][2]         0.0000000000 
_pdbx_struct_oper_list.matrix[3][3]         1.0000000000 
_pdbx_struct_oper_list.vector[3]            0.0000000000 
# 
loop_
_struct_conf.conf_type_id 
_struct_conf.id 
_struct_conf.pdbx_PDB_helix_id 
_struct_conf.beg_label_comp_id 
_struct_conf.beg_label_asym_id 
_struct_conf.beg_label_seq_id 
_struct_conf.pdbx_beg_PDB_ins_code 
_struct_conf.end_label_comp_id 
_struct_conf.end_label_asym_id 
_struct_conf.end_label_seq_id 
_struct_conf.pdbx_end_PDB_ins_code 
_struct_conf.beg_auth_comp_id 
_struct_conf.beg_auth_asym_id 
_struct_conf.beg_auth_seq_id 
_struct_conf.end_auth_comp_id 
_struct_conf.end_auth_asym_id 
_struct_conf.end_auth_seq_id 
_struct_conf.pdbx_PDB_helix_class 
_struct_conf.details 
_struct_conf.pdbx_PDB_helix_length 
HELX_P HELX_P1 AA1 SER A 7  ? GLY A 16 ? SER A 32 GLY A 41 1 ? 10 
HELX_P HELX_P2 AA2 ASN A 30 ? PHE A 36 ? ASN A 55 PHE A 61 1 ? 7  
# 
_struct_conf_type.id          HELX_P 
_struct_conf_type.criteria    ? 
_struct_conf_type.reference   ? 
# 
loop_
_struct_conn.id 
_struct_conn.conn_type_id 
_struct_conn.pdbx_leaving_atom_flag 
_struct_conn.pdbx_PDB_id 
_struct_conn.ptnr1_label_asym_id 
_struct_conn.ptnr1_label_comp_id 
_struct_conn.ptnr1_label_seq_id 
_struct_conn.ptnr1_label_atom_id 
_struct_conn.pdbx_ptnr1_label_alt_id 
_struct_conn.pdbx_ptnr1_PDB_ins_code 
_struct_conn.pdbx_ptnr1_standard_comp_id 
_struct_conn.ptnr1_symmetry 
_struct_conn.ptnr2_label_asym_id 
_struct_conn.ptnr2_label_comp_id 
_struct_conn.ptnr2_label_seq_id 
_struct_conn.ptnr2_label_atom_id 
_struct_conn.pdbx_ptnr2_label_alt_id 
_struct_conn.pdbx_ptnr2_PDB_ins_code 
_struct_conn.ptnr1_auth_asym_id 
_struct_conn.ptnr1_auth_comp_id 
_struct_conn.ptnr1_auth_seq_id 
_struct_conn.ptnr2_auth_asym_id 
_struct_conn.ptnr2_auth_comp_id 
_struct_conn.ptnr2_auth_seq_id 
_struct_conn.ptnr2_symmetry 
_struct_conn.pdbx_ptnr3_label_atom_id 
_struct_conn.pdbx_ptnr3_label_seq_id 
_struct_conn.pdbx_ptnr3_label_comp_id 
_struct_conn.pdbx_ptnr3_label_asym_id 
_struct_conn.pdbx_ptnr3_label_alt_id 
_struct_conn.pdbx_ptnr3_PDB_ins_code 
_struct_conn.details 
_struct_conn.pdbx_dist_value 
_struct_conn.pdbx_value_order 
_struct_conn.pdbx_role 
disulf1 disulf ?   ? A CYS 100 SG  ? ? ? 1_555 A CYS 135 SG ? ? A CYS 125 A CYS 160 1_555 ? ? ? ? ? ? ? 2.031 ? ?               
covale1 covale one ? A ASN 144 ND2 ? ? ? 1_555 B NAG .   C1 ? ? A ASN 169 A NAG 201 1_555 ? ? ? ? ? ? ? 1.453 ? N-Glycosylation 
# 
loop_
_struct_conn_type.id 
_struct_conn_type.criteria 
_struct_conn_type.reference 
disulf ? ? 
covale ? ? 
# 
loop_
_pdbx_modification_feature.ordinal 
_pdbx_modification_feature.label_comp_id 
_pdbx_modification_feature.label_asym_id 
_pdbx_modification_feature.label_seq_id 
_pdbx_modification_feature.label_alt_id 
_pdbx_modification_feature.modified_residue_label_comp_id 
_pdbx_modification_feature.modified_residue_label_asym_id 
_pdbx_modification_feature.modified_residue_label_seq_id 
_pdbx_modification_feature.modified_residue_label_alt_id 
_pdbx_modification_feature.auth_comp_id 
_pdbx_modification_feature.auth_asym_id 
_pdbx_modification_feature.auth_seq_id 
_pdbx_modification_feature.PDB_ins_code 
_pdbx_modification_feature.symmetry 
_pdbx_modification_feature.modified_residue_auth_comp_id 
_pdbx_modification_feature.modified_residue_auth_asym_id 
_pdbx_modification_feature.modified_residue_auth_seq_id 
_pdbx_modification_feature.modified_residue_PDB_ins_code 
_pdbx_modification_feature.modified_residue_symmetry 
_pdbx_modification_feature.comp_id_linking_atom 
_pdbx_modification_feature.modified_residue_id_linking_atom 
_pdbx_modification_feature.modified_residue_id 
_pdbx_modification_feature.ref_pcm_id 
_pdbx_modification_feature.ref_comp_id 
_pdbx_modification_feature.type 
_pdbx_modification_feature.category 
1 NAG B .   ? ASN A 144 ? NAG A 201 ? 1_555 ASN A 169 ? 1_555 C1 ND2 ASN 1 NAG N-Glycosylation Carbohydrate       
2 CYS A 100 ? CYS A 135 ? CYS A 125 ? 1_555 CYS A 160 ? 1_555 SG SG  .   . .   None            'Disulfide bridge' 
# 
loop_
_struct_sheet.id 
_struct_sheet.type 
_struct_sheet.number_strands 
_struct_sheet.details 
AA1 ? 6 ? 
AA2 ? 5 ? 
# 
loop_
_struct_sheet_order.sheet_id 
_struct_sheet_order.range_id_1 
_struct_sheet_order.range_id_2 
_struct_sheet_order.offset 
_struct_sheet_order.sense 
AA1 1 2 ? anti-parallel 
AA1 2 3 ? anti-parallel 
AA1 3 4 ? anti-parallel 
AA1 4 5 ? anti-parallel 
AA1 5 6 ? anti-parallel 
AA2 1 2 ? parallel      
AA2 2 3 ? anti-parallel 
AA2 3 4 ? anti-parallel 
AA2 4 5 ? anti-parallel 
# 
loop_
_struct_sheet_range.sheet_id 
_struct_sheet_range.id 
_struct_sheet_range.beg_label_comp_id 
_struct_sheet_range.beg_label_asym_id 
_struct_sheet_range.beg_label_seq_id 
_struct_sheet_range.pdbx_beg_PDB_ins_code 
_struct_sheet_range.end_label_comp_id 
_struct_sheet_range.end_label_asym_id 
_struct_sheet_range.end_label_seq_id 
_struct_sheet_range.pdbx_end_PDB_ins_code 
_struct_sheet_range.beg_auth_comp_id 
_struct_sheet_range.beg_auth_asym_id 
_struct_sheet_range.beg_auth_seq_id 
_struct_sheet_range.end_auth_comp_id 
_struct_sheet_range.end_auth_asym_id 
_struct_sheet_range.end_auth_seq_id 
AA1 1 ALA A 28  ? ILE A 29  ? ALA A 53  ILE A 54  
AA1 2 LEU A 21  ? HIS A 25  ? LEU A 46  HIS A 50  
AA1 3 LEU A 2   ? ILE A 6   ? LEU A 27  ILE A 31  
AA1 4 GLU A 46  ? SER A 53  ? GLU A 71  SER A 78  
AA1 5 GLU A 92  ? TYR A 97  ? GLU A 117 TYR A 122 
AA1 6 THR A 78  ? LEU A 79  ? THR A 103 LEU A 104 
AA2 1 THR A 37  ? VAL A 40  ? THR A 62  VAL A 65  
AA2 2 THR A 125 ? CYS A 135 ? THR A 150 CYS A 160 
AA2 3 LEU A 106 ? VAL A 116 ? LEU A 131 VAL A 141 
AA2 4 PRO A 60  ? GLU A 66  ? PRO A 85  GLU A 91  
AA2 5 LYS A 84  ? LEU A 86  ? LYS A 109 LEU A 111 
# 
loop_
_pdbx_struct_sheet_hbond.sheet_id 
_pdbx_struct_sheet_hbond.range_id_1 
_pdbx_struct_sheet_hbond.range_id_2 
_pdbx_struct_sheet_hbond.range_1_label_atom_id 
_pdbx_struct_sheet_hbond.range_1_label_comp_id 
_pdbx_struct_sheet_hbond.range_1_label_asym_id 
_pdbx_struct_sheet_hbond.range_1_label_seq_id 
_pdbx_struct_sheet_hbond.range_1_PDB_ins_code 
_pdbx_struct_sheet_hbond.range_1_auth_atom_id 
_pdbx_struct_sheet_hbond.range_1_auth_comp_id 
_pdbx_struct_sheet_hbond.range_1_auth_asym_id 
_pdbx_struct_sheet_hbond.range_1_auth_seq_id 
_pdbx_struct_sheet_hbond.range_2_label_atom_id 
_pdbx_struct_sheet_hbond.range_2_label_comp_id 
_pdbx_struct_sheet_hbond.range_2_label_asym_id 
_pdbx_struct_sheet_hbond.range_2_label_seq_id 
_pdbx_struct_sheet_hbond.range_2_PDB_ins_code 
_pdbx_struct_sheet_hbond.range_2_auth_atom_id 
_pdbx_struct_sheet_hbond.range_2_auth_comp_id 
_pdbx_struct_sheet_hbond.range_2_auth_asym_id 
_pdbx_struct_sheet_hbond.range_2_auth_seq_id 
AA1 1 2 O ALA A 28  ? O ALA A 53  N HIS A 25  ? N HIS A 50  
AA1 2 3 O VAL A 24  ? O VAL A 49  N ILE A 4   ? N ILE A 29  
AA1 3 4 N PHE A 5   ? N PHE A 30  O SER A 50  ? O SER A 75  
AA1 4 5 N PHE A 49  ? N PHE A 74  O PHE A 94  ? O PHE A 119 
AA1 5 6 O TYR A 97  ? O TYR A 122 N THR A 78  ? N THR A 103 
AA2 1 2 N VAL A 40  ? N VAL A 65  O ILE A 134 ? O ILE A 159 
AA2 2 3 O LEU A 127 ? O LEU A 152 N MET A 114 ? N MET A 139 
AA2 3 4 O ASN A 113 ? O ASN A 138 N SER A 64  ? N SER A 89  
AA2 4 5 N TYR A 61  ? N TYR A 86  O GLY A 85  ? O GLY A 110 
# 
_pdbx_entry_details.entry_id                   7ME5 
_pdbx_entry_details.has_ligand_of_interest     N 
_pdbx_entry_details.compound_details           ? 
_pdbx_entry_details.source_details             ? 
_pdbx_entry_details.nonpolymer_details         ? 
_pdbx_entry_details.sequence_details           ? 
_pdbx_entry_details.has_protein_modification   Y 
# 
_pdbx_validate_torsion.id              1 
_pdbx_validate_torsion.PDB_model_num   1 
_pdbx_validate_torsion.auth_comp_id    LEU 
_pdbx_validate_torsion.auth_asym_id    A 
_pdbx_validate_torsion.auth_seq_id     131 
_pdbx_validate_torsion.PDB_ins_code    ? 
_pdbx_validate_torsion.label_alt_id    ? 
_pdbx_validate_torsion.phi             -173.68 
_pdbx_validate_torsion.psi             149.72 
# 
loop_
_pdbx_distant_solvent_atoms.id 
_pdbx_distant_solvent_atoms.PDB_model_num 
_pdbx_distant_solvent_atoms.auth_atom_id 
_pdbx_distant_solvent_atoms.label_alt_id 
_pdbx_distant_solvent_atoms.auth_asym_id 
_pdbx_distant_solvent_atoms.auth_comp_id 
_pdbx_distant_solvent_atoms.auth_seq_id 
_pdbx_distant_solvent_atoms.PDB_ins_code 
_pdbx_distant_solvent_atoms.neighbor_macromolecule_distance 
_pdbx_distant_solvent_atoms.neighbor_ligand_distance 
1 1 O ? A HOH 383 ? 6.01 .    
2 1 O ? A HOH 384 ? .    6.29 
# 
loop_
_pdbx_unobs_or_zero_occ_residues.id 
_pdbx_unobs_or_zero_occ_residues.PDB_model_num 
_pdbx_unobs_or_zero_occ_residues.polymer_flag 
_pdbx_unobs_or_zero_occ_residues.occupancy_flag 
_pdbx_unobs_or_zero_occ_residues.auth_asym_id 
_pdbx_unobs_or_zero_occ_residues.auth_comp_id 
_pdbx_unobs_or_zero_occ_residues.auth_seq_id 
_pdbx_unobs_or_zero_occ_residues.PDB_ins_code 
_pdbx_unobs_or_zero_occ_residues.label_asym_id 
_pdbx_unobs_or_zero_occ_residues.label_comp_id 
_pdbx_unobs_or_zero_occ_residues.label_seq_id 
1 1 Y 1 A SER 179 ? A SER 154 
2 1 Y 1 A GLN 180 ? A GLN 155 
3 1 Y 1 A GLY 181 ? A GLY 156 
4 1 Y 1 A PRO 182 ? A PRO 157 
5 1 Y 1 A ALA 183 ? A ALA 158 
6 1 Y 1 A ILE 184 ? A ILE 159 
7 1 Y 1 A GLU 185 ? A GLU 160 
8 1 Y 1 A GLY 186 ? A GLY 161 
9 1 Y 1 A ARG 187 ? A ARG 162 
# 
loop_
_chem_comp_atom.comp_id 
_chem_comp_atom.atom_id 
_chem_comp_atom.type_symbol 
_chem_comp_atom.pdbx_aromatic_flag 
_chem_comp_atom.pdbx_stereo_config 
_chem_comp_atom.pdbx_ordinal 
ALA N    N N N 1   
ALA CA   C N S 2   
ALA C    C N N 3   
ALA O    O N N 4   
ALA CB   C N N 5   
ALA OXT  O N N 6   
ALA H    H N N 7   
ALA H2   H N N 8   
ALA HA   H N N 9   
ALA HB1  H N N 10  
ALA HB2  H N N 11  
ALA HB3  H N N 12  
ALA HXT  H N N 13  
ARG N    N N N 14  
ARG CA   C N S 15  
ARG C    C N N 16  
ARG O    O N N 17  
ARG CB   C N N 18  
ARG CG   C N N 19  
ARG CD   C N N 20  
ARG NE   N N N 21  
ARG CZ   C N N 22  
ARG NH1  N N N 23  
ARG NH2  N N N 24  
ARG OXT  O N N 25  
ARG H    H N N 26  
ARG H2   H N N 27  
ARG HA   H N N 28  
ARG HB2  H N N 29  
ARG HB3  H N N 30  
ARG HG2  H N N 31  
ARG HG3  H N N 32  
ARG HD2  H N N 33  
ARG HD3  H N N 34  
ARG HE   H N N 35  
ARG HH11 H N N 36  
ARG HH12 H N N 37  
ARG HH21 H N N 38  
ARG HH22 H N N 39  
ARG HXT  H N N 40  
ASN N    N N N 41  
ASN CA   C N S 42  
ASN C    C N N 43  
ASN O    O N N 44  
ASN CB   C N N 45  
ASN CG   C N N 46  
ASN OD1  O N N 47  
ASN ND2  N N N 48  
ASN OXT  O N N 49  
ASN H    H N N 50  
ASN H2   H N N 51  
ASN HA   H N N 52  
ASN HB2  H N N 53  
ASN HB3  H N N 54  
ASN HD21 H N N 55  
ASN HD22 H N N 56  
ASN HXT  H N N 57  
ASP N    N N N 58  
ASP CA   C N S 59  
ASP C    C N N 60  
ASP O    O N N 61  
ASP CB   C N N 62  
ASP CG   C N N 63  
ASP OD1  O N N 64  
ASP OD2  O N N 65  
ASP OXT  O N N 66  
ASP H    H N N 67  
ASP H2   H N N 68  
ASP HA   H N N 69  
ASP HB2  H N N 70  
ASP HB3  H N N 71  
ASP HD2  H N N 72  
ASP HXT  H N N 73  
CYS N    N N N 74  
CYS CA   C N R 75  
CYS C    C N N 76  
CYS O    O N N 77  
CYS CB   C N N 78  
CYS SG   S N N 79  
CYS OXT  O N N 80  
CYS H    H N N 81  
CYS H2   H N N 82  
CYS HA   H N N 83  
CYS HB2  H N N 84  
CYS HB3  H N N 85  
CYS HG   H N N 86  
CYS HXT  H N N 87  
GLN N    N N N 88  
GLN CA   C N S 89  
GLN C    C N N 90  
GLN O    O N N 91  
GLN CB   C N N 92  
GLN CG   C N N 93  
GLN CD   C N N 94  
GLN OE1  O N N 95  
GLN NE2  N N N 96  
GLN OXT  O N N 97  
GLN H    H N N 98  
GLN H2   H N N 99  
GLN HA   H N N 100 
GLN HB2  H N N 101 
GLN HB3  H N N 102 
GLN HG2  H N N 103 
GLN HG3  H N N 104 
GLN HE21 H N N 105 
GLN HE22 H N N 106 
GLN HXT  H N N 107 
GLU N    N N N 108 
GLU CA   C N S 109 
GLU C    C N N 110 
GLU O    O N N 111 
GLU CB   C N N 112 
GLU CG   C N N 113 
GLU CD   C N N 114 
GLU OE1  O N N 115 
GLU OE2  O N N 116 
GLU OXT  O N N 117 
GLU H    H N N 118 
GLU H2   H N N 119 
GLU HA   H N N 120 
GLU HB2  H N N 121 
GLU HB3  H N N 122 
GLU HG2  H N N 123 
GLU HG3  H N N 124 
GLU HE2  H N N 125 
GLU HXT  H N N 126 
GLY N    N N N 127 
GLY CA   C N N 128 
GLY C    C N N 129 
GLY O    O N N 130 
GLY OXT  O N N 131 
GLY H    H N N 132 
GLY H2   H N N 133 
GLY HA2  H N N 134 
GLY HA3  H N N 135 
GLY HXT  H N N 136 
HIS N    N N N 137 
HIS CA   C N S 138 
HIS C    C N N 139 
HIS O    O N N 140 
HIS CB   C N N 141 
HIS CG   C Y N 142 
HIS ND1  N Y N 143 
HIS CD2  C Y N 144 
HIS CE1  C Y N 145 
HIS NE2  N Y N 146 
HIS OXT  O N N 147 
HIS H    H N N 148 
HIS H2   H N N 149 
HIS HA   H N N 150 
HIS HB2  H N N 151 
HIS HB3  H N N 152 
HIS HD1  H N N 153 
HIS HD2  H N N 154 
HIS HE1  H N N 155 
HIS HE2  H N N 156 
HIS HXT  H N N 157 
HOH O    O N N 158 
HOH H1   H N N 159 
HOH H2   H N N 160 
ILE N    N N N 161 
ILE CA   C N S 162 
ILE C    C N N 163 
ILE O    O N N 164 
ILE CB   C N S 165 
ILE CG1  C N N 166 
ILE CG2  C N N 167 
ILE CD1  C N N 168 
ILE OXT  O N N 169 
ILE H    H N N 170 
ILE H2   H N N 171 
ILE HA   H N N 172 
ILE HB   H N N 173 
ILE HG12 H N N 174 
ILE HG13 H N N 175 
ILE HG21 H N N 176 
ILE HG22 H N N 177 
ILE HG23 H N N 178 
ILE HD11 H N N 179 
ILE HD12 H N N 180 
ILE HD13 H N N 181 
ILE HXT  H N N 182 
LEU N    N N N 183 
LEU CA   C N S 184 
LEU C    C N N 185 
LEU O    O N N 186 
LEU CB   C N N 187 
LEU CG   C N N 188 
LEU CD1  C N N 189 
LEU CD2  C N N 190 
LEU OXT  O N N 191 
LEU H    H N N 192 
LEU H2   H N N 193 
LEU HA   H N N 194 
LEU HB2  H N N 195 
LEU HB3  H N N 196 
LEU HG   H N N 197 
LEU HD11 H N N 198 
LEU HD12 H N N 199 
LEU HD13 H N N 200 
LEU HD21 H N N 201 
LEU HD22 H N N 202 
LEU HD23 H N N 203 
LEU HXT  H N N 204 
LYS N    N N N 205 
LYS CA   C N S 206 
LYS C    C N N 207 
LYS O    O N N 208 
LYS CB   C N N 209 
LYS CG   C N N 210 
LYS CD   C N N 211 
LYS CE   C N N 212 
LYS NZ   N N N 213 
LYS OXT  O N N 214 
LYS H    H N N 215 
LYS H2   H N N 216 
LYS HA   H N N 217 
LYS HB2  H N N 218 
LYS HB3  H N N 219 
LYS HG2  H N N 220 
LYS HG3  H N N 221 
LYS HD2  H N N 222 
LYS HD3  H N N 223 
LYS HE2  H N N 224 
LYS HE3  H N N 225 
LYS HZ1  H N N 226 
LYS HZ2  H N N 227 
LYS HZ3  H N N 228 
LYS HXT  H N N 229 
MET N    N N N 230 
MET CA   C N S 231 
MET C    C N N 232 
MET O    O N N 233 
MET CB   C N N 234 
MET CG   C N N 235 
MET SD   S N N 236 
MET CE   C N N 237 
MET OXT  O N N 238 
MET H    H N N 239 
MET H2   H N N 240 
MET HA   H N N 241 
MET HB2  H N N 242 
MET HB3  H N N 243 
MET HG2  H N N 244 
MET HG3  H N N 245 
MET HE1  H N N 246 
MET HE2  H N N 247 
MET HE3  H N N 248 
MET HXT  H N N 249 
NAG C1   C N R 250 
NAG C2   C N R 251 
NAG C3   C N R 252 
NAG C4   C N S 253 
NAG C5   C N R 254 
NAG C6   C N N 255 
NAG C7   C N N 256 
NAG C8   C N N 257 
NAG N2   N N N 258 
NAG O1   O N N 259 
NAG O3   O N N 260 
NAG O4   O N N 261 
NAG O5   O N N 262 
NAG O6   O N N 263 
NAG O7   O N N 264 
NAG H1   H N N 265 
NAG H2   H N N 266 
NAG H3   H N N 267 
NAG H4   H N N 268 
NAG H5   H N N 269 
NAG H61  H N N 270 
NAG H62  H N N 271 
NAG H81  H N N 272 
NAG H82  H N N 273 
NAG H83  H N N 274 
NAG HN2  H N N 275 
NAG HO1  H N N 276 
NAG HO3  H N N 277 
NAG HO4  H N N 278 
NAG HO6  H N N 279 
PHE N    N N N 280 
PHE CA   C N S 281 
PHE C    C N N 282 
PHE O    O N N 283 
PHE CB   C N N 284 
PHE CG   C Y N 285 
PHE CD1  C Y N 286 
PHE CD2  C Y N 287 
PHE CE1  C Y N 288 
PHE CE2  C Y N 289 
PHE CZ   C Y N 290 
PHE OXT  O N N 291 
PHE H    H N N 292 
PHE H2   H N N 293 
PHE HA   H N N 294 
PHE HB2  H N N 295 
PHE HB3  H N N 296 
PHE HD1  H N N 297 
PHE HD2  H N N 298 
PHE HE1  H N N 299 
PHE HE2  H N N 300 
PHE HZ   H N N 301 
PHE HXT  H N N 302 
PRO N    N N N 303 
PRO CA   C N S 304 
PRO C    C N N 305 
PRO O    O N N 306 
PRO CB   C N N 307 
PRO CG   C N N 308 
PRO CD   C N N 309 
PRO OXT  O N N 310 
PRO H    H N N 311 
PRO HA   H N N 312 
PRO HB2  H N N 313 
PRO HB3  H N N 314 
PRO HG2  H N N 315 
PRO HG3  H N N 316 
PRO HD2  H N N 317 
PRO HD3  H N N 318 
PRO HXT  H N N 319 
SER N    N N N 320 
SER CA   C N S 321 
SER C    C N N 322 
SER O    O N N 323 
SER CB   C N N 324 
SER OG   O N N 325 
SER OXT  O N N 326 
SER H    H N N 327 
SER H2   H N N 328 
SER HA   H N N 329 
SER HB2  H N N 330 
SER HB3  H N N 331 
SER HG   H N N 332 
SER HXT  H N N 333 
THR N    N N N 334 
THR CA   C N S 335 
THR C    C N N 336 
THR O    O N N 337 
THR CB   C N R 338 
THR OG1  O N N 339 
THR CG2  C N N 340 
THR OXT  O N N 341 
THR H    H N N 342 
THR H2   H N N 343 
THR HA   H N N 344 
THR HB   H N N 345 
THR HG1  H N N 346 
THR HG21 H N N 347 
THR HG22 H N N 348 
THR HG23 H N N 349 
THR HXT  H N N 350 
TRP N    N N N 351 
TRP CA   C N S 352 
TRP C    C N N 353 
TRP O    O N N 354 
TRP CB   C N N 355 
TRP CG   C Y N 356 
TRP CD1  C Y N 357 
TRP CD2  C Y N 358 
TRP NE1  N Y N 359 
TRP CE2  C Y N 360 
TRP CE3  C Y N 361 
TRP CZ2  C Y N 362 
TRP CZ3  C Y N 363 
TRP CH2  C Y N 364 
TRP OXT  O N N 365 
TRP H    H N N 366 
TRP H2   H N N 367 
TRP HA   H N N 368 
TRP HB2  H N N 369 
TRP HB3  H N N 370 
TRP HD1  H N N 371 
TRP HE1  H N N 372 
TRP HE3  H N N 373 
TRP HZ2  H N N 374 
TRP HZ3  H N N 375 
TRP HH2  H N N 376 
TRP HXT  H N N 377 
TYR N    N N N 378 
TYR CA   C N S 379 
TYR C    C N N 380 
TYR O    O N N 381 
TYR CB   C N N 382 
TYR CG   C Y N 383 
TYR CD1  C Y N 384 
TYR CD2  C Y N 385 
TYR CE1  C Y N 386 
TYR CE2  C Y N 387 
TYR CZ   C Y N 388 
TYR OH   O N N 389 
TYR OXT  O N N 390 
TYR H    H N N 391 
TYR H2   H N N 392 
TYR HA   H N N 393 
TYR HB2  H N N 394 
TYR HB3  H N N 395 
TYR HD1  H N N 396 
TYR HD2  H N N 397 
TYR HE1  H N N 398 
TYR HE2  H N N 399 
TYR HH   H N N 400 
TYR HXT  H N N 401 
VAL N    N N N 402 
VAL CA   C N S 403 
VAL C    C N N 404 
VAL O    O N N 405 
VAL CB   C N N 406 
VAL CG1  C N N 407 
VAL CG2  C N N 408 
VAL OXT  O N N 409 
VAL H    H N N 410 
VAL H2   H N N 411 
VAL HA   H N N 412 
VAL HB   H N N 413 
VAL HG11 H N N 414 
VAL HG12 H N N 415 
VAL HG13 H N N 416 
VAL HG21 H N N 417 
VAL HG22 H N N 418 
VAL HG23 H N N 419 
VAL HXT  H N N 420 
# 
loop_
_chem_comp_bond.comp_id 
_chem_comp_bond.atom_id_1 
_chem_comp_bond.atom_id_2 
_chem_comp_bond.value_order 
_chem_comp_bond.pdbx_aromatic_flag 
_chem_comp_bond.pdbx_stereo_config 
_chem_comp_bond.pdbx_ordinal 
ALA N   CA   sing N N 1   
ALA N   H    sing N N 2   
ALA N   H2   sing N N 3   
ALA CA  C    sing N N 4   
ALA CA  CB   sing N N 5   
ALA CA  HA   sing N N 6   
ALA C   O    doub N N 7   
ALA C   OXT  sing N N 8   
ALA CB  HB1  sing N N 9   
ALA CB  HB2  sing N N 10  
ALA CB  HB3  sing N N 11  
ALA OXT HXT  sing N N 12  
ARG N   CA   sing N N 13  
ARG N   H    sing N N 14  
ARG N   H2   sing N N 15  
ARG CA  C    sing N N 16  
ARG CA  CB   sing N N 17  
ARG CA  HA   sing N N 18  
ARG C   O    doub N N 19  
ARG C   OXT  sing N N 20  
ARG CB  CG   sing N N 21  
ARG CB  HB2  sing N N 22  
ARG CB  HB3  sing N N 23  
ARG CG  CD   sing N N 24  
ARG CG  HG2  sing N N 25  
ARG CG  HG3  sing N N 26  
ARG CD  NE   sing N N 27  
ARG CD  HD2  sing N N 28  
ARG CD  HD3  sing N N 29  
ARG NE  CZ   sing N N 30  
ARG NE  HE   sing N N 31  
ARG CZ  NH1  sing N N 32  
ARG CZ  NH2  doub N N 33  
ARG NH1 HH11 sing N N 34  
ARG NH1 HH12 sing N N 35  
ARG NH2 HH21 sing N N 36  
ARG NH2 HH22 sing N N 37  
ARG OXT HXT  sing N N 38  
ASN N   CA   sing N N 39  
ASN N   H    sing N N 40  
ASN N   H2   sing N N 41  
ASN CA  C    sing N N 42  
ASN CA  CB   sing N N 43  
ASN CA  HA   sing N N 44  
ASN C   O    doub N N 45  
ASN C   OXT  sing N N 46  
ASN CB  CG   sing N N 47  
ASN CB  HB2  sing N N 48  
ASN CB  HB3  sing N N 49  
ASN CG  OD1  doub N N 50  
ASN CG  ND2  sing N N 51  
ASN ND2 HD21 sing N N 52  
ASN ND2 HD22 sing N N 53  
ASN OXT HXT  sing N N 54  
ASP N   CA   sing N N 55  
ASP N   H    sing N N 56  
ASP N   H2   sing N N 57  
ASP CA  C    sing N N 58  
ASP CA  CB   sing N N 59  
ASP CA  HA   sing N N 60  
ASP C   O    doub N N 61  
ASP C   OXT  sing N N 62  
ASP CB  CG   sing N N 63  
ASP CB  HB2  sing N N 64  
ASP CB  HB3  sing N N 65  
ASP CG  OD1  doub N N 66  
ASP CG  OD2  sing N N 67  
ASP OD2 HD2  sing N N 68  
ASP OXT HXT  sing N N 69  
CYS N   CA   sing N N 70  
CYS N   H    sing N N 71  
CYS N   H2   sing N N 72  
CYS CA  C    sing N N 73  
CYS CA  CB   sing N N 74  
CYS CA  HA   sing N N 75  
CYS C   O    doub N N 76  
CYS C   OXT  sing N N 77  
CYS CB  SG   sing N N 78  
CYS CB  HB2  sing N N 79  
CYS CB  HB3  sing N N 80  
CYS SG  HG   sing N N 81  
CYS OXT HXT  sing N N 82  
GLN N   CA   sing N N 83  
GLN N   H    sing N N 84  
GLN N   H2   sing N N 85  
GLN CA  C    sing N N 86  
GLN CA  CB   sing N N 87  
GLN CA  HA   sing N N 88  
GLN C   O    doub N N 89  
GLN C   OXT  sing N N 90  
GLN CB  CG   sing N N 91  
GLN CB  HB2  sing N N 92  
GLN CB  HB3  sing N N 93  
GLN CG  CD   sing N N 94  
GLN CG  HG2  sing N N 95  
GLN CG  HG3  sing N N 96  
GLN CD  OE1  doub N N 97  
GLN CD  NE2  sing N N 98  
GLN NE2 HE21 sing N N 99  
GLN NE2 HE22 sing N N 100 
GLN OXT HXT  sing N N 101 
GLU N   CA   sing N N 102 
GLU N   H    sing N N 103 
GLU N   H2   sing N N 104 
GLU CA  C    sing N N 105 
GLU CA  CB   sing N N 106 
GLU CA  HA   sing N N 107 
GLU C   O    doub N N 108 
GLU C   OXT  sing N N 109 
GLU CB  CG   sing N N 110 
GLU CB  HB2  sing N N 111 
GLU CB  HB3  sing N N 112 
GLU CG  CD   sing N N 113 
GLU CG  HG2  sing N N 114 
GLU CG  HG3  sing N N 115 
GLU CD  OE1  doub N N 116 
GLU CD  OE2  sing N N 117 
GLU OE2 HE2  sing N N 118 
GLU OXT HXT  sing N N 119 
GLY N   CA   sing N N 120 
GLY N   H    sing N N 121 
GLY N   H2   sing N N 122 
GLY CA  C    sing N N 123 
GLY CA  HA2  sing N N 124 
GLY CA  HA3  sing N N 125 
GLY C   O    doub N N 126 
GLY C   OXT  sing N N 127 
GLY OXT HXT  sing N N 128 
HIS N   CA   sing N N 129 
HIS N   H    sing N N 130 
HIS N   H2   sing N N 131 
HIS CA  C    sing N N 132 
HIS CA  CB   sing N N 133 
HIS CA  HA   sing N N 134 
HIS C   O    doub N N 135 
HIS C   OXT  sing N N 136 
HIS CB  CG   sing N N 137 
HIS CB  HB2  sing N N 138 
HIS CB  HB3  sing N N 139 
HIS CG  ND1  sing Y N 140 
HIS CG  CD2  doub Y N 141 
HIS ND1 CE1  doub Y N 142 
HIS ND1 HD1  sing N N 143 
HIS CD2 NE2  sing Y N 144 
HIS CD2 HD2  sing N N 145 
HIS CE1 NE2  sing Y N 146 
HIS CE1 HE1  sing N N 147 
HIS NE2 HE2  sing N N 148 
HIS OXT HXT  sing N N 149 
HOH O   H1   sing N N 150 
HOH O   H2   sing N N 151 
ILE N   CA   sing N N 152 
ILE N   H    sing N N 153 
ILE N   H2   sing N N 154 
ILE CA  C    sing N N 155 
ILE CA  CB   sing N N 156 
ILE CA  HA   sing N N 157 
ILE C   O    doub N N 158 
ILE C   OXT  sing N N 159 
ILE CB  CG1  sing N N 160 
ILE CB  CG2  sing N N 161 
ILE CB  HB   sing N N 162 
ILE CG1 CD1  sing N N 163 
ILE CG1 HG12 sing N N 164 
ILE CG1 HG13 sing N N 165 
ILE CG2 HG21 sing N N 166 
ILE CG2 HG22 sing N N 167 
ILE CG2 HG23 sing N N 168 
ILE CD1 HD11 sing N N 169 
ILE CD1 HD12 sing N N 170 
ILE CD1 HD13 sing N N 171 
ILE OXT HXT  sing N N 172 
LEU N   CA   sing N N 173 
LEU N   H    sing N N 174 
LEU N   H2   sing N N 175 
LEU CA  C    sing N N 176 
LEU CA  CB   sing N N 177 
LEU CA  HA   sing N N 178 
LEU C   O    doub N N 179 
LEU C   OXT  sing N N 180 
LEU CB  CG   sing N N 181 
LEU CB  HB2  sing N N 182 
LEU CB  HB3  sing N N 183 
LEU CG  CD1  sing N N 184 
LEU CG  CD2  sing N N 185 
LEU CG  HG   sing N N 186 
LEU CD1 HD11 sing N N 187 
LEU CD1 HD12 sing N N 188 
LEU CD1 HD13 sing N N 189 
LEU CD2 HD21 sing N N 190 
LEU CD2 HD22 sing N N 191 
LEU CD2 HD23 sing N N 192 
LEU OXT HXT  sing N N 193 
LYS N   CA   sing N N 194 
LYS N   H    sing N N 195 
LYS N   H2   sing N N 196 
LYS CA  C    sing N N 197 
LYS CA  CB   sing N N 198 
LYS CA  HA   sing N N 199 
LYS C   O    doub N N 200 
LYS C   OXT  sing N N 201 
LYS CB  CG   sing N N 202 
LYS CB  HB2  sing N N 203 
LYS CB  HB3  sing N N 204 
LYS CG  CD   sing N N 205 
LYS CG  HG2  sing N N 206 
LYS CG  HG3  sing N N 207 
LYS CD  CE   sing N N 208 
LYS CD  HD2  sing N N 209 
LYS CD  HD3  sing N N 210 
LYS CE  NZ   sing N N 211 
LYS CE  HE2  sing N N 212 
LYS CE  HE3  sing N N 213 
LYS NZ  HZ1  sing N N 214 
LYS NZ  HZ2  sing N N 215 
LYS NZ  HZ3  sing N N 216 
LYS OXT HXT  sing N N 217 
MET N   CA   sing N N 218 
MET N   H    sing N N 219 
MET N   H2   sing N N 220 
MET CA  C    sing N N 221 
MET CA  CB   sing N N 222 
MET CA  HA   sing N N 223 
MET C   O    doub N N 224 
MET C   OXT  sing N N 225 
MET CB  CG   sing N N 226 
MET CB  HB2  sing N N 227 
MET CB  HB3  sing N N 228 
MET CG  SD   sing N N 229 
MET CG  HG2  sing N N 230 
MET CG  HG3  sing N N 231 
MET SD  CE   sing N N 232 
MET CE  HE1  sing N N 233 
MET CE  HE2  sing N N 234 
MET CE  HE3  sing N N 235 
MET OXT HXT  sing N N 236 
NAG C1  C2   sing N N 237 
NAG C1  O1   sing N N 238 
NAG C1  O5   sing N N 239 
NAG C1  H1   sing N N 240 
NAG C2  C3   sing N N 241 
NAG C2  N2   sing N N 242 
NAG C2  H2   sing N N 243 
NAG C3  C4   sing N N 244 
NAG C3  O3   sing N N 245 
NAG C3  H3   sing N N 246 
NAG C4  C5   sing N N 247 
NAG C4  O4   sing N N 248 
NAG C4  H4   sing N N 249 
NAG C5  C6   sing N N 250 
NAG C5  O5   sing N N 251 
NAG C5  H5   sing N N 252 
NAG C6  O6   sing N N 253 
NAG C6  H61  sing N N 254 
NAG C6  H62  sing N N 255 
NAG C7  C8   sing N N 256 
NAG C7  N2   sing N N 257 
NAG C7  O7   doub N N 258 
NAG C8  H81  sing N N 259 
NAG C8  H82  sing N N 260 
NAG C8  H83  sing N N 261 
NAG N2  HN2  sing N N 262 
NAG O1  HO1  sing N N 263 
NAG O3  HO3  sing N N 264 
NAG O4  HO4  sing N N 265 
NAG O6  HO6  sing N N 266 
PHE N   CA   sing N N 267 
PHE N   H    sing N N 268 
PHE N   H2   sing N N 269 
PHE CA  C    sing N N 270 
PHE CA  CB   sing N N 271 
PHE CA  HA   sing N N 272 
PHE C   O    doub N N 273 
PHE C   OXT  sing N N 274 
PHE CB  CG   sing N N 275 
PHE CB  HB2  sing N N 276 
PHE CB  HB3  sing N N 277 
PHE CG  CD1  doub Y N 278 
PHE CG  CD2  sing Y N 279 
PHE CD1 CE1  sing Y N 280 
PHE CD1 HD1  sing N N 281 
PHE CD2 CE2  doub Y N 282 
PHE CD2 HD2  sing N N 283 
PHE CE1 CZ   doub Y N 284 
PHE CE1 HE1  sing N N 285 
PHE CE2 CZ   sing Y N 286 
PHE CE2 HE2  sing N N 287 
PHE CZ  HZ   sing N N 288 
PHE OXT HXT  sing N N 289 
PRO N   CA   sing N N 290 
PRO N   CD   sing N N 291 
PRO N   H    sing N N 292 
PRO CA  C    sing N N 293 
PRO CA  CB   sing N N 294 
PRO CA  HA   sing N N 295 
PRO C   O    doub N N 296 
PRO C   OXT  sing N N 297 
PRO CB  CG   sing N N 298 
PRO CB  HB2  sing N N 299 
PRO CB  HB3  sing N N 300 
PRO CG  CD   sing N N 301 
PRO CG  HG2  sing N N 302 
PRO CG  HG3  sing N N 303 
PRO CD  HD2  sing N N 304 
PRO CD  HD3  sing N N 305 
PRO OXT HXT  sing N N 306 
SER N   CA   sing N N 307 
SER N   H    sing N N 308 
SER N   H2   sing N N 309 
SER CA  C    sing N N 310 
SER CA  CB   sing N N 311 
SER CA  HA   sing N N 312 
SER C   O    doub N N 313 
SER C   OXT  sing N N 314 
SER CB  OG   sing N N 315 
SER CB  HB2  sing N N 316 
SER CB  HB3  sing N N 317 
SER OG  HG   sing N N 318 
SER OXT HXT  sing N N 319 
THR N   CA   sing N N 320 
THR N   H    sing N N 321 
THR N   H2   sing N N 322 
THR CA  C    sing N N 323 
THR CA  CB   sing N N 324 
THR CA  HA   sing N N 325 
THR C   O    doub N N 326 
THR C   OXT  sing N N 327 
THR CB  OG1  sing N N 328 
THR CB  CG2  sing N N 329 
THR CB  HB   sing N N 330 
THR OG1 HG1  sing N N 331 
THR CG2 HG21 sing N N 332 
THR CG2 HG22 sing N N 333 
THR CG2 HG23 sing N N 334 
THR OXT HXT  sing N N 335 
TRP N   CA   sing N N 336 
TRP N   H    sing N N 337 
TRP N   H2   sing N N 338 
TRP CA  C    sing N N 339 
TRP CA  CB   sing N N 340 
TRP CA  HA   sing N N 341 
TRP C   O    doub N N 342 
TRP C   OXT  sing N N 343 
TRP CB  CG   sing N N 344 
TRP CB  HB2  sing N N 345 
TRP CB  HB3  sing N N 346 
TRP CG  CD1  doub Y N 347 
TRP CG  CD2  sing Y N 348 
TRP CD1 NE1  sing Y N 349 
TRP CD1 HD1  sing N N 350 
TRP CD2 CE2  doub Y N 351 
TRP CD2 CE3  sing Y N 352 
TRP NE1 CE2  sing Y N 353 
TRP NE1 HE1  sing N N 354 
TRP CE2 CZ2  sing Y N 355 
TRP CE3 CZ3  doub Y N 356 
TRP CE3 HE3  sing N N 357 
TRP CZ2 CH2  doub Y N 358 
TRP CZ2 HZ2  sing N N 359 
TRP CZ3 CH2  sing Y N 360 
TRP CZ3 HZ3  sing N N 361 
TRP CH2 HH2  sing N N 362 
TRP OXT HXT  sing N N 363 
TYR N   CA   sing N N 364 
TYR N   H    sing N N 365 
TYR N   H2   sing N N 366 
TYR CA  C    sing N N 367 
TYR CA  CB   sing N N 368 
TYR CA  HA   sing N N 369 
TYR C   O    doub N N 370 
TYR C   OXT  sing N N 371 
TYR CB  CG   sing N N 372 
TYR CB  HB2  sing N N 373 
TYR CB  HB3  sing N N 374 
TYR CG  CD1  doub Y N 375 
TYR CG  CD2  sing Y N 376 
TYR CD1 CE1  sing Y N 377 
TYR CD1 HD1  sing N N 378 
TYR CD2 CE2  doub Y N 379 
TYR CD2 HD2  sing N N 380 
TYR CE1 CZ   doub Y N 381 
TYR CE1 HE1  sing N N 382 
TYR CE2 CZ   sing Y N 383 
TYR CE2 HE2  sing N N 384 
TYR CZ  OH   sing N N 385 
TYR OH  HH   sing N N 386 
TYR OXT HXT  sing N N 387 
VAL N   CA   sing N N 388 
VAL N   H    sing N N 389 
VAL N   H2   sing N N 390 
VAL CA  C    sing N N 391 
VAL CA  CB   sing N N 392 
VAL CA  HA   sing N N 393 
VAL C   O    doub N N 394 
VAL C   OXT  sing N N 395 
VAL CB  CG1  sing N N 396 
VAL CB  CG2  sing N N 397 
VAL CB  HB   sing N N 398 
VAL CG1 HG11 sing N N 399 
VAL CG1 HG12 sing N N 400 
VAL CG1 HG13 sing N N 401 
VAL CG2 HG21 sing N N 402 
VAL CG2 HG22 sing N N 403 
VAL CG2 HG23 sing N N 404 
VAL OXT HXT  sing N N 405 
# 
_pdbx_audit_support.funding_organization   
'National Institutes of Health/National Institute of General Medical Sciences (NIH/NIGMS)' 
_pdbx_audit_support.country                'United States' 
_pdbx_audit_support.grant_number           R35-GM122485 
_pdbx_audit_support.ordinal                1 
# 
_pdbx_initial_refinement_model.id               1 
_pdbx_initial_refinement_model.entity_id_list   ? 
_pdbx_initial_refinement_model.type             'experimental model' 
_pdbx_initial_refinement_model.source_name      PDB 
_pdbx_initial_refinement_model.accession_code   2YGN 
_pdbx_initial_refinement_model.details          ? 
# 
_atom_sites.entry_id                    7ME5 
_atom_sites.Cartn_transf_matrix[1][1]   ? 
_atom_sites.Cartn_transf_matrix[1][2]   ? 
_atom_sites.Cartn_transf_matrix[1][3]   ? 
_atom_sites.Cartn_transf_matrix[2][1]   ? 
_atom_sites.Cartn_transf_matrix[2][2]   ? 
_atom_sites.Cartn_transf_matrix[2][3]   ? 
_atom_sites.Cartn_transf_matrix[3][1]   ? 
_atom_sites.Cartn_transf_matrix[3][2]   ? 
_atom_sites.Cartn_transf_matrix[3][3]   ? 
_atom_sites.Cartn_transf_vector[1]      ? 
_atom_sites.Cartn_transf_vector[2]      ? 
_atom_sites.Cartn_transf_vector[3]      ? 
_atom_sites.fract_transf_matrix[1][1]   -0.00038326 
_atom_sites.fract_transf_matrix[1][2]   -0.01085867 
_atom_sites.fract_transf_matrix[1][3]   0.01378332 
_atom_sites.fract_transf_matrix[2][1]   0.00608360 
_atom_sites.fract_transf_matrix[2][2]   -0.00720392 
_atom_sites.fract_transf_matrix[2][3]   -0.00550617 
_atom_sites.fract_transf_matrix[3][1]   0.01087125 
_atom_sites.fract_transf_matrix[3][2]   0.00558598 
_atom_sites.fract_transf_matrix[3][3]   0.00470298 
_atom_sites.fract_transf_vector[1]      0.234999 
_atom_sites.fract_transf_vector[2]      0.134284 
_atom_sites.fract_transf_vector[3]      -0.154706 
_atom_sites.solution_primary            ? 
_atom_sites.solution_secondary          ? 
_atom_sites.solution_hydrogens          ? 
_atom_sites.special_details             ? 
# 
loop_
_atom_type.symbol 
C 
N 
O 
S 
# 
loop_
_atom_site.group_PDB 
_atom_site.id 
_atom_site.type_symbol 
_atom_site.label_atom_id 
_atom_site.label_alt_id 
_atom_site.label_comp_id 
_atom_site.label_asym_id 
_atom_site.label_entity_id 
_atom_site.label_seq_id 
_atom_site.pdbx_PDB_ins_code 
_atom_site.Cartn_x 
_atom_site.Cartn_y 
_atom_site.Cartn_z 
_atom_site.occupancy 
_atom_site.B_iso_or_equiv 
_atom_site.pdbx_formal_charge 
_atom_site.auth_seq_id 
_atom_site.auth_comp_id 
_atom_site.auth_asym_id 
_atom_site.auth_atom_id 
_atom_site.pdbx_PDB_model_num 
ATOM   1    N N   . TYR A 1 1   ? 19.958  -1.838  -6.194  1.00 43.79  ? 26  TYR A N   1 
ATOM   2    C CA  . TYR A 1 1   ? 20.040  -2.637  -4.976  1.00 41.68  ? 26  TYR A CA  1 
ATOM   3    C C   . TYR A 1 1   ? 18.653  -2.893  -4.409  1.00 46.15  ? 26  TYR A C   1 
ATOM   4    O O   . TYR A 1 1   ? 18.485  -3.681  -3.474  1.00 37.81  ? 26  TYR A O   1 
ATOM   5    C CB  . TYR A 1 1   ? 20.922  -1.940  -3.933  1.00 33.96  ? 26  TYR A CB  1 
ATOM   6    C CG  . TYR A 1 1   ? 20.362  -0.636  -3.386  1.00 36.86  ? 26  TYR A CG  1 
ATOM   7    C CD1 . TYR A 1 1   ? 19.518  -0.624  -2.277  1.00 43.77  ? 26  TYR A CD1 1 
ATOM   8    C CD2 . TYR A 1 1   ? 20.686  0.582   -3.973  1.00 40.69  ? 26  TYR A CD2 1 
ATOM   9    C CE1 . TYR A 1 1   ? 19.009  0.561   -1.775  1.00 44.79  ? 26  TYR A CE1 1 
ATOM   10   C CE2 . TYR A 1 1   ? 20.182  1.775   -3.476  1.00 40.69  ? 26  TYR A CE2 1 
ATOM   11   C CZ  . TYR A 1 1   ? 19.344  1.756   -2.377  1.00 40.11  ? 26  TYR A CZ  1 
ATOM   12   O OH  . TYR A 1 1   ? 18.838  2.935   -1.879  1.00 41.38  ? 26  TYR A OH  1 
ATOM   13   N N   . LEU A 1 2   ? 17.656  -2.226  -4.985  1.00 39.28  ? 27  LEU A N   1 
ATOM   14   C CA  . LEU A 1 2   ? 16.316  -2.219  -4.413  1.00 35.31  ? 27  LEU A CA  1 
ATOM   15   C C   . LEU A 1 2   ? 15.285  -2.230  -5.530  1.00 38.25  ? 27  LEU A C   1 
ATOM   16   O O   . LEU A 1 2   ? 15.347  -1.399  -6.441  1.00 34.44  ? 27  LEU A O   1 
ATOM   17   C CB  . LEU A 1 2   ? 16.126  -0.990  -3.523  1.00 31.02  ? 27  LEU A CB  1 
ATOM   18   C CG  . LEU A 1 2   ? 14.741  -0.763  -2.926  1.00 33.19  ? 27  LEU A CG  1 
ATOM   19   C CD1 . LEU A 1 2   ? 14.347  -1.881  -1.968  1.00 25.58  ? 27  LEU A CD1 1 
ATOM   20   C CD2 . LEU A 1 2   ? 14.696  0.592   -2.244  1.00 29.17  ? 27  LEU A CD2 1 
ATOM   21   N N   . ASN A 1 3   ? 14.347  -3.169  -5.461  1.00 38.62  ? 28  ASN A N   1 
ATOM   22   C CA  . ASN A 1 3   ? 13.181  -3.185  -6.333  1.00 35.62  ? 28  ASN A CA  1 
ATOM   23   C C   . ASN A 1 3   ? 11.935  -2.930  -5.499  1.00 39.71  ? 28  ASN A C   1 
ATOM   24   O O   . ASN A 1 3   ? 11.757  -3.537  -4.439  1.00 32.90  ? 28  ASN A O   1 
ATOM   25   C CB  . ASN A 1 3   ? 13.049  -4.517  -7.074  1.00 32.99  ? 28  ASN A CB  1 
ATOM   26   C CG  . ASN A 1 3   ? 14.090  -4.691  -8.160  1.00 29.63  ? 28  ASN A CG  1 
ATOM   27   O OD1 . ASN A 1 3   ? 14.768  -3.739  -8.544  1.00 34.72  ? 28  ASN A OD1 1 
ATOM   28   N ND2 . ASN A 1 3   ? 14.198  -5.907  -8.684  1.00 40.47  ? 28  ASN A ND2 1 
ATOM   29   N N   . ILE A 1 4   ? 11.088  -2.021  -5.969  1.00 33.47  ? 29  ILE A N   1 
ATOM   30   C CA  . ILE A 1 4   ? 9.768   -1.790  -5.397  1.00 31.87  ? 29  ILE A CA  1 
ATOM   31   C C   . ILE A 1 4   ? 8.792   -1.696  -6.560  1.00 29.84  ? 29  ILE A C   1 
ATOM   32   O O   . ILE A 1 4   ? 8.961   -0.855  -7.452  1.00 32.63  ? 29  ILE A O   1 
ATOM   33   C CB  . ILE A 1 4   ? 9.714   -0.519  -4.535  1.00 29.59  ? 29  ILE A CB  1 
ATOM   34   C CG1 . ILE A 1 4   ? 10.711  -0.617  -3.381  1.00 35.14  ? 29  ILE A CG1 1 
ATOM   35   C CG2 . ILE A 1 4   ? 8.307   -0.315  -3.995  1.00 25.55  ? 29  ILE A CG2 1 
ATOM   36   C CD1 . ILE A 1 4   ? 10.832  0.643   -2.570  1.00 31.12  ? 29  ILE A CD1 1 
ATOM   37   N N   . PHE A 1 5   ? 7.774   -2.553  -6.556  1.00 32.40  ? 30  PHE A N   1 
ATOM   38   C CA  . PHE A 1 5   ? 6.885   -2.656  -7.701  1.00 33.39  ? 30  PHE A CA  1 
ATOM   39   C C   . PHE A 1 5   ? 5.507   -3.102  -7.240  1.00 33.57  ? 30  PHE A C   1 
ATOM   40   O O   . PHE A 1 5   ? 5.334   -3.609  -6.129  1.00 35.04  ? 30  PHE A O   1 
ATOM   41   C CB  . PHE A 1 5   ? 7.450   -3.628  -8.746  1.00 34.86  ? 30  PHE A CB  1 
ATOM   42   C CG  . PHE A 1 5   ? 7.488   -5.064  -8.291  1.00 38.74  ? 30  PHE A CG  1 
ATOM   43   C CD1 . PHE A 1 5   ? 8.582   -5.557  -7.603  1.00 36.14  ? 30  PHE A CD1 1 
ATOM   44   C CD2 . PHE A 1 5   ? 6.444   -5.924  -8.581  1.00 35.01  ? 30  PHE A CD2 1 
ATOM   45   C CE1 . PHE A 1 5   ? 8.622   -6.874  -7.190  1.00 31.13  ? 30  PHE A CE1 1 
ATOM   46   C CE2 . PHE A 1 5   ? 6.475   -7.241  -8.177  1.00 37.09  ? 30  PHE A CE2 1 
ATOM   47   C CZ  . PHE A 1 5   ? 7.573   -7.718  -7.481  1.00 32.88  ? 30  PHE A CZ  1 
ATOM   48   N N   . ILE A 1 6   ? 4.522   -2.893  -8.112  1.00 31.56  ? 31  ILE A N   1 
ATOM   49   C CA  . ILE A 1 6   ? 3.189   -3.461  -7.959  1.00 34.55  ? 31  ILE A CA  1 
ATOM   50   C C   . ILE A 1 6   ? 2.985   -4.489  -9.063  1.00 30.98  ? 31  ILE A C   1 
ATOM   51   O O   . ILE A 1 6   ? 3.346   -4.247  -10.222 1.00 34.88  ? 31  ILE A O   1 
ATOM   52   C CB  . ILE A 1 6   ? 2.089   -2.384  -7.982  1.00 30.94  ? 31  ILE A CB  1 
ATOM   53   C CG1 . ILE A 1 6   ? 2.122   -1.564  -9.270  1.00 34.97  ? 31  ILE A CG1 1 
ATOM   54   C CG2 . ILE A 1 6   ? 2.195   -1.482  -6.762  1.00 25.58  ? 31  ILE A CG2 1 
ATOM   55   C CD1 . ILE A 1 6   ? 1.088   -0.469  -9.305  1.00 26.35  ? 31  ILE A CD1 1 
ATOM   56   N N   . SER A 1 7   ? 2.409   -5.632  -8.701  1.00 29.32  ? 32  SER A N   1 
ATOM   57   C CA  . SER A 1 7   ? 2.389   -6.788  -9.583  1.00 34.19  ? 32  SER A CA  1 
ATOM   58   C C   . SER A 1 7   ? 1.355   -6.619  -10.696 1.00 32.91  ? 32  SER A C   1 
ATOM   59   O O   . SER A 1 7   ? 0.585   -5.657  -10.738 1.00 29.23  ? 32  SER A O   1 
ATOM   60   C CB  . SER A 1 7   ? 2.089   -8.056  -8.789  1.00 27.25  ? 32  SER A CB  1 
ATOM   61   O OG  . SER A 1 7   ? 0.803   -7.978  -8.197  1.00 29.58  ? 32  SER A OG  1 
ATOM   62   N N   . HIS A 1 8   ? 1.357   -7.588  -11.617 1.00 35.44  ? 33  HIS A N   1 
ATOM   63   C CA  . HIS A 1 8   ? 0.320   -7.664  -12.643 1.00 39.54  ? 33  HIS A CA  1 
ATOM   64   C C   . HIS A 1 8   ? -1.070  -7.684  -12.019 1.00 38.41  ? 33  HIS A C   1 
ATOM   65   O O   . HIS A 1 8   ? -1.954  -6.916  -12.417 1.00 31.46  ? 33  HIS A O   1 
ATOM   66   C CB  . HIS A 1 8   ? 0.525   -8.907  -13.512 1.00 41.61  ? 33  HIS A CB  1 
ATOM   67   C CG  . HIS A 1 8   ? 1.662   -8.797  -14.480 1.00 57.34  ? 33  HIS A CG  1 
ATOM   68   N ND1 . HIS A 1 8   ? 1.470   -8.541  -15.821 1.00 56.44  ? 33  HIS A ND1 1 
ATOM   69   C CD2 . HIS A 1 8   ? 2.999   -8.915  -14.306 1.00 55.08  ? 33  HIS A CD2 1 
ATOM   70   C CE1 . HIS A 1 8   ? 2.642   -8.507  -16.432 1.00 52.38  ? 33  HIS A CE1 1 
ATOM   71   N NE2 . HIS A 1 8   ? 3.585   -8.731  -15.535 1.00 56.53  ? 33  HIS A NE2 1 
ATOM   72   N N   . HIS A 1 9   ? -1.276  -8.560  -11.030 1.00 35.31  ? 34  HIS A N   1 
ATOM   73   C CA  . HIS A 1 9   ? -2.574  -8.646  -10.367 1.00 32.51  ? 34  HIS A CA  1 
ATOM   74   C C   . HIS A 1 9   ? -2.963  -7.318  -9.728  1.00 31.19  ? 34  HIS A C   1 
ATOM   75   O O   . HIS A 1 9   ? -4.137  -6.928  -9.756  1.00 35.52  ? 34  HIS A O   1 
ATOM   76   C CB  . HIS A 1 9   ? -2.565  -9.753  -9.310  1.00 46.47  ? 34  HIS A CB  1 
ATOM   77   C CG  . HIS A 1 9   ? -2.041  -11.066 -9.802  1.00 57.34  ? 34  HIS A CG  1 
ATOM   78   N ND1 . HIS A 1 9   ? -2.702  -11.824 -10.744 1.00 62.51  ? 34  HIS A ND1 1 
ATOM   79   C CD2 . HIS A 1 9   ? -0.952  -11.783 -9.439  1.00 70.02  ? 34  HIS A CD2 1 
ATOM   80   C CE1 . HIS A 1 9   ? -2.024  -12.935 -10.967 1.00 65.36  ? 34  HIS A CE1 1 
ATOM   81   N NE2 . HIS A 1 9   ? -0.958  -12.936 -10.186 1.00 74.94  ? 34  HIS A NE2 1 
ATOM   82   N N   . GLU A 1 10  ? -1.994  -6.609  -9.143  1.00 31.40  ? 35  GLU A N   1 
ATOM   83   C CA  . GLU A 1 10  ? -2.302  -5.332  -8.503  1.00 32.66  ? 35  GLU A CA  1 
ATOM   84   C C   . GLU A 1 10  ? -2.713  -4.281  -9.528  1.00 28.71  ? 35  GLU A C   1 
ATOM   85   O O   . GLU A 1 10  ? -3.624  -3.483  -9.277  1.00 33.62  ? 35  GLU A O   1 
ATOM   86   C CB  . GLU A 1 10  ? -1.103  -4.847  -7.687  1.00 35.06  ? 35  GLU A CB  1 
ATOM   87   C CG  . GLU A 1 10  ? -1.389  -3.633  -6.811  1.00 34.02  ? 35  GLU A CG  1 
ATOM   88   C CD  . GLU A 1 10  ? -2.317  -3.939  -5.648  1.00 39.66  ? 35  GLU A CD  1 
ATOM   89   O OE1 . GLU A 1 10  ? -2.725  -2.987  -4.946  1.00 37.37  ? 35  GLU A OE1 1 
ATOM   90   O OE2 . GLU A 1 10  ? -2.639  -5.126  -5.428  1.00 36.77  ? 35  GLU A OE2 1 
ATOM   91   N N   . VAL A 1 11  ? -2.044  -4.256  -10.680 1.00 27.25  ? 36  VAL A N   1 
ATOM   92   C CA  . VAL A 1 11  ? -2.402  -3.299  -11.720 1.00 30.98  ? 36  VAL A CA  1 
ATOM   93   C C   . VAL A 1 11  ? -3.761  -3.643  -12.319 1.00 29.61  ? 36  VAL A C   1 
ATOM   94   O O   . VAL A 1 11  ? -4.548  -2.751  -12.661 1.00 29.87  ? 36  VAL A O   1 
ATOM   95   C CB  . VAL A 1 11  ? -1.300  -3.250  -12.792 1.00 30.60  ? 36  VAL A CB  1 
ATOM   96   C CG1 . VAL A 1 11  ? -1.727  -2.364  -13.959 1.00 31.66  ? 36  VAL A CG1 1 
ATOM   97   C CG2 . VAL A 1 11  ? 0.004   -2.752  -12.187 1.00 27.85  ? 36  VAL A CG2 1 
ATOM   98   N N   . MET A 1 12  ? -4.059  -4.935  -12.458 1.00 32.18  ? 37  MET A N   1 
ATOM   99   C CA  . MET A 1 12  ? -5.374  -5.338  -12.949 1.00 38.93  ? 37  MET A CA  1 
ATOM   100  C C   . MET A 1 12  ? -6.463  -4.958  -11.955 1.00 33.18  ? 37  MET A C   1 
ATOM   101  O O   . MET A 1 12  ? -7.522  -4.451  -12.339 1.00 33.31  ? 37  MET A O   1 
ATOM   102  C CB  . MET A 1 12  ? -5.387  -6.840  -13.222 1.00 37.12  ? 37  MET A CB  1 
ATOM   103  C CG  . MET A 1 12  ? -4.919  -7.212  -14.616 1.00 51.72  ? 37  MET A CG  1 
ATOM   104  S SD  . MET A 1 12  ? -6.173  -7.082  -15.904 1.00 38.62  ? 37  MET A SD  1 
ATOM   105  C CE  . MET A 1 12  ? -7.476  -8.091  -15.210 1.00 42.24  ? 37  MET A CE  1 
ATOM   106  N N   . LYS A 1 13  ? -6.213  -5.197  -10.666 1.00 31.95  ? 38  LYS A N   1 
ATOM   107  C CA  . LYS A 1 13  ? -7.156  -4.793  -9.629  1.00 34.54  ? 38  LYS A CA  1 
ATOM   108  C C   . LYS A 1 13  ? -7.394  -3.288  -9.653  1.00 46.01  ? 38  LYS A C   1 
ATOM   109  O O   . LYS A 1 13  ? -8.537  -2.825  -9.587  1.00 37.52  ? 38  LYS A O   1 
ATOM   110  C CB  . LYS A 1 13  ? -6.629  -5.227  -8.264  1.00 36.12  ? 38  LYS A CB  1 
ATOM   111  C CG  . LYS A 1 13  ? -7.646  -5.157  -7.146  1.00 34.58  ? 38  LYS A CG  1 
ATOM   112  C CD  . LYS A 1 13  ? -6.994  -5.521  -5.827  1.00 40.46  ? 38  LYS A CD  1 
ATOM   113  C CE  . LYS A 1 13  ? -5.807  -4.612  -5.550  1.00 43.48  ? 38  LYS A CE  1 
ATOM   114  N NZ  . LYS A 1 13  ? -5.279  -4.776  -4.169  1.00 39.16  ? 38  LYS A NZ  1 
ATOM   115  N N   . LEU A 1 14  ? -6.318  -2.505  -9.749  1.00 36.23  ? 39  LEU A N   1 
ATOM   116  C CA  . LEU A 1 14  ? -6.437  -1.058  -9.606  1.00 43.67  ? 39  LEU A CA  1 
ATOM   117  C C   . LEU A 1 14  ? -6.850  -0.377  -10.907 1.00 31.04  ? 39  LEU A C   1 
ATOM   118  O O   . LEU A 1 14  ? -7.640  0.572   -10.885 1.00 41.72  ? 39  LEU A O   1 
ATOM   119  C CB  . LEU A 1 14  ? -5.118  -0.471  -9.104  1.00 41.37  ? 39  LEU A CB  1 
ATOM   120  C CG  . LEU A 1 14  ? -4.823  -0.567  -7.608  1.00 31.55  ? 39  LEU A CG  1 
ATOM   121  C CD1 . LEU A 1 14  ? -3.473  0.057   -7.318  1.00 32.37  ? 39  LEU A CD1 1 
ATOM   122  C CD2 . LEU A 1 14  ? -5.912  0.119   -6.798  1.00 39.11  ? 39  LEU A CD2 1 
ATOM   123  N N   . MET A 1 15  ? -6.334  -0.837  -12.048 1.00 39.84  ? 40  MET A N   1 
ATOM   124  C CA  . MET A 1 15  ? -6.454  -0.071  -13.283 1.00 41.89  ? 40  MET A CA  1 
ATOM   125  C C   . MET A 1 15  ? -7.050  -0.831  -14.461 1.00 40.87  ? 40  MET A C   1 
ATOM   126  O O   . MET A 1 15  ? -7.421  -0.187  -15.448 1.00 36.44  ? 40  MET A O   1 
ATOM   127  C CB  . MET A 1 15  ? -5.079  0.475   -13.692 1.00 32.19  ? 40  MET A CB  1 
ATOM   128  C CG  . MET A 1 15  ? -4.604  1.616   -12.804 1.00 48.68  ? 40  MET A CG  1 
ATOM   129  S SD  . MET A 1 15  ? -2.913  2.150   -13.132 1.00 46.53  ? 40  MET A SD  1 
ATOM   130  C CE  . MET A 1 15  ? -2.017  1.298   -11.837 1.00 44.44  ? 40  MET A CE  1 
ATOM   131  N N   . GLY A 1 16  ? -7.142  -2.156  -14.410 1.00 40.01  ? 41  GLY A N   1 
ATOM   132  C CA  . GLY A 1 16  ? -7.711  -2.923  -15.498 1.00 33.91  ? 41  GLY A CA  1 
ATOM   133  C C   . GLY A 1 16  ? -6.767  -3.251  -16.634 1.00 41.63  ? 41  GLY A C   1 
ATOM   134  O O   . GLY A 1 16  ? -7.230  -3.714  -17.684 1.00 36.80  ? 41  GLY A O   1 
ATOM   135  N N   . LEU A 1 17  ? -5.467  -3.034  -16.465 1.00 37.28  ? 42  LEU A N   1 
ATOM   136  C CA  . LEU A 1 17  ? -4.489  -3.326  -17.501 1.00 35.91  ? 42  LEU A CA  1 
ATOM   137  C C   . LEU A 1 17  ? -3.671  -4.552  -17.117 1.00 37.56  ? 42  LEU A C   1 
ATOM   138  O O   . LEU A 1 17  ? -3.509  -4.865  -15.936 1.00 36.79  ? 42  LEU A O   1 
ATOM   139  C CB  . LEU A 1 17  ? -3.548  -2.139  -17.719 1.00 37.63  ? 42  LEU A CB  1 
ATOM   140  C CG  . LEU A 1 17  ? -4.130  -0.786  -18.112 1.00 43.18  ? 42  LEU A CG  1 
ATOM   141  C CD1 . LEU A 1 17  ? -3.648  0.222   -17.113 1.00 53.01  ? 42  LEU A CD1 1 
ATOM   142  C CD2 . LEU A 1 17  ? -3.686  -0.380  -19.508 1.00 45.91  ? 42  LEU A CD2 1 
ATOM   143  N N   . GLU A 1 18  ? -3.142  -5.238  -18.131 1.00 39.28  ? 43  GLU A N   1 
ATOM   144  C CA  . GLU A 1 18  ? -2.188  -6.326  -17.908 1.00 43.42  ? 43  GLU A CA  1 
ATOM   145  C C   . GLU A 1 18  ? -0.783  -5.756  -18.041 1.00 38.40  ? 43  GLU A C   1 
ATOM   146  O O   . GLU A 1 18  ? -0.228  -5.645  -19.135 1.00 39.45  ? 43  GLU A O   1 
ATOM   147  C CB  . GLU A 1 18  ? -2.419  -7.480  -18.875 1.00 60.40  ? 43  GLU A CB  1 
ATOM   148  C CG  . GLU A 1 18  ? -1.902  -8.818  -18.351 1.00 69.42  ? 43  GLU A CG  1 
ATOM   149  C CD  . GLU A 1 18  ? -2.878  -9.493  -17.408 1.00 80.77  ? 43  GLU A CD  1 
ATOM   150  O OE1 . GLU A 1 18  ? -3.908  -10.003 -17.894 1.00 85.29  ? 43  GLU A OE1 1 
ATOM   151  O OE2 . GLU A 1 18  ? -2.615  -9.526  -16.187 1.00 79.25  ? 43  GLU A OE2 1 
ATOM   152  N N   . ALA A 1 19  ? -0.207  -5.394  -16.900 1.00 42.88  ? 44  ALA A N   1 
ATOM   153  C CA  . ALA A 1 19  ? 1.158   -4.902  -16.815 1.00 31.59  ? 44  ALA A CA  1 
ATOM   154  C C   . ALA A 1 19  ? 1.544   -4.887  -15.346 1.00 36.84  ? 44  ALA A C   1 
ATOM   155  O O   . ALA A 1 19  ? 0.682   -4.906  -14.462 1.00 34.65  ? 44  ALA A O   1 
ATOM   156  C CB  . ALA A 1 19  ? 1.307   -3.503  -17.425 1.00 29.83  ? 44  ALA A CB  1 
ATOM   157  N N   . ASP A 1 20  ? 2.846   -4.883  -15.088 1.00 36.41  ? 45  ASP A N   1 
ATOM   158  C CA  . ASP A 1 20  ? 3.336   -4.530  -13.769 1.00 40.16  ? 45  ASP A CA  1 
ATOM   159  C C   . ASP A 1 20  ? 3.933   -3.130  -13.839 1.00 38.03  ? 45  ASP A C   1 
ATOM   160  O O   . ASP A 1 20  ? 3.953   -2.489  -14.891 1.00 42.47  ? 45  ASP A O   1 
ATOM   161  C CB  . ASP A 1 20  ? 4.328   -5.574  -13.237 1.00 38.81  ? 45  ASP A CB  1 
ATOM   162  C CG  . ASP A 1 20  ? 5.544   -5.769  -14.133 1.00 44.12  ? 45  ASP A CG  1 
ATOM   163  O OD1 . ASP A 1 20  ? 6.163   -6.850  -14.034 1.00 49.47  ? 45  ASP A OD1 1 
ATOM   164  O OD2 . ASP A 1 20  ? 5.896   -4.866  -14.918 1.00 45.70  ? 45  ASP A OD2 1 
ATOM   165  N N   . LEU A 1 21  ? 4.418   -2.642  -12.705 1.00 33.42  ? 46  LEU A N   1 
ATOM   166  C CA  . LEU A 1 21  ? 4.898   -1.266  -12.629 1.00 33.07  ? 46  LEU A CA  1 
ATOM   167  C C   . LEU A 1 21  ? 5.972   -1.202  -11.555 1.00 39.21  ? 46  LEU A C   1 
ATOM   168  O O   . LEU A 1 21  ? 5.669   -1.330  -10.366 1.00 30.27  ? 46  LEU A O   1 
ATOM   169  C CB  . LEU A 1 21  ? 3.751   -0.306  -12.325 1.00 32.26  ? 46  LEU A CB  1 
ATOM   170  C CG  . LEU A 1 21  ? 4.083   1.159   -12.031 1.00 30.23  ? 46  LEU A CG  1 
ATOM   171  C CD1 . LEU A 1 21  ? 4.967   1.729   -13.124 1.00 31.78  ? 46  LEU A CD1 1 
ATOM   172  C CD2 . LEU A 1 21  ? 2.810   1.973   -11.904 1.00 36.25  ? 46  LEU A CD2 1 
ATOM   173  N N   . PHE A 1 22  ? 7.221   -1.016  -11.972 1.00 30.34  ? 47  PHE A N   1 
ATOM   174  C CA  . PHE A 1 22  ? 8.340   -0.908  -11.045 1.00 36.67  ? 47  PHE A CA  1 
ATOM   175  C C   . PHE A 1 22  ? 8.520   0.559   -10.680 1.00 30.79  ? 47  PHE A C   1 
ATOM   176  O O   . PHE A 1 22  ? 8.889   1.381   -11.526 1.00 36.75  ? 47  PHE A O   1 
ATOM   177  C CB  . PHE A 1 22  ? 9.609   -1.498  -11.654 1.00 37.44  ? 47  PHE A CB  1 
ATOM   178  C CG  . PHE A 1 22  ? 9.730   -2.987  -11.466 1.00 48.21  ? 47  PHE A CG  1 
ATOM   179  C CD1 . PHE A 1 22  ? 8.959   -3.860  -12.219 1.00 46.10  ? 47  PHE A CD1 1 
ATOM   180  C CD2 . PHE A 1 22  ? 10.605  -3.514  -10.527 1.00 47.77  ? 47  PHE A CD2 1 
ATOM   181  C CE1 . PHE A 1 22  ? 9.061   -5.232  -12.043 1.00 51.69  ? 47  PHE A CE1 1 
ATOM   182  C CE2 . PHE A 1 22  ? 10.712  -4.883  -10.348 1.00 44.75  ? 47  PHE A CE2 1 
ATOM   183  C CZ  . PHE A 1 22  ? 9.941   -5.741  -11.105 1.00 41.65  ? 47  PHE A CZ  1 
ATOM   184  N N   . TYR A 1 23  ? 8.232   0.890   -9.422  1.00 28.25  ? 48  TYR A N   1 
ATOM   185  C CA  . TYR A 1 23  ? 8.430   2.247   -8.933  1.00 31.35  ? 48  TYR A CA  1 
ATOM   186  C C   . TYR A 1 23  ? 9.893   2.505   -8.595  1.00 32.37  ? 48  TYR A C   1 
ATOM   187  O O   . TYR A 1 23  ? 10.379  3.631   -8.750  1.00 32.54  ? 48  TYR A O   1 
ATOM   188  C CB  . TYR A 1 23  ? 7.541   2.485   -7.712  1.00 35.71  ? 48  TYR A CB  1 
ATOM   189  C CG  . TYR A 1 23  ? 6.077   2.651   -8.046  1.00 35.12  ? 48  TYR A CG  1 
ATOM   190  C CD1 . TYR A 1 23  ? 5.633   3.753   -8.754  1.00 34.26  ? 48  TYR A CD1 1 
ATOM   191  C CD2 . TYR A 1 23  ? 5.144   1.698   -7.663  1.00 26.43  ? 48  TYR A CD2 1 
ATOM   192  C CE1 . TYR A 1 23  ? 4.293   3.915   -9.060  1.00 28.52  ? 48  TYR A CE1 1 
ATOM   193  C CE2 . TYR A 1 23  ? 3.801   1.849   -7.967  1.00 30.77  ? 48  TYR A CE2 1 
ATOM   194  C CZ  . TYR A 1 23  ? 3.381   2.959   -8.665  1.00 33.53  ? 48  TYR A CZ  1 
ATOM   195  O OH  . TYR A 1 23  ? 2.049   3.121   -8.974  1.00 33.99  ? 48  TYR A OH  1 
ATOM   196  N N   . VAL A 1 24  ? 10.601  1.476   -8.134  1.00 30.06  ? 49  VAL A N   1 
ATOM   197  C CA  . VAL A 1 24  ? 12.049  1.491   -7.978  1.00 32.83  ? 49  VAL A CA  1 
ATOM   198  C C   . VAL A 1 24  ? 12.583  0.235   -8.645  1.00 27.08  ? 49  VAL A C   1 
ATOM   199  O O   . VAL A 1 24  ? 12.052  -0.858  -8.425  1.00 34.43  ? 49  VAL A O   1 
ATOM   200  C CB  . VAL A 1 24  ? 12.476  1.536   -6.499  1.00 41.28  ? 49  VAL A CB  1 
ATOM   201  C CG1 . VAL A 1 24  ? 13.979  1.731   -6.388  1.00 35.82  ? 49  VAL A CG1 1 
ATOM   202  C CG2 . VAL A 1 24  ? 11.729  2.634   -5.762  1.00 41.20  ? 49  VAL A CG2 1 
ATOM   203  N N   . HIS A 1 25  ? 13.612  0.389   -9.477  1.00 28.16  ? 50  HIS A N   1 
ATOM   204  C CA  . HIS A 1 25  ? 14.231  -0.751  -10.149 1.00 34.26  ? 50  HIS A CA  1 
ATOM   205  C C   . HIS A 1 25  ? 15.738  -0.645  -9.984  1.00 42.64  ? 50  HIS A C   1 
ATOM   206  O O   . HIS A 1 25  ? 16.363  0.259   -10.548 1.00 43.36  ? 50  HIS A O   1 
ATOM   207  C CB  . HIS A 1 25  ? 13.852  -0.817  -11.629 1.00 39.66  ? 50  HIS A CB  1 
ATOM   208  C CG  . HIS A 1 25  ? 14.495  -1.958  -12.355 1.00 41.10  ? 50  HIS A CG  1 
ATOM   209  N ND1 . HIS A 1 25  ? 14.158  -3.273  -12.115 1.00 49.82  ? 50  HIS A ND1 1 
ATOM   210  C CD2 . HIS A 1 25  ? 15.468  -1.984  -13.296 1.00 42.33  ? 50  HIS A CD2 1 
ATOM   211  C CE1 . HIS A 1 25  ? 14.890  -4.060  -12.883 1.00 44.85  ? 50  HIS A CE1 1 
ATOM   212  N NE2 . HIS A 1 25  ? 15.692  -3.303  -13.609 1.00 57.78  ? 50  HIS A NE2 1 
ATOM   213  N N   . GLU A 1 26  ? 16.313  -1.572  -9.218  1.00 44.89  ? 51  GLU A N   1 
ATOM   214  C CA  . GLU A 1 26  ? 17.751  -1.607  -8.961  1.00 45.03  ? 51  GLU A CA  1 
ATOM   215  C C   . GLU A 1 26  ? 18.249  -0.256  -8.453  1.00 38.17  ? 51  GLU A C   1 
ATOM   216  O O   . GLU A 1 26  ? 19.296  0.246   -8.867  1.00 42.70  ? 51  GLU A O   1 
ATOM   217  C CB  . GLU A 1 26  ? 18.518  -2.058  -10.206 1.00 45.51  ? 51  GLU A CB  1 
ATOM   218  C CG  . GLU A 1 26  ? 18.268  -3.524  -10.563 1.00 49.86  ? 51  GLU A CG  1 
ATOM   219  C CD  . GLU A 1 26  ? 18.845  -3.926  -11.908 1.00 58.01  ? 51  GLU A CD  1 
ATOM   220  O OE1 . GLU A 1 26  ? 19.626  -3.143  -12.487 1.00 72.79  ? 51  GLU A OE1 1 
ATOM   221  O OE2 . GLU A 1 26  ? 18.510  -5.029  -12.388 1.00 71.64  ? 51  GLU A OE2 1 
ATOM   222  N N   . GLY A 1 27  ? 17.475  0.344   -7.547  1.00 38.07  ? 52  GLY A N   1 
ATOM   223  C CA  . GLY A 1 27  ? 17.825  1.601   -6.928  1.00 33.77  ? 52  GLY A CA  1 
ATOM   224  C C   . GLY A 1 27  ? 17.319  2.840   -7.641  1.00 42.57  ? 52  GLY A C   1 
ATOM   225  O O   . GLY A 1 27  ? 17.280  3.915   -7.032  1.00 41.55  ? 52  GLY A O   1 
ATOM   226  N N   . ALA A 1 28  ? 16.928  2.725   -8.908  1.00 42.08  ? 53  ALA A N   1 
ATOM   227  C CA  . ALA A 1 28  ? 16.511  3.871   -9.708  1.00 37.16  ? 53  ALA A CA  1 
ATOM   228  C C   . ALA A 1 28  ? 15.018  4.109   -9.525  1.00 34.46  ? 53  ALA A C   1 
ATOM   229  O O   . ALA A 1 28  ? 14.205  3.207   -9.763  1.00 30.43  ? 53  ALA A O   1 
ATOM   230  C CB  . ALA A 1 28  ? 16.844  3.647   -11.183 1.00 37.27  ? 53  ALA A CB  1 
ATOM   231  N N   . ILE A 1 29  ? 14.657  5.320   -9.111  1.00 35.80  ? 54  ILE A N   1 
ATOM   232  C CA  . ILE A 1 29  ? 13.259  5.657   -8.870  1.00 36.75  ? 54  ILE A CA  1 
ATOM   233  C C   . ILE A 1 29  ? 12.587  5.985   -10.196 1.00 40.07  ? 54  ILE A C   1 
ATOM   234  O O   . ILE A 1 29  ? 13.122  6.747   -11.011 1.00 35.06  ? 54  ILE A O   1 
ATOM   235  C CB  . ILE A 1 29  ? 13.141  6.835   -7.888  1.00 36.24  ? 54  ILE A CB  1 
ATOM   236  C CG1 . ILE A 1 29  ? 13.716  6.457   -6.522  1.00 31.41  ? 54  ILE A CG1 1 
ATOM   237  C CG2 . ILE A 1 29  ? 11.687  7.280   -7.760  1.00 37.10  ? 54  ILE A CG2 1 
ATOM   238  C CD1 . ILE A 1 29  ? 13.535  7.529   -5.469  1.00 42.34  ? 54  ILE A CD1 1 
ATOM   239  N N   . ASN A 1 30  ? 11.409  5.401   -10.414 1.00 31.26  ? 55  ASN A N   1 
ATOM   240  C CA  . ASN A 1 30  ? 10.552  5.757   -11.543 1.00 30.85  ? 55  ASN A CA  1 
ATOM   241  C C   . ASN A 1 30  ? 9.837   7.060   -11.194 1.00 24.44  ? 55  ASN A C   1 
ATOM   242  O O   . ASN A 1 30  ? 8.690   7.074   -10.742 1.00 32.87  ? 55  ASN A O   1 
ATOM   243  C CB  . ASN A 1 30  ? 9.564   4.634   -11.833 1.00 28.42  ? 55  ASN A CB  1 
ATOM   244  C CG  . ASN A 1 30  ? 8.850   4.805   -13.159 1.00 34.23  ? 55  ASN A CG  1 
ATOM   245  O OD1 . ASN A 1 30  ? 8.810   5.899   -13.723 1.00 28.23  ? 55  ASN A OD1 1 
ATOM   246  N ND2 . ASN A 1 30  ? 8.269   3.722   -13.661 1.00 34.45  ? 55  ASN A ND2 1 
ATOM   247  N N   . THR A 1 31  ? 10.534  8.181   -11.411 1.00 26.31  ? 56  THR A N   1 
ATOM   248  C CA  . THR A 1 31  ? 9.990   9.470   -10.993 1.00 24.79  ? 56  THR A CA  1 
ATOM   249  C C   . THR A 1 31  ? 8.737   9.837   -11.782 1.00 29.87  ? 56  THR A C   1 
ATOM   250  O O   . THR A 1 31  ? 7.830   10.471  -11.231 1.00 32.61  ? 56  THR A O   1 
ATOM   251  C CB  . THR A 1 31  ? 11.052  10.566  -11.128 1.00 27.39  ? 56  THR A CB  1 
ATOM   252  O OG1 . THR A 1 31  ? 11.494  10.641  -12.486 1.00 33.95  ? 56  THR A OG1 1 
ATOM   253  C CG2 . THR A 1 31  ? 12.250  10.275  -10.226 1.00 37.06  ? 56  THR A CG2 1 
ATOM   254  N N   . TYR A 1 32  ? 8.659   9.442   -13.055 1.00 24.10  ? 57  TYR A N   1 
ATOM   255  C CA  . TYR A 1 32  ? 7.470   9.732   -13.853 1.00 31.37  ? 57  TYR A CA  1 
ATOM   256  C C   . TYR A 1 32  ? 6.233   9.085   -13.243 1.00 27.58  ? 57  TYR A C   1 
ATOM   257  O O   . TYR A 1 32  ? 5.209   9.744   -13.029 1.00 32.42  ? 57  TYR A O   1 
ATOM   258  C CB  . TYR A 1 32  ? 7.672   9.245   -15.287 1.00 25.69  ? 57  TYR A CB  1 
ATOM   259  C CG  . TYR A 1 32  ? 6.505   9.559   -16.195 1.00 31.24  ? 57  TYR A CG  1 
ATOM   260  C CD1 . TYR A 1 32  ? 6.188   10.866  -16.529 1.00 35.90  ? 57  TYR A CD1 1 
ATOM   261  C CD2 . TYR A 1 32  ? 5.697   8.547   -16.688 1.00 27.42  ? 57  TYR A CD2 1 
ATOM   262  C CE1 . TYR A 1 32  ? 5.112   11.157  -17.352 1.00 39.74  ? 57  TYR A CE1 1 
ATOM   263  C CE2 . TYR A 1 32  ? 4.617   8.827   -17.504 1.00 36.91  ? 57  TYR A CE2 1 
ATOM   264  C CZ  . TYR A 1 32  ? 4.329   10.132  -17.840 1.00 31.04  ? 57  TYR A CZ  1 
ATOM   265  O OH  . TYR A 1 32  ? 3.252   10.412  -18.657 1.00 33.17  ? 57  TYR A OH  1 
ATOM   266  N N   . ALA A 1 33  ? 6.316   7.784   -12.948 1.00 29.60  ? 58  ALA A N   1 
ATOM   267  C CA  . ALA A 1 33  ? 5.182   7.080   -12.360 1.00 34.29  ? 58  ALA A CA  1 
ATOM   268  C C   . ALA A 1 33  ? 4.833   7.622   -10.982 1.00 33.67  ? 58  ALA A C   1 
ATOM   269  O O   . ALA A 1 33  ? 3.657   7.619   -10.596 1.00 31.19  ? 58  ALA A O   1 
ATOM   270  C CB  . ALA A 1 33  ? 5.481   5.586   -12.276 1.00 30.60  ? 58  ALA A CB  1 
ATOM   271  N N   . MET A 1 34  ? 5.831   8.091   -10.229 1.00 30.68  ? 59  MET A N   1 
ATOM   272  C CA  . MET A 1 34  ? 5.580   8.615   -8.892  1.00 26.94  ? 59  MET A CA  1 
ATOM   273  C C   . MET A 1 34  ? 4.819   9.934   -8.926  1.00 32.03  ? 59  MET A C   1 
ATOM   274  O O   . MET A 1 34  ? 4.261   10.340  -7.900  1.00 29.64  ? 59  MET A O   1 
ATOM   275  C CB  . MET A 1 34  ? 6.902   8.795   -8.142  1.00 30.80  ? 59  MET A CB  1 
ATOM   276  C CG  . MET A 1 34  ? 7.576   7.502   -7.699  1.00 26.71  ? 59  MET A CG  1 
ATOM   277  S SD  . MET A 1 34  ? 6.549   6.333   -6.767  1.00 33.03  ? 59  MET A SD  1 
ATOM   278  C CE  . MET A 1 34  ? 5.978   7.373   -5.431  1.00 31.51  ? 59  MET A CE  1 
ATOM   279  N N   . HIS A 1 35  ? 4.778   10.610  -10.079 1.00 31.52  ? 60  HIS A N   1 
ATOM   280  C CA  . HIS A 1 35  ? 4.014   11.851  -10.182 1.00 39.18  ? 60  HIS A CA  1 
ATOM   281  C C   . HIS A 1 35  ? 2.515   11.603  -10.121 1.00 39.73  ? 60  HIS A C   1 
ATOM   282  O O   . HIS A 1 35  ? 1.760   12.483  -9.691  1.00 34.71  ? 60  HIS A O   1 
ATOM   283  C CB  . HIS A 1 35  ? 4.332   12.594  -11.478 1.00 47.13  ? 60  HIS A CB  1 
ATOM   284  C CG  . HIS A 1 35  ? 5.648   13.304  -11.467 1.00 61.86  ? 60  HIS A CG  1 
ATOM   285  N ND1 . HIS A 1 35  ? 5.830   14.515  -10.835 1.00 71.75  ? 60  HIS A ND1 1 
ATOM   286  C CD2 . HIS A 1 35  ? 6.828   13.010  -12.064 1.00 58.69  ? 60  HIS A CD2 1 
ATOM   287  C CE1 . HIS A 1 35  ? 7.076   14.915  -11.007 1.00 69.06  ? 60  HIS A CE1 1 
ATOM   288  N NE2 . HIS A 1 35  ? 7.703   14.020  -11.749 1.00 57.55  ? 60  HIS A NE2 1 
ATOM   289  N N   . PHE A 1 36  ? 2.067   10.431  -10.551 1.00 37.68  ? 61  PHE A N   1 
ATOM   290  C CA  . PHE A 1 36  ? 0.647   10.185  -10.729 1.00 33.87  ? 61  PHE A CA  1 
ATOM   291  C C   . PHE A 1 36  ? -0.048  9.917   -9.401  1.00 40.05  ? 61  PHE A C   1 
ATOM   292  O O   . PHE A 1 36  ? 0.519   9.317   -8.484  1.00 36.68  ? 61  PHE A O   1 
ATOM   293  C CB  . PHE A 1 36  ? 0.422   9.001   -11.665 1.00 29.46  ? 61  PHE A CB  1 
ATOM   294  C CG  . PHE A 1 36  ? 0.722   9.298   -13.104 1.00 33.57  ? 61  PHE A CG  1 
ATOM   295  C CD1 . PHE A 1 36  ? 2.010   9.191   -13.592 1.00 35.87  ? 61  PHE A CD1 1 
ATOM   296  C CD2 . PHE A 1 36  ? -0.293  9.668   -13.975 1.00 30.22  ? 61  PHE A CD2 1 
ATOM   297  C CE1 . PHE A 1 36  ? 2.290   9.459   -14.921 1.00 42.52  ? 61  PHE A CE1 1 
ATOM   298  C CE2 . PHE A 1 36  ? -0.022  9.935   -15.305 1.00 37.62  ? 61  PHE A CE2 1 
ATOM   299  C CZ  . PHE A 1 36  ? 1.272   9.829   -15.776 1.00 42.29  ? 61  PHE A CZ  1 
ATOM   300  N N   . THR A 1 37  ? -1.298  10.362  -9.315  1.00 37.57  ? 62  THR A N   1 
ATOM   301  C CA  . THR A 1 37  ? -2.194  9.992   -8.229  1.00 38.20  ? 62  THR A CA  1 
ATOM   302  C C   . THR A 1 37  ? -3.082  8.851   -8.707  1.00 38.52  ? 62  THR A C   1 
ATOM   303  O O   . THR A 1 37  ? -3.884  9.028   -9.632  1.00 36.20  ? 62  THR A O   1 
ATOM   304  C CB  . THR A 1 37  ? -3.050  11.175  -7.781  1.00 35.25  ? 62  THR A CB  1 
ATOM   305  O OG1 . THR A 1 37  ? -2.202  12.254  -7.374  1.00 42.84  ? 62  THR A OG1 1 
ATOM   306  C CG2 . THR A 1 37  ? -3.936  10.762  -6.618  1.00 40.94  ? 62  THR A CG2 1 
ATOM   307  N N   . VAL A 1 38  ? -2.940  7.689   -8.082  1.00 34.24  ? 63  VAL A N   1 
ATOM   308  C CA  . VAL A 1 38  ? -3.643  6.482   -8.498  1.00 33.44  ? 63  VAL A CA  1 
ATOM   309  C C   . VAL A 1 38  ? -4.975  6.428   -7.763  1.00 39.30  ? 63  VAL A C   1 
ATOM   310  O O   . VAL A 1 38  ? -4.987  6.486   -6.522  1.00 35.17  ? 63  VAL A O   1 
ATOM   311  C CB  . VAL A 1 38  ? -2.816  5.222   -8.222  1.00 36.45  ? 63  VAL A CB  1 
ATOM   312  C CG1 . VAL A 1 38  ? -3.667  3.980   -8.430  1.00 34.57  ? 63  VAL A CG1 1 
ATOM   313  C CG2 . VAL A 1 38  ? -1.583  5.197   -9.109  1.00 35.62  ? 63  VAL A CG2 1 
ATOM   314  N N   . PRO A 1 39  ? -6.102  6.309   -8.462  1.00 47.20  ? 64  PRO A N   1 
ATOM   315  C CA  . PRO A 1 39  ? -7.384  6.156   -7.778  1.00 34.03  ? 64  PRO A CA  1 
ATOM   316  C C   . PRO A 1 39  ? -7.564  4.746   -7.242  1.00 29.27  ? 64  PRO A C   1 
ATOM   317  O O   . PRO A 1 39  ? -7.104  3.763   -7.828  1.00 34.47  ? 64  PRO A O   1 
ATOM   318  C CB  . PRO A 1 39  ? -8.403  6.464   -8.879  1.00 45.37  ? 64  PRO A CB  1 
ATOM   319  C CG  . PRO A 1 39  ? -7.730  5.970   -10.116 1.00 41.38  ? 64  PRO A CG  1 
ATOM   320  C CD  . PRO A 1 39  ? -6.261  6.300   -9.928  1.00 33.22  ? 64  PRO A CD  1 
ATOM   321  N N   . VAL A 1 40  ? -8.241  4.658   -6.105  1.00 29.88  ? 65  VAL A N   1 
ATOM   322  C CA  . VAL A 1 40  ? -8.515  3.367   -5.482  1.00 32.18  ? 65  VAL A CA  1 
ATOM   323  C C   . VAL A 1 40  ? -10.027 3.229   -5.364  1.00 34.00  ? 65  VAL A C   1 
ATOM   324  O O   . VAL A 1 40  ? -10.657 3.949   -4.574  1.00 36.96  ? 65  VAL A O   1 
ATOM   325  C CB  . VAL A 1 40  ? -7.822  3.240   -4.118  1.00 37.81  ? 65  VAL A CB  1 
ATOM   326  C CG1 . VAL A 1 40  ? -7.989  1.831   -3.564  1.00 40.44  ? 65  VAL A CG1 1 
ATOM   327  C CG2 . VAL A 1 40  ? -6.349  3.605   -4.230  1.00 30.83  ? 65  VAL A CG2 1 
ATOM   328  N N   . PRO A 1 41  ? -10.641 2.331   -6.133  1.00 30.75  ? 66  PRO A N   1 
ATOM   329  C CA  . PRO A 1 41  ? -12.107 2.279   -6.206  1.00 42.31  ? 66  PRO A CA  1 
ATOM   330  C C   . PRO A 1 41  ? -12.735 1.942   -4.861  1.00 44.97  ? 66  PRO A C   1 
ATOM   331  O O   . PRO A 1 41  ? -12.078 1.509   -3.912  1.00 40.70  ? 66  PRO A O   1 
ATOM   332  C CB  . PRO A 1 41  ? -12.384 1.180   -7.239  1.00 35.86  ? 66  PRO A CB  1 
ATOM   333  C CG  . PRO A 1 41  ? -11.098 0.962   -7.966  1.00 38.15  ? 66  PRO A CG  1 
ATOM   334  C CD  . PRO A 1 41  ? -9.987  1.392   -7.059  1.00 29.88  ? 66  PRO A CD  1 
ATOM   335  N N   . ALA A 1 42  ? -14.054 2.139   -4.802  1.00 39.54  ? 67  ALA A N   1 
ATOM   336  C CA  . ALA A 1 42  ? -14.790 1.893   -3.566  1.00 48.80  ? 67  ALA A CA  1 
ATOM   337  C C   . ALA A 1 42  ? -14.671 0.440   -3.124  1.00 42.86  ? 67  ALA A C   1 
ATOM   338  O O   . ALA A 1 42  ? -14.633 0.149   -1.924  1.00 46.11  ? 67  ALA A O   1 
ATOM   339  C CB  . ALA A 1 42  ? -16.259 2.276   -3.748  1.00 46.96  ? 67  ALA A CB  1 
ATOM   340  N N   . ASP A 1 43  ? -14.610 -0.484  -4.078  1.00 44.34  ? 68  ASP A N   1 
ATOM   341  C CA  . ASP A 1 43  ? -14.595 -1.908  -3.780  1.00 47.50  ? 68  ASP A CA  1 
ATOM   342  C C   . ASP A 1 43  ? -13.188 -2.492  -3.705  1.00 46.52  ? 68  ASP A C   1 
ATOM   343  O O   . ASP A 1 43  ? -13.040 -3.718  -3.679  1.00 46.60  ? 68  ASP A O   1 
ATOM   344  C CB  . ASP A 1 43  ? -15.432 -2.668  -4.814  1.00 37.31  ? 68  ASP A CB  1 
ATOM   345  C CG  . ASP A 1 43  ? -14.865 -2.575  -6.215  1.00 47.76  ? 68  ASP A CG  1 
ATOM   346  O OD1 . ASP A 1 43  ? -14.003 -1.706  -6.459  1.00 38.67  ? 68  ASP A OD1 1 
ATOM   347  O OD2 . ASP A 1 43  ? -15.286 -3.371  -7.078  1.00 47.37  ? 68  ASP A OD2 1 
ATOM   348  N N   . VAL A 1 44  ? -12.158 -1.653  -3.668  1.00 41.58  ? 69  VAL A N   1 
ATOM   349  C CA  . VAL A 1 44  ? -10.791 -2.091  -3.408  1.00 34.51  ? 69  VAL A CA  1 
ATOM   350  C C   . VAL A 1 44  ? -10.435 -1.636  -2.001  1.00 45.43  ? 69  VAL A C   1 
ATOM   351  O O   . VAL A 1 44  ? -10.463 -0.437  -1.704  1.00 39.83  ? 69  VAL A O   1 
ATOM   352  C CB  . VAL A 1 44  ? -9.802  -1.535  -4.440  1.00 40.91  ? 69  VAL A CB  1 
ATOM   353  C CG1 . VAL A 1 44  ? -8.370  -1.785  -3.991  1.00 32.55  ? 69  VAL A CG1 1 
ATOM   354  C CG2 . VAL A 1 44  ? -10.054 -2.163  -5.799  1.00 44.36  ? 69  VAL A CG2 1 
ATOM   355  N N   . HIS A 1 45  ? -10.101 -2.592  -1.137  1.00 40.11  ? 70  HIS A N   1 
ATOM   356  C CA  . HIS A 1 45  ? -9.958  -2.334  0.288   1.00 36.47  ? 70  HIS A CA  1 
ATOM   357  C C   . HIS A 1 45  ? -8.520  -2.426  0.777   1.00 38.26  ? 70  HIS A C   1 
ATOM   358  O O   . HIS A 1 45  ? -8.281  -2.280  1.980   1.00 36.85  ? 70  HIS A O   1 
ATOM   359  C CB  . HIS A 1 45  ? -10.844 -3.304  1.078   1.00 42.64  ? 70  HIS A CB  1 
ATOM   360  C CG  . HIS A 1 45  ? -12.267 -3.334  0.611   1.00 47.17  ? 70  HIS A CG  1 
ATOM   361  N ND1 . HIS A 1 45  ? -13.104 -2.242  0.698   1.00 45.89  ? 70  HIS A ND1 1 
ATOM   362  C CD2 . HIS A 1 45  ? -12.992 -4.319  0.029   1.00 48.79  ? 70  HIS A CD2 1 
ATOM   363  C CE1 . HIS A 1 45  ? -14.289 -2.559  0.203   1.00 52.94  ? 70  HIS A CE1 1 
ATOM   364  N NE2 . HIS A 1 45  ? -14.246 -3.812  -0.210  1.00 48.05  ? 70  HIS A NE2 1 
ATOM   365  N N   . GLU A 1 46  ? -7.560  -2.657  -0.115  1.00 38.51  ? 71  GLU A N   1 
ATOM   366  C CA  . GLU A 1 46  ? -6.160  -2.739  0.278   1.00 38.13  ? 71  GLU A CA  1 
ATOM   367  C C   . GLU A 1 46  ? -5.287  -2.444  -0.932  1.00 38.62  ? 71  GLU A C   1 
ATOM   368  O O   . GLU A 1 46  ? -5.678  -2.704  -2.074  1.00 39.71  ? 71  GLU A O   1 
ATOM   369  C CB  . GLU A 1 46  ? -5.816  -4.119  0.851   1.00 44.66  ? 71  GLU A CB  1 
ATOM   370  C CG  . GLU A 1 46  ? -6.521  -5.273  0.150   1.00 53.94  ? 71  GLU A CG  1 
ATOM   371  C CD  . GLU A 1 46  ? -6.671  -6.495  1.034   1.00 70.54  ? 71  GLU A CD  1 
ATOM   372  O OE1 . GLU A 1 46  ? -5.989  -7.507  0.776   1.00 72.61  ? 71  GLU A OE1 1 
ATOM   373  O OE2 . GLU A 1 46  ? -7.474  -6.452  1.988   1.00 58.70  ? 71  GLU A OE2 1 
ATOM   374  N N   . LEU A 1 47  ? -4.100  -1.906  -0.667  1.00 32.33  ? 72  LEU A N   1 
ATOM   375  C CA  . LEU A 1 47  ? -3.068  -1.730  -1.679  1.00 36.83  ? 72  LEU A CA  1 
ATOM   376  C C   . LEU A 1 47  ? -1.934  -2.703  -1.388  1.00 32.23  ? 72  LEU A C   1 
ATOM   377  O O   . LEU A 1 47  ? -1.483  -2.809  -0.243  1.00 36.17  ? 72  LEU A O   1 
ATOM   378  C CB  . LEU A 1 47  ? -2.540  -0.293  -1.703  1.00 39.61  ? 72  LEU A CB  1 
ATOM   379  C CG  . LEU A 1 47  ? -3.519  0.846   -1.984  1.00 29.28  ? 72  LEU A CG  1 
ATOM   380  C CD1 . LEU A 1 47  ? -2.861  2.189   -1.700  1.00 35.35  ? 72  LEU A CD1 1 
ATOM   381  C CD2 . LEU A 1 47  ? -4.017  0.785   -3.418  1.00 34.40  ? 72  LEU A CD2 1 
ATOM   382  N N   . GLU A 1 48  ? -1.473  -3.405  -2.417  1.00 30.92  ? 73  GLU A N   1 
ATOM   383  C CA  . GLU A 1 48  ? -0.397  -4.374  -2.276  1.00 31.88  ? 73  GLU A CA  1 
ATOM   384  C C   . GLU A 1 48  ? 0.870   -3.821  -2.911  1.00 39.39  ? 73  GLU A C   1 
ATOM   385  O O   . GLU A 1 48  ? 0.870   -3.444  -4.087  1.00 33.36  ? 73  GLU A O   1 
ATOM   386  C CB  . GLU A 1 48  ? -0.768  -5.714  -2.916  1.00 31.39  ? 73  GLU A CB  1 
ATOM   387  C CG  . GLU A 1 48  ? 0.243   -6.815  -2.652  1.00 37.20  ? 73  GLU A CG  1 
ATOM   388  C CD  . GLU A 1 48  ? 0.061   -8.014  -3.559  1.00 35.00  ? 73  GLU A CD  1 
ATOM   389  O OE1 . GLU A 1 48  ? 0.377   -7.903  -4.762  1.00 39.02  ? 73  GLU A OE1 1 
ATOM   390  O OE2 . GLU A 1 48  ? -0.397  -9.068  -3.068  1.00 40.19  ? 73  GLU A OE2 1 
ATOM   391  N N   . PHE A 1 49  ? 1.936   -3.758  -2.122  1.00 30.35  ? 74  PHE A N   1 
ATOM   392  C CA  . PHE A 1 49  ? 3.266   -3.420  -2.599  1.00 24.92  ? 74  PHE A CA  1 
ATOM   393  C C   . PHE A 1 49  ? 4.142   -4.664  -2.541  1.00 32.71  ? 74  PHE A C   1 
ATOM   394  O O   . PHE A 1 49  ? 3.970   -5.516  -1.667  1.00 30.47  ? 74  PHE A O   1 
ATOM   395  C CB  . PHE A 1 49  ? 3.900   -2.309  -1.754  1.00 31.52  ? 74  PHE A CB  1 
ATOM   396  C CG  . PHE A 1 49  ? 3.179   -0.991  -1.829  1.00 31.20  ? 74  PHE A CG  1 
ATOM   397  C CD1 . PHE A 1 49  ? 3.637   0.016   -2.667  1.00 35.31  ? 74  PHE A CD1 1 
ATOM   398  C CD2 . PHE A 1 49  ? 2.059   -0.750  -1.048  1.00 30.58  ? 74  PHE A CD2 1 
ATOM   399  C CE1 . PHE A 1 49  ? 2.985   1.230   -2.737  1.00 31.28  ? 74  PHE A CE1 1 
ATOM   400  C CE2 . PHE A 1 49  ? 1.404   0.470   -1.112  1.00 30.51  ? 74  PHE A CE2 1 
ATOM   401  C CZ  . PHE A 1 49  ? 1.867   1.457   -1.957  1.00 33.23  ? 74  PHE A CZ  1 
ATOM   402  N N   . SER A 1 50  ? 5.084   -4.760  -3.474  1.00 33.92  ? 75  SER A N   1 
ATOM   403  C CA  . SER A 1 50  ? 6.050   -5.847  -3.489  1.00 37.91  ? 75  SER A CA  1 
ATOM   404  C C   . SER A 1 50  ? 7.450   -5.260  -3.580  1.00 33.22  ? 75  SER A C   1 
ATOM   405  O O   . SER A 1 50  ? 7.664   -4.223  -4.215  1.00 27.82  ? 75  SER A O   1 
ATOM   406  C CB  . SER A 1 50  ? 5.800   -6.807  -4.658  1.00 36.55  ? 75  SER A CB  1 
ATOM   407  O OG  . SER A 1 50  ? 4.413   -6.987  -4.881  1.00 33.56  ? 75  SER A OG  1 
ATOM   408  N N   . TRP A 1 51  ? 8.405   -5.922  -2.934  1.00 36.28  ? 76  TRP A N   1 
ATOM   409  C CA  . TRP A 1 51  ? 9.763   -5.398  -2.919  1.00 34.37  ? 76  TRP A CA  1 
ATOM   410  C C   . TRP A 1 51  ? 10.752  -6.527  -2.674  1.00 31.08  ? 76  TRP A C   1 
ATOM   411  O O   . TRP A 1 51  ? 10.380  -7.647  -2.310  1.00 40.36  ? 76  TRP A O   1 
ATOM   412  C CB  . TRP A 1 51  ? 9.921   -4.286  -1.875  1.00 29.70  ? 76  TRP A CB  1 
ATOM   413  C CG  . TRP A 1 51  ? 9.524   -4.647  -0.473  1.00 24.60  ? 76  TRP A CG  1 
ATOM   414  C CD1 . TRP A 1 51  ? 9.176   -5.878  0.000   1.00 34.16  ? 76  TRP A CD1 1 
ATOM   415  C CD2 . TRP A 1 51  ? 9.444   -3.753  0.642   1.00 30.74  ? 76  TRP A CD2 1 
ATOM   416  N NE1 . TRP A 1 51  ? 8.884   -5.805  1.341   1.00 31.80  ? 76  TRP A NE1 1 
ATOM   417  C CE2 . TRP A 1 51  ? 9.038   -4.508  1.758   1.00 41.25  ? 76  TRP A CE2 1 
ATOM   418  C CE3 . TRP A 1 51  ? 9.674   -2.384  0.803   1.00 34.69  ? 76  TRP A CE3 1 
ATOM   419  C CZ2 . TRP A 1 51  ? 8.861   -3.941  3.020   1.00 36.95  ? 76  TRP A CZ2 1 
ATOM   420  C CZ3 . TRP A 1 51  ? 9.498   -1.823  2.053   1.00 33.28  ? 76  TRP A CZ3 1 
ATOM   421  C CH2 . TRP A 1 51  ? 9.094   -2.600  3.145   1.00 30.43  ? 76  TRP A CH2 1 
ATOM   422  N N   . GLN A 1 52  ? 12.028  -6.200  -2.876  1.00 33.72  ? 77  GLN A N   1 
ATOM   423  C CA  . GLN A 1 52  ? 13.126  -7.151  -2.724  1.00 41.27  ? 77  GLN A CA  1 
ATOM   424  C C   . GLN A 1 52  ? 14.427  -6.371  -2.663  1.00 37.92  ? 77  GLN A C   1 
ATOM   425  O O   . GLN A 1 52  ? 14.722  -5.591  -3.577  1.00 37.90  ? 77  GLN A O   1 
ATOM   426  C CB  . GLN A 1 52  ? 13.166  -8.140  -3.893  1.00 42.75  ? 77  GLN A CB  1 
ATOM   427  C CG  . GLN A 1 52  ? 14.305  -9.150  -3.808  1.00 44.82  ? 77  GLN A CG  1 
ATOM   428  C CD  . GLN A 1 52  ? 14.391  -10.033 -5.038  1.00 50.13  ? 77  GLN A CD  1 
ATOM   429  O OE1 . GLN A 1 52  ? 13.945  -9.649  -6.120  1.00 44.99  ? 77  GLN A OE1 1 
ATOM   430  N NE2 . GLN A 1 52  ? 14.964  -11.219 -4.880  1.00 52.34  ? 77  GLN A NE2 1 
ATOM   431  N N   . SER A 1 53  ? 15.199  -6.572  -1.600  1.00 39.76  ? 78  SER A N   1 
ATOM   432  C CA  . SER A 1 53  ? 16.577  -6.109  -1.602  1.00 31.56  ? 78  SER A CA  1 
ATOM   433  C C   . SER A 1 53  ? 17.414  -7.015  -2.496  1.00 31.34  ? 78  SER A C   1 
ATOM   434  O O   . SER A 1 53  ? 17.260  -8.239  -2.480  1.00 38.65  ? 78  SER A O   1 
ATOM   435  C CB  . SER A 1 53  ? 17.141  -6.099  -0.182  1.00 39.04  ? 78  SER A CB  1 
ATOM   436  O OG  . SER A 1 53  ? 18.508  -5.719  -0.182  1.00 42.91  ? 78  SER A OG  1 
ATOM   437  N N   . LEU A 1 54  ? 18.297  -6.410  -3.282  1.00 33.82  ? 79  LEU A N   1 
ATOM   438  C CA  . LEU A 1 54  ? 19.157  -7.160  -4.185  1.00 48.82  ? 79  LEU A CA  1 
ATOM   439  C C   . LEU A 1 54  ? 20.564  -7.352  -3.638  1.00 52.54  ? 79  LEU A C   1 
ATOM   440  O O   . LEU A 1 54  ? 21.415  -7.910  -4.338  1.00 57.13  ? 79  LEU A O   1 
ATOM   441  C CB  . LEU A 1 54  ? 19.213  -6.469  -5.555  1.00 40.92  ? 79  LEU A CB  1 
ATOM   442  C CG  . LEU A 1 54  ? 17.854  -6.132  -6.176  1.00 42.18  ? 79  LEU A CG  1 
ATOM   443  C CD1 . LEU A 1 54  ? 18.011  -5.526  -7.563  1.00 36.22  ? 79  LEU A CD1 1 
ATOM   444  C CD2 . LEU A 1 54  ? 16.970  -7.371  -6.223  1.00 35.86  ? 79  LEU A CD2 1 
ATOM   445  N N   . ILE A 1 55  ? 20.829  -6.918  -2.405  1.00 48.58  ? 80  ILE A N   1 
ATOM   446  C CA  . ILE A 1 55  ? 22.141  -7.041  -1.788  1.00 42.32  ? 80  ILE A CA  1 
ATOM   447  C C   . ILE A 1 55  ? 21.975  -7.638  -0.397  1.00 50.05  ? 80  ILE A C   1 
ATOM   448  O O   . ILE A 1 55  ? 20.869  -7.744  0.134   1.00 40.00  ? 80  ILE A O   1 
ATOM   449  C CB  . ILE A 1 55  ? 22.885  -5.693  -1.706  1.00 42.45  ? 80  ILE A CB  1 
ATOM   450  C CG1 . ILE A 1 55  ? 22.182  -4.749  -0.727  1.00 36.55  ? 80  ILE A CG1 1 
ATOM   451  C CG2 . ILE A 1 55  ? 22.999  -5.064  -3.082  1.00 46.95  ? 80  ILE A CG2 1 
ATOM   452  C CD1 . ILE A 1 55  ? 22.831  -3.384  -0.631  1.00 39.74  ? 80  ILE A CD1 1 
ATOM   453  N N   . ALA A 1 56  ? 23.106  -8.026  0.197   1.00 47.58  ? 81  ALA A N   1 
ATOM   454  C CA  . ALA A 1 56  ? 23.089  -8.626  1.526   1.00 43.67  ? 81  ALA A CA  1 
ATOM   455  C C   . ALA A 1 56  ? 23.106  -7.575  2.630   1.00 44.69  ? 81  ALA A C   1 
ATOM   456  O O   . ALA A 1 56  ? 22.655  -7.852  3.746   1.00 47.80  ? 81  ALA A O   1 
ATOM   457  C CB  . ALA A 1 56  ? 24.276  -9.577  1.684   1.00 49.73  ? 81  ALA A CB  1 
ATOM   458  N N   . TYR A 1 57  ? 23.614  -6.382  2.336   1.00 39.94  ? 82  TYR A N   1 
ATOM   459  C CA  . TYR A 1 57  ? 23.678  -5.320  3.331   1.00 37.87  ? 82  TYR A CA  1 
ATOM   460  C C   . TYR A 1 57  ? 22.266  -4.945  3.781   1.00 49.83  ? 82  TYR A C   1 
ATOM   461  O O   . TYR A 1 57  ? 21.364  -4.817  2.947   1.00 44.70  ? 82  TYR A O   1 
ATOM   462  C CB  . TYR A 1 57  ? 24.398  -4.103  2.744   1.00 34.84  ? 82  TYR A CB  1 
ATOM   463  C CG  . TYR A 1 57  ? 24.896  -3.089  3.752   1.00 33.94  ? 82  TYR A CG  1 
ATOM   464  C CD1 . TYR A 1 57  ? 24.044  -2.139  4.300   1.00 39.06  ? 82  TYR A CD1 1 
ATOM   465  C CD2 . TYR A 1 57  ? 26.224  -3.083  4.153   1.00 43.58  ? 82  TYR A CD2 1 
ATOM   466  C CE1 . TYR A 1 57  ? 24.505  -1.209  5.219   1.00 50.54  ? 82  TYR A CE1 1 
ATOM   467  C CE2 . TYR A 1 57  ? 26.692  -2.160  5.073   1.00 39.34  ? 82  TYR A CE2 1 
ATOM   468  C CZ  . TYR A 1 57  ? 25.830  -1.224  5.602   1.00 53.27  ? 82  TYR A CZ  1 
ATOM   469  O OH  . TYR A 1 57  ? 26.296  -0.304  6.517   1.00 47.19  ? 82  TYR A OH  1 
ATOM   470  N N   . PRO A 1 58  ? 22.039  -4.769  5.084   1.00 45.97  ? 83  PRO A N   1 
ATOM   471  C CA  . PRO A 1 58  ? 20.670  -4.542  5.575   1.00 40.93  ? 83  PRO A CA  1 
ATOM   472  C C   . PRO A 1 58  ? 20.095  -3.225  5.072   1.00 43.08  ? 83  PRO A C   1 
ATOM   473  O O   . PRO A 1 58  ? 20.762  -2.187  5.100   1.00 36.73  ? 83  PRO A O   1 
ATOM   474  C CB  . PRO A 1 58  ? 20.836  -4.541  7.101   1.00 41.76  ? 83  PRO A CB  1 
ATOM   475  C CG  . PRO A 1 58  ? 22.295  -4.243  7.332   1.00 32.07  ? 83  PRO A CG  1 
ATOM   476  C CD  . PRO A 1 58  ? 23.011  -4.884  6.184   1.00 39.27  ? 83  PRO A CD  1 
ATOM   477  N N   . LEU A 1 59  ? 18.841  -3.275  4.614   1.00 40.87  ? 84  LEU A N   1 
ATOM   478  C CA  . LEU A 1 59  ? 18.135  -2.103  4.099   1.00 38.22  ? 84  LEU A CA  1 
ATOM   479  C C   . LEU A 1 59  ? 16.985  -1.745  5.031   1.00 39.57  ? 84  LEU A C   1 
ATOM   480  O O   . LEU A 1 59  ? 15.897  -2.331  4.927   1.00 36.88  ? 84  LEU A O   1 
ATOM   481  C CB  . LEU A 1 59  ? 17.612  -2.362  2.681   1.00 39.04  ? 84  LEU A CB  1 
ATOM   482  C CG  . LEU A 1 59  ? 18.619  -2.612  1.553   1.00 39.12  ? 84  LEU A CG  1 
ATOM   483  C CD1 . LEU A 1 59  ? 17.920  -2.566  0.198   1.00 34.95  ? 84  LEU A CD1 1 
ATOM   484  C CD2 . LEU A 1 59  ? 19.753  -1.601  1.610   1.00 36.88  ? 84  LEU A CD2 1 
ATOM   485  N N   . PRO A 1 60  ? 17.169  -0.804  5.956   1.00 34.58  ? 85  PRO A N   1 
ATOM   486  C CA  . PRO A 1 60  ? 16.067  -0.427  6.851   1.00 40.86  ? 85  PRO A CA  1 
ATOM   487  C C   . PRO A 1 60  ? 14.999  0.378   6.123   1.00 42.49  ? 85  PRO A C   1 
ATOM   488  O O   . PRO A 1 60  ? 15.297  1.243   5.295   1.00 30.63  ? 85  PRO A O   1 
ATOM   489  C CB  . PRO A 1 60  ? 16.755  0.412   7.936   1.00 31.68  ? 85  PRO A CB  1 
ATOM   490  C CG  . PRO A 1 60  ? 18.228  0.137   7.781   1.00 37.16  ? 85  PRO A CG  1 
ATOM   491  C CD  . PRO A 1 60  ? 18.446  -0.184  6.346   1.00 42.07  ? 85  PRO A CD  1 
ATOM   492  N N   . TYR A 1 61  ? 13.740  0.086   6.437   1.00 30.79  ? 86  TYR A N   1 
ATOM   493  C CA  . TYR A 1 61  ? 12.608  0.779   5.843   1.00 27.57  ? 86  TYR A CA  1 
ATOM   494  C C   . TYR A 1 61  ? 11.764  1.443   6.924   1.00 33.80  ? 86  TYR A C   1 
ATOM   495  O O   . TYR A 1 61  ? 11.754  1.018   8.084   1.00 31.89  ? 86  TYR A O   1 
ATOM   496  C CB  . TYR A 1 61  ? 11.733  -0.176  5.002   1.00 27.75  ? 86  TYR A CB  1 
ATOM   497  C CG  . TYR A 1 61  ? 10.870  -1.145  5.790   1.00 27.99  ? 86  TYR A CG  1 
ATOM   498  C CD1 . TYR A 1 61  ? 9.666   -0.740  6.363   1.00 27.50  ? 86  TYR A CD1 1 
ATOM   499  C CD2 . TYR A 1 61  ? 11.241  -2.476  5.929   1.00 32.06  ? 86  TYR A CD2 1 
ATOM   500  C CE1 . TYR A 1 61  ? 8.881   -1.622  7.072   1.00 30.03  ? 86  TYR A CE1 1 
ATOM   501  C CE2 . TYR A 1 61  ? 10.453  -3.368  6.634   1.00 34.51  ? 86  TYR A CE2 1 
ATOM   502  C CZ  . TYR A 1 61  ? 9.275   -2.935  7.203   1.00 27.04  ? 86  TYR A CZ  1 
ATOM   503  O OH  . TYR A 1 61  ? 8.490   -3.820  7.908   1.00 30.47  ? 86  TYR A OH  1 
ATOM   504  N N   . ALA A 1 62  ? 11.041  2.485   6.521   1.00 28.46  ? 87  ALA A N   1 
ATOM   505  C CA  . ALA A 1 62  ? 10.071  3.159   7.372   1.00 32.12  ? 87  ALA A CA  1 
ATOM   506  C C   . ALA A 1 62  ? 8.868   3.546   6.524   1.00 34.77  ? 87  ALA A C   1 
ATOM   507  O O   . ALA A 1 62  ? 9.025   4.139   5.452   1.00 29.47  ? 87  ALA A O   1 
ATOM   508  C CB  . ALA A 1 62  ? 10.677  4.398   8.043   1.00 27.88  ? 87  ALA A CB  1 
ATOM   509  N N   . ILE A 1 63  ? 7.675   3.199   6.999   1.00 35.66  ? 88  ILE A N   1 
ATOM   510  C CA  . ILE A 1 63  ? 6.432   3.430   6.270   1.00 37.34  ? 88  ILE A CA  1 
ATOM   511  C C   . ILE A 1 63  ? 5.544   4.343   7.105   1.00 47.09  ? 88  ILE A C   1 
ATOM   512  O O   . ILE A 1 63  ? 5.330   4.087   8.296   1.00 41.71  ? 88  ILE A O   1 
ATOM   513  C CB  . ILE A 1 63  ? 5.707   2.109   5.948   1.00 35.14  ? 88  ILE A CB  1 
ATOM   514  C CG1 . ILE A 1 63  ? 6.530   1.261   4.974   1.00 36.02  ? 88  ILE A CG1 1 
ATOM   515  C CG2 . ILE A 1 63  ? 4.327   2.376   5.376   1.00 36.77  ? 88  ILE A CG2 1 
ATOM   516  C CD1 . ILE A 1 63  ? 6.037   -0.161  4.851   1.00 39.61  ? 88  ILE A CD1 1 
ATOM   517  N N   . SER A 1 64  ? 5.030   5.402   6.481   1.00 34.97  ? 89  SER A N   1 
ATOM   518  C CA  . SER A 1 64  ? 4.060   6.291   7.101   1.00 37.81  ? 89  SER A CA  1 
ATOM   519  C C   . SER A 1 64  ? 2.919   6.536   6.124   1.00 37.91  ? 89  SER A C   1 
ATOM   520  O O   . SER A 1 64  ? 3.069   6.382   4.909   1.00 39.48  ? 89  SER A O   1 
ATOM   521  C CB  . SER A 1 64  ? 4.698   7.626   7.518   1.00 33.36  ? 89  SER A CB  1 
ATOM   522  O OG  . SER A 1 64  ? 5.839   7.920   6.733   1.00 47.55  ? 89  SER A OG  1 
ATOM   523  N N   . ILE A 1 65  ? 1.768   6.919   6.670   1.00 39.58  ? 90  ILE A N   1 
ATOM   524  C CA  . ILE A 1 65  ? 0.554   7.135   5.892   1.00 46.79  ? 90  ILE A CA  1 
ATOM   525  C C   . ILE A 1 65  ? 0.061   8.556   6.130   1.00 54.95  ? 90  ILE A C   1 
ATOM   526  O O   . ILE A 1 65  ? 0.187   9.088   7.238   1.00 53.09  ? 90  ILE A O   1 
ATOM   527  C CB  . ILE A 1 65  ? -0.530  6.100   6.261   1.00 44.97  ? 90  ILE A CB  1 
ATOM   528  C CG1 . ILE A 1 65  ? -0.010  4.684   6.011   1.00 43.97  ? 90  ILE A CG1 1 
ATOM   529  C CG2 . ILE A 1 65  ? -1.817  6.351   5.482   1.00 44.60  ? 90  ILE A CG2 1 
ATOM   530  C CD1 . ILE A 1 65  ? -1.090  3.655   5.804   1.00 56.96  ? 90  ILE A CD1 1 
ATOM   531  N N   . GLU A 1 66  ? -0.485  9.176   5.086   1.00 45.80  ? 91  GLU A N   1 
ATOM   532  C CA  . GLU A 1 66  ? -1.123  10.484  5.187   1.00 42.36  ? 91  GLU A CA  1 
ATOM   533  C C   . GLU A 1 66  ? -2.606  10.328  4.877   1.00 50.22  ? 91  GLU A C   1 
ATOM   534  O O   . GLU A 1 66  ? -2.968  9.878   3.784   1.00 50.44  ? 91  GLU A O   1 
ATOM   535  C CB  . GLU A 1 66  ? -0.494  11.494  4.225   1.00 48.15  ? 91  GLU A CB  1 
ATOM   536  C CG  . GLU A 1 66  ? 1.019   11.612  4.286   1.00 42.12  ? 91  GLU A CG  1 
ATOM   537  C CD  . GLU A 1 66  ? 1.534   12.724  3.390   1.00 48.94  ? 91  GLU A CD  1 
ATOM   538  O OE1 . GLU A 1 66  ? 0.697   13.441  2.802   1.00 46.60  ? 91  GLU A OE1 1 
ATOM   539  O OE2 . GLU A 1 66  ? 2.767   12.884  3.274   1.00 51.24  ? 91  GLU A OE2 1 
ATOM   540  N N   . TYR A 1 67  ? -3.459  10.697  5.828   1.00 44.80  ? 92  TYR A N   1 
ATOM   541  C CA  . TYR A 1 67  ? -4.892  10.720  5.566   1.00 56.12  ? 92  TYR A CA  1 
ATOM   542  C C   . TYR A 1 67  ? -5.569  11.610  6.595   1.00 56.98  ? 92  TYR A C   1 
ATOM   543  O O   . TYR A 1 67  ? -5.050  11.815  7.696   1.00 60.03  ? 92  TYR A O   1 
ATOM   544  C CB  . TYR A 1 67  ? -5.504  9.314   5.591   1.00 52.16  ? 92  TYR A CB  1 
ATOM   545  C CG  . TYR A 1 67  ? -5.797  8.777   6.973   1.00 58.93  ? 92  TYR A CG  1 
ATOM   546  C CD1 . TYR A 1 67  ? -4.771  8.485   7.862   1.00 52.34  ? 92  TYR A CD1 1 
ATOM   547  C CD2 . TYR A 1 67  ? -7.104  8.564   7.391   1.00 58.20  ? 92  TYR A CD2 1 
ATOM   548  C CE1 . TYR A 1 67  ? -5.040  7.991   9.127   1.00 60.77  ? 92  TYR A CE1 1 
ATOM   549  C CE2 . TYR A 1 67  ? -7.381  8.072   8.650   1.00 53.96  ? 92  TYR A CE2 1 
ATOM   550  C CZ  . TYR A 1 67  ? -6.348  7.789   9.516   1.00 63.73  ? 92  TYR A CZ  1 
ATOM   551  O OH  . TYR A 1 67  ? -6.625  7.299   10.771  1.00 74.67  ? 92  TYR A OH  1 
ATOM   552  N N   . ASN A 1 68  ? -6.733  12.140  6.219   1.00 70.16  ? 93  ASN A N   1 
ATOM   553  C CA  . ASN A 1 68  ? -7.506  12.980  7.126   1.00 69.56  ? 93  ASN A CA  1 
ATOM   554  C C   . ASN A 1 68  ? -8.166  12.103  8.180   1.00 69.87  ? 93  ASN A C   1 
ATOM   555  O O   . ASN A 1 68  ? -9.065  11.312  7.871   1.00 67.40  ? 93  ASN A O   1 
ATOM   556  C CB  . ASN A 1 68  ? -8.541  13.794  6.357   1.00 78.52  ? 93  ASN A CB  1 
ATOM   557  C CG  . ASN A 1 68  ? -9.157  14.903  7.198   1.00 84.42  ? 93  ASN A CG  1 
ATOM   558  O OD1 . ASN A 1 68  ? -9.322  14.765  8.412   1.00 77.16  ? 93  ASN A OD1 1 
ATOM   559  N ND2 . ASN A 1 68  ? -9.481  16.018  6.556   1.00 87.32  ? 93  ASN A ND2 1 
ATOM   560  N N   . ASN A 1 69  ? -7.708  12.246  9.428   1.00 84.38  ? 94  ASN A N   1 
ATOM   561  C CA  . ASN A 1 69  ? -8.308  11.530  10.546  1.00 75.38  ? 94  ASN A CA  1 
ATOM   562  C C   . ASN A 1 69  ? -9.806  11.797  10.649  1.00 74.21  ? 94  ASN A C   1 
ATOM   563  O O   . ASN A 1 69  ? -10.593 10.887  10.932  1.00 70.52  ? 94  ASN A O   1 
ATOM   564  C CB  . ASN A 1 69  ? -7.616  11.948  11.843  1.00 80.69  ? 94  ASN A CB  1 
ATOM   565  C CG  . ASN A 1 69  ? -7.642  10.863  12.899  1.00 87.16  ? 94  ASN A CG  1 
ATOM   566  O OD1 . ASN A 1 69  ? -8.672  10.243  13.141  1.00 98.55  ? 94  ASN A OD1 1 
ATOM   567  N ND2 . ASN A 1 69  ? -6.501  10.638  13.547  1.00 84.84  ? 94  ASN A ND2 1 
ATOM   568  N N   . ASP A 1 70  ? -10.218 13.034  10.383  1.00 85.23  ? 95  ASP A N   1 
ATOM   569  C CA  . ASP A 1 70  ? -11.493 13.563  10.870  1.00 89.15  ? 95  ASP A CA  1 
ATOM   570  C C   . ASP A 1 70  ? -12.593 13.407  9.818   1.00 85.10  ? 95  ASP A C   1 
ATOM   571  O O   . ASP A 1 70  ? -13.100 14.371  9.242   1.00 90.09  ? 95  ASP A O   1 
ATOM   572  C CB  . ASP A 1 70  ? -11.318 15.018  11.286  1.00 89.71  ? 95  ASP A CB  1 
ATOM   573  C CG  . ASP A 1 70  ? -12.423 15.505  12.194  1.00 95.82  ? 95  ASP A CG  1 
ATOM   574  O OD1 . ASP A 1 70  ? -12.567 14.956  13.306  1.00 101.08 ? 95  ASP A OD1 1 
ATOM   575  O OD2 . ASP A 1 70  ? -13.141 16.448  11.804  1.00 92.41  ? 95  ASP A OD2 1 
ATOM   576  N N   . GLN A 1 71  ? -12.982 12.153  9.592   1.00 77.48  ? 96  GLN A N   1 
ATOM   577  C CA  . GLN A 1 71  ? -14.108 11.853  8.716   1.00 77.68  ? 96  GLN A CA  1 
ATOM   578  C C   . GLN A 1 71  ? -14.636 10.463  9.053   1.00 71.33  ? 96  GLN A C   1 
ATOM   579  O O   . GLN A 1 71  ? -14.014 9.702   9.797   1.00 75.56  ? 96  GLN A O   1 
ATOM   580  C CB  . GLN A 1 71  ? -13.723 11.962  7.235   1.00 75.91  ? 96  GLN A CB  1 
ATOM   581  C CG  . GLN A 1 71  ? -12.377 11.349  6.880   1.00 71.29  ? 96  GLN A CG  1 
ATOM   582  C CD  . GLN A 1 71  ? -12.402 9.831   6.866   1.00 65.81  ? 96  GLN A CD  1 
ATOM   583  O OE1 . GLN A 1 71  ? -13.398 9.218   6.480   1.00 58.63  ? 96  GLN A OE1 1 
ATOM   584  N NE2 . GLN A 1 71  ? -11.300 9.217   7.285   1.00 55.92  ? 96  GLN A NE2 1 
ATOM   585  N N   . GLU A 1 72  ? -15.798 10.141  8.480   1.00 72.88  ? 97  GLU A N   1 
ATOM   586  C CA  . GLU A 1 72  ? -16.531 8.929   8.819   1.00 72.54  ? 97  GLU A CA  1 
ATOM   587  C C   . GLU A 1 72  ? -16.561 7.903   7.694   1.00 70.49  ? 97  GLU A C   1 
ATOM   588  O O   . GLU A 1 72  ? -17.219 6.866   7.842   1.00 72.43  ? 97  GLU A O   1 
ATOM   589  C CB  . GLU A 1 72  ? -17.972 9.277   9.215   1.00 83.30  ? 97  GLU A CB  1 
ATOM   590  C CG  . GLU A 1 72  ? -18.119 10.534  10.061  1.00 89.47  ? 97  GLU A CG  1 
ATOM   591  C CD  . GLU A 1 72  ? -17.670 10.343  11.498  1.00 89.55  ? 97  GLU A CD  1 
ATOM   592  O OE1 . GLU A 1 72  ? -17.349 9.199   11.882  1.00 82.05  ? 97  GLU A OE1 1 
ATOM   593  O OE2 . GLU A 1 72  ? -17.644 11.342  12.247  1.00 91.29  ? 97  GLU A OE2 1 
ATOM   594  N N   . ALA A 1 73  ? -15.880 8.155   6.577   1.00 64.14  ? 98  ALA A N   1 
ATOM   595  C CA  . ALA A 1 73  ? -15.958 7.265   5.428   1.00 59.00  ? 98  ALA A CA  1 
ATOM   596  C C   . ALA A 1 73  ? -14.825 6.250   5.360   1.00 50.76  ? 98  ALA A C   1 
ATOM   597  O O   . ALA A 1 73  ? -15.005 5.192   4.749   1.00 58.24  ? 98  ALA A O   1 
ATOM   598  C CB  . ALA A 1 73  ? -15.974 8.075   4.126   1.00 60.47  ? 98  ALA A CB  1 
ATOM   599  N N   . LEU A 1 74  ? -13.673 6.537   5.962   1.00 54.30  ? 99  LEU A N   1 
ATOM   600  C CA  . LEU A 1 74  ? -12.508 5.664   5.866   1.00 55.22  ? 99  LEU A CA  1 
ATOM   601  C C   . LEU A 1 74  ? -11.980 5.377   7.261   1.00 56.66  ? 99  LEU A C   1 
ATOM   602  O O   . LEU A 1 74  ? -11.686 6.307   8.020   1.00 57.17  ? 99  LEU A O   1 
ATOM   603  C CB  . LEU A 1 74  ? -11.414 6.296   5.001   1.00 52.36  ? 99  LEU A CB  1 
ATOM   604  C CG  . LEU A 1 74  ? -10.122 5.490   4.858   1.00 49.34  ? 99  LEU A CG  1 
ATOM   605  C CD1 . LEU A 1 74  ? -10.359 4.217   4.052   1.00 50.79  ? 99  LEU A CD1 1 
ATOM   606  C CD2 . LEU A 1 74  ? -9.026  6.340   4.226   1.00 45.41  ? 99  LEU A CD2 1 
ATOM   607  N N   . GLY A 1 75  ? -11.853 4.093   7.595   1.00 50.27  ? 100 GLY A N   1 
ATOM   608  C CA  . GLY A 1 75  ? -11.272 3.692   8.856   1.00 45.57  ? 100 GLY A CA  1 
ATOM   609  C C   . GLY A 1 75  ? -9.766  3.865   8.868   1.00 56.19  ? 100 GLY A C   1 
ATOM   610  O O   . GLY A 1 75  ? -9.138  4.230   7.875   1.00 49.75  ? 100 GLY A O   1 
ATOM   611  N N   . THR A 1 76  ? -9.181  3.585   10.026  1.00 43.85  ? 101 THR A N   1 
ATOM   612  C CA  . THR A 1 76  ? -7.746  3.778   10.205  1.00 48.56  ? 101 THR A CA  1 
ATOM   613  C C   . THR A 1 76  ? -6.964  2.843   9.288   1.00 45.07  ? 101 THR A C   1 
ATOM   614  O O   . THR A 1 76  ? -7.157  1.622   9.345   1.00 40.90  ? 101 THR A O   1 
ATOM   615  C CB  . THR A 1 76  ? -7.342  3.533   11.657  1.00 49.85  ? 101 THR A CB  1 
ATOM   616  O OG1 . THR A 1 76  ? -8.387  3.977   12.531  1.00 67.74  ? 101 THR A OG1 1 
ATOM   617  C CG2 . THR A 1 76  ? -6.057  4.280   11.987  1.00 52.42  ? 101 THR A CG2 1 
ATOM   618  N N   . PRO A 1 77  ? -6.091  3.368   8.429   1.00 44.38  ? 102 PRO A N   1 
ATOM   619  C CA  . PRO A 1 77  ? -5.216  2.492   7.643   1.00 44.19  ? 102 PRO A CA  1 
ATOM   620  C C   . PRO A 1 77  ? -4.244  1.733   8.537   1.00 39.37  ? 102 PRO A C   1 
ATOM   621  O O   . PRO A 1 77  ? -3.730  2.266   9.524   1.00 46.99  ? 102 PRO A O   1 
ATOM   622  C CB  . PRO A 1 77  ? -4.477  3.472   6.723   1.00 42.36  ? 102 PRO A CB  1 
ATOM   623  C CG  . PRO A 1 77  ? -5.401  4.638   6.615   1.00 45.30  ? 102 PRO A CG  1 
ATOM   624  C CD  . PRO A 1 77  ? -5.976  4.770   7.998   1.00 46.02  ? 102 PRO A CD  1 
ATOM   625  N N   . THR A 1 78  ? -3.994  0.475   8.178   1.00 38.05  ? 103 THR A N   1 
ATOM   626  C CA  . THR A 1 78  ? -3.048  -0.378  8.882   1.00 41.79  ? 103 THR A CA  1 
ATOM   627  C C   . THR A 1 78  ? -2.140  -1.059  7.866   1.00 41.08  ? 103 THR A C   1 
ATOM   628  O O   . THR A 1 78  ? -2.343  -0.963  6.654   1.00 34.67  ? 103 THR A O   1 
ATOM   629  C CB  . THR A 1 78  ? -3.764  -1.430  9.742   1.00 43.33  ? 103 THR A CB  1 
ATOM   630  O OG1 . THR A 1 78  ? -4.690  -2.164  8.932   1.00 37.08  ? 103 THR A OG1 1 
ATOM   631  C CG2 . THR A 1 78  ? -4.506  -0.770  10.894  1.00 47.99  ? 103 THR A CG2 1 
ATOM   632  N N   . LEU A 1 79  ? -1.126  -1.754  8.371   1.00 33.76  ? 104 LEU A N   1 
ATOM   633  C CA  . LEU A 1 79  ? -0.203  -2.499  7.532   1.00 33.27  ? 104 LEU A CA  1 
ATOM   634  C C   . LEU A 1 79  ? -0.290  -3.983  7.866   1.00 39.07  ? 104 LEU A C   1 
ATOM   635  O O   . LEU A 1 79  ? -0.737  -4.374  8.948   1.00 38.19  ? 104 LEU A O   1 
ATOM   636  C CB  . LEU A 1 79  ? 1.246   -2.015  7.708   1.00 28.27  ? 104 LEU A CB  1 
ATOM   637  C CG  . LEU A 1 79  ? 1.563   -0.525  7.548   1.00 39.01  ? 104 LEU A CG  1 
ATOM   638  C CD1 . LEU A 1 79  ? 3.018   -0.249  7.892   1.00 30.43  ? 104 LEU A CD1 1 
ATOM   639  C CD2 . LEU A 1 79  ? 1.252   -0.027  6.144   1.00 30.84  ? 104 LEU A CD2 1 
ATOM   640  N N   . SER A 1 80  ? 0.134   -4.814  6.918   1.00 36.85  ? 105 SER A N   1 
ATOM   641  C CA  . SER A 1 80  ? 0.315   -6.240  7.157   1.00 36.61  ? 105 SER A CA  1 
ATOM   642  C C   . SER A 1 80  ? 1.718   -6.569  7.647   1.00 39.79  ? 105 SER A C   1 
ATOM   643  O O   . SER A 1 80  ? 2.002   -7.732  7.949   1.00 33.02  ? 105 SER A O   1 
ATOM   644  C CB  . SER A 1 80  ? 0.005   -7.036  5.886   1.00 34.12  ? 105 SER A CB  1 
ATOM   645  O OG  . SER A 1 80  ? 1.011   -6.865  4.904   1.00 35.72  ? 105 SER A OG  1 
ATOM   646  N N   . ILE A 1 81  ? 2.598   -5.577  7.720   1.00 34.25  ? 106 ILE A N   1 
ATOM   647  C CA  . ILE A 1 81  ? 3.955   -5.737  8.234   1.00 32.16  ? 106 ILE A CA  1 
ATOM   648  C C   . ILE A 1 81  ? 4.201   -4.617  9.238   1.00 35.55  ? 106 ILE A C   1 
ATOM   649  O O   . ILE A 1 81  ? 3.422   -3.653  9.310   1.00 36.01  ? 106 ILE A O   1 
ATOM   650  C CB  . ILE A 1 81  ? 5.001   -5.711  7.094   1.00 36.40  ? 106 ILE A CB  1 
ATOM   651  C CG1 . ILE A 1 81  ? 4.881   -4.411  6.293   1.00 30.68  ? 106 ILE A CG1 1 
ATOM   652  C CG2 . ILE A 1 81  ? 4.849   -6.934  6.203   1.00 36.01  ? 106 ILE A CG2 1 
ATOM   653  C CD1 . ILE A 1 81  ? 6.072   -4.133  5.426   1.00 27.66  ? 106 ILE A CD1 1 
ATOM   654  N N   . PRO A 1 82  ? 5.258   -4.718  10.043  1.00 44.77  ? 107 PRO A N   1 
ATOM   655  C CA  . PRO A 1 82  ? 5.600   -3.595  10.925  1.00 38.53  ? 107 PRO A CA  1 
ATOM   656  C C   . PRO A 1 82  ? 6.016   -2.374  10.117  1.00 37.92  ? 107 PRO A C   1 
ATOM   657  O O   . PRO A 1 82  ? 6.602   -2.487  9.037   1.00 30.86  ? 107 PRO A O   1 
ATOM   658  C CB  . PRO A 1 82  ? 6.763   -4.135  11.768  1.00 39.64  ? 107 PRO A CB  1 
ATOM   659  C CG  . PRO A 1 82  ? 6.678   -5.624  11.645  1.00 50.92  ? 107 PRO A CG  1 
ATOM   660  C CD  . PRO A 1 82  ? 6.099   -5.903  10.300  1.00 38.29  ? 107 PRO A CD  1 
ATOM   661  N N   . HIS A 1 83  ? 5.696   -1.191  10.652  1.00 34.95  ? 108 HIS A N   1 
ATOM   662  C CA  . HIS A 1 83  ? 5.977   0.048   9.933   1.00 36.73  ? 108 HIS A CA  1 
ATOM   663  C C   . HIS A 1 83  ? 7.469   0.301   9.781   1.00 43.85  ? 108 HIS A C   1 
ATOM   664  O O   . HIS A 1 83  ? 7.865   1.105   8.930   1.00 40.06  ? 108 HIS A O   1 
ATOM   665  C CB  . HIS A 1 83  ? 5.296   1.235   10.627  1.00 39.83  ? 108 HIS A CB  1 
ATOM   666  C CG  . HIS A 1 83  ? 5.948   1.653   11.909  1.00 50.06  ? 108 HIS A CG  1 
ATOM   667  N ND1 . HIS A 1 83  ? 6.693   2.808   12.025  1.00 52.12  ? 108 HIS A ND1 1 
ATOM   668  C CD2 . HIS A 1 83  ? 5.948   1.082   13.137  1.00 58.51  ? 108 HIS A CD2 1 
ATOM   669  C CE1 . HIS A 1 83  ? 7.134   2.922   13.265  1.00 47.78  ? 108 HIS A CE1 1 
ATOM   670  N NE2 . HIS A 1 83  ? 6.696   1.888   13.959  1.00 53.83  ? 108 HIS A NE2 1 
ATOM   671  N N   . LYS A 1 84  ? 8.300   -0.381  10.565  1.00 40.35  ? 109 LYS A N   1 
ATOM   672  C CA  . LYS A 1 84  ? 9.744   -0.332  10.416  1.00 29.50  ? 109 LYS A CA  1 
ATOM   673  C C   . LYS A 1 84  ? 10.316  -1.741  10.471  1.00 31.19  ? 109 LYS A C   1 
ATOM   674  O O   . LYS A 1 84  ? 9.794   -2.617  11.168  1.00 39.29  ? 109 LYS A O   1 
ATOM   675  C CB  . LYS A 1 84  ? 10.400  0.534   11.503  1.00 45.19  ? 109 LYS A CB  1 
ATOM   676  C CG  . LYS A 1 84  ? 10.015  2.001   11.432  1.00 49.10  ? 109 LYS A CG  1 
ATOM   677  C CD  . LYS A 1 84  ? 10.592  2.793   12.596  1.00 52.46  ? 109 LYS A CD  1 
ATOM   678  C CE  . LYS A 1 84  ? 10.749  4.263   12.226  1.00 57.02  ? 109 LYS A CE  1 
ATOM   679  N NZ  . LYS A 1 84  ? 12.052  4.556   11.566  1.00 57.33  ? 109 LYS A NZ  1 
ATOM   680  N N   . GLY A 1 85  ? 11.395  -1.948  9.719   1.00 34.47  ? 110 GLY A N   1 
ATOM   681  C CA  . GLY A 1 85  ? 12.093  -3.220  9.679   1.00 33.07  ? 110 GLY A CA  1 
ATOM   682  C C   . GLY A 1 85  ? 13.157  -3.243  8.600   1.00 28.65  ? 110 GLY A C   1 
ATOM   683  O O   . GLY A 1 85  ? 13.729  -2.199  8.269   1.00 34.32  ? 110 GLY A O   1 
ATOM   684  N N   . LEU A 1 86  ? 13.436  -4.416  8.045   1.00 32.48  ? 111 LEU A N   1 
ATOM   685  C CA  . LEU A 1 86  ? 14.382  -4.559  6.949   1.00 33.79  ? 111 LEU A CA  1 
ATOM   686  C C   . LEU A 1 86  ? 13.651  -5.042  5.702   1.00 39.31  ? 111 LEU A C   1 
ATOM   687  O O   . LEU A 1 86  ? 12.695  -5.818  5.785   1.00 37.57  ? 111 LEU A O   1 
ATOM   688  C CB  . LEU A 1 86  ? 15.511  -5.539  7.291   1.00 40.03  ? 111 LEU A CB  1 
ATOM   689  C CG  . LEU A 1 86  ? 16.460  -5.144  8.423   1.00 46.84  ? 111 LEU A CG  1 
ATOM   690  C CD1 . LEU A 1 86  ? 17.474  -6.256  8.692   1.00 39.56  ? 111 LEU A CD1 1 
ATOM   691  C CD2 . LEU A 1 86  ? 17.164  -3.826  8.120   1.00 30.29  ? 111 LEU A CD2 1 
ATOM   692  N N   . VAL A 1 87  ? 14.101  -4.568  4.548   1.00 38.72  ? 112 VAL A N   1 
ATOM   693  C CA  . VAL A 1 87  ? 13.524  -5.029  3.280   1.00 42.49  ? 112 VAL A CA  1 
ATOM   694  C C   . VAL A 1 87  ? 13.996  -6.455  3.016   1.00 44.43  ? 112 VAL A C   1 
ATOM   695  O O   . VAL A 1 87  ? 15.200  -6.739  3.153   1.00 39.14  ? 112 VAL A O   1 
ATOM   696  C CB  . VAL A 1 87  ? 13.922  -4.089  2.140   1.00 37.35  ? 112 VAL A CB  1 
ATOM   697  C CG1 . VAL A 1 87  ? 13.350  -4.568  0.814   1.00 33.23  ? 112 VAL A CG1 1 
ATOM   698  C CG2 . VAL A 1 87  ? 13.452  -2.666  2.439   1.00 28.52  ? 112 VAL A CG2 1 
ATOM   699  N N   . PRO A 1 88  ? 13.109  -7.382  2.666   1.00 36.52  ? 113 PRO A N   1 
ATOM   700  C CA  . PRO A 1 88  ? 13.539  -8.770  2.487   1.00 40.67  ? 113 PRO A CA  1 
ATOM   701  C C   . PRO A 1 88  ? 14.372  -8.948  1.226   1.00 47.73  ? 113 PRO A C   1 
ATOM   702  O O   . PRO A 1 88  ? 14.278  -8.170  0.272   1.00 47.25  ? 113 PRO A O   1 
ATOM   703  C CB  . PRO A 1 88  ? 12.215  -9.535  2.394   1.00 49.90  ? 113 PRO A CB  1 
ATOM   704  C CG  . PRO A 1 88  ? 11.271  -8.530  1.806   1.00 36.61  ? 113 PRO A CG  1 
ATOM   705  C CD  . PRO A 1 88  ? 11.658  -7.227  2.458   1.00 43.56  ? 113 PRO A CD  1 
ATOM   706  N N   . GLN A 1 89  ? 15.209  -9.985  1.241   1.00 38.65  ? 114 GLN A N   1 
ATOM   707  C CA  . GLN A 1 89  ? 16.047  -10.324 0.099   1.00 36.94  ? 114 GLN A CA  1 
ATOM   708  C C   . GLN A 1 89  ? 15.386  -11.323 -0.840  1.00 34.09  ? 114 GLN A C   1 
ATOM   709  O O   . GLN A 1 89  ? 15.910  -11.565 -1.934  1.00 47.32  ? 114 GLN A O   1 
ATOM   710  C CB  . GLN A 1 89  ? 17.399  -10.871 0.574   1.00 42.71  ? 114 GLN A CB  1 
ATOM   711  C CG  . GLN A 1 89  ? 18.397  -9.781  0.943   1.00 43.42  ? 114 GLN A CG  1 
ATOM   712  C CD  . GLN A 1 89  ? 19.631  -10.326 1.637   1.00 47.05  ? 114 GLN A CD  1 
ATOM   713  O OE1 . GLN A 1 89  ? 20.466  -10.985 1.018   1.00 51.95  ? 114 GLN A OE1 1 
ATOM   714  N NE2 . GLN A 1 89  ? 19.751  -10.051 2.931   1.00 43.34  ? 114 GLN A NE2 1 
ATOM   715  N N   . GLU A 1 90  ? 14.269  -11.912 -0.435  1.00 50.12  ? 115 GLU A N   1 
ATOM   716  C CA  . GLU A 1 90  ? 13.368  -12.609 -1.338  1.00 48.48  ? 115 GLU A CA  1 
ATOM   717  C C   . GLU A 1 90  ? 12.170  -11.707 -1.599  1.00 42.69  ? 115 GLU A C   1 
ATOM   718  O O   . GLU A 1 90  ? 11.772  -10.919 -0.737  1.00 40.56  ? 115 GLU A O   1 
ATOM   719  C CB  . GLU A 1 90  ? 12.907  -13.939 -0.739  1.00 62.16  ? 115 GLU A CB  1 
ATOM   720  C CG  . GLU A 1 90  ? 14.019  -14.953 -0.495  1.00 54.69  ? 115 GLU A CG  1 
ATOM   721  C CD  . GLU A 1 90  ? 14.664  -15.458 -1.775  1.00 72.53  ? 115 GLU A CD  1 
ATOM   722  O OE1 . GLU A 1 90  ? 14.178  -16.466 -2.328  1.00 85.37  ? 115 GLU A OE1 1 
ATOM   723  O OE2 . GLU A 1 90  ? 15.664  -14.858 -2.221  1.00 82.64  ? 115 GLU A OE2 1 
ATOM   724  N N   . ILE A 1 91  ? 11.606  -11.810 -2.806  1.00 49.11  ? 116 ILE A N   1 
ATOM   725  C CA  . ILE A 1 91  ? 10.450  -10.986 -3.139  1.00 41.37  ? 116 ILE A CA  1 
ATOM   726  C C   . ILE A 1 91  ? 9.325   -11.277 -2.160  1.00 46.19  ? 116 ILE A C   1 
ATOM   727  O O   . ILE A 1 91  ? 8.904   -12.427 -1.989  1.00 43.48  ? 116 ILE A O   1 
ATOM   728  C CB  . ILE A 1 91  ? 9.995   -11.234 -4.585  1.00 42.62  ? 116 ILE A CB  1 
ATOM   729  C CG1 . ILE A 1 91  ? 11.063  -10.779 -5.576  1.00 44.20  ? 116 ILE A CG1 1 
ATOM   730  C CG2 . ILE A 1 91  ? 8.693   -10.498 -4.863  1.00 47.36  ? 116 ILE A CG2 1 
ATOM   731  C CD1 . ILE A 1 91  ? 10.834  -11.288 -6.976  1.00 43.22  ? 116 ILE A CD1 1 
ATOM   732  N N   . GLU A 1 92  ? 8.841   -10.230 -1.502  1.00 37.90  ? 117 GLU A N   1 
ATOM   733  C CA  . GLU A 1 92  ? 7.699   -10.337 -0.612  1.00 40.16  ? 117 GLU A CA  1 
ATOM   734  C C   . GLU A 1 92  ? 6.730   -9.204  -0.910  1.00 43.67  ? 117 GLU A C   1 
ATOM   735  O O   . GLU A 1 92  ? 7.086   -8.196  -1.528  1.00 32.53  ? 117 GLU A O   1 
ATOM   736  C CB  . GLU A 1 92  ? 8.123   -10.313 0.863   1.00 46.22  ? 117 GLU A CB  1 
ATOM   737  C CG  . GLU A 1 92  ? 9.182   -11.347 1.217   1.00 39.76  ? 117 GLU A CG  1 
ATOM   738  C CD  . GLU A 1 92  ? 9.381   -11.471 2.712   1.00 51.99  ? 117 GLU A CD  1 
ATOM   739  O OE1 . GLU A 1 92  ? 8.650   -10.790 3.464   1.00 45.98  ? 117 GLU A OE1 1 
ATOM   740  O OE2 . GLU A 1 92  ? 10.265  -12.244 3.134   1.00 51.76  ? 117 GLU A OE2 1 
ATOM   741  N N   . SER A 1 93  ? 5.491   -9.391  -0.469  1.00 33.00  ? 118 SER A N   1 
ATOM   742  C CA  . SER A 1 93  ? 4.428   -8.422  -0.673  1.00 35.42  ? 118 SER A CA  1 
ATOM   743  C C   . SER A 1 93  ? 3.804   -8.071  0.669   1.00 38.29  ? 118 SER A C   1 
ATOM   744  O O   . SER A 1 93  ? 3.726   -8.909  1.572   1.00 35.15  ? 118 SER A O   1 
ATOM   745  C CB  . SER A 1 93  ? 3.353   -8.960  -1.627  1.00 37.74  ? 118 SER A CB  1 
ATOM   746  O OG  . SER A 1 93  ? 3.898   -9.266  -2.899  1.00 49.05  ? 118 SER A OG  1 
ATOM   747  N N   . PHE A 1 94  ? 3.372   -6.819  0.804   1.00 32.29  ? 119 PHE A N   1 
ATOM   748  C CA  . PHE A 1 94  ? 2.677   -6.383  2.007   1.00 31.13  ? 119 PHE A CA  1 
ATOM   749  C C   . PHE A 1 94  ? 1.501   -5.503  1.613   1.00 34.41  ? 119 PHE A C   1 
ATOM   750  O O   . PHE A 1 94  ? 1.451   -4.952  0.510   1.00 31.89  ? 119 PHE A O   1 
ATOM   751  C CB  . PHE A 1 94  ? 3.619   -5.648  2.978   1.00 30.93  ? 119 PHE A CB  1 
ATOM   752  C CG  . PHE A 1 94  ? 4.137   -4.329  2.462   1.00 26.58  ? 119 PHE A CG  1 
ATOM   753  C CD1 . PHE A 1 94  ? 5.317   -4.272  1.735   1.00 21.26  ? 119 PHE A CD1 1 
ATOM   754  C CD2 . PHE A 1 94  ? 3.465   -3.147  2.732   1.00 30.49  ? 119 PHE A CD2 1 
ATOM   755  C CE1 . PHE A 1 94  ? 5.804   -3.061  1.265   1.00 27.50  ? 119 PHE A CE1 1 
ATOM   756  C CE2 . PHE A 1 94  ? 3.951   -1.931  2.266   1.00 28.46  ? 119 PHE A CE2 1 
ATOM   757  C CZ  . PHE A 1 94  ? 5.121   -1.888  1.535   1.00 27.41  ? 119 PHE A CZ  1 
ATOM   758  N N   . LEU A 1 95  ? 0.548   -5.381  2.532   1.00 30.27  ? 120 LEU A N   1 
ATOM   759  C CA  . LEU A 1 95  ? -0.709  -4.697  2.276   1.00 32.53  ? 120 LEU A CA  1 
ATOM   760  C C   . LEU A 1 95  ? -0.800  -3.416  3.092   1.00 35.86  ? 120 LEU A C   1 
ATOM   761  O O   . LEU A 1 95  ? -0.335  -3.358  4.234   1.00 32.57  ? 120 LEU A O   1 
ATOM   762  C CB  . LEU A 1 95  ? -1.905  -5.596  2.611   1.00 32.98  ? 120 LEU A CB  1 
ATOM   763  C CG  . LEU A 1 95  ? -2.010  -6.929  1.869   1.00 41.21  ? 120 LEU A CG  1 
ATOM   764  C CD1 . LEU A 1 95  ? -3.184  -7.738  2.391   1.00 43.66  ? 120 LEU A CD1 1 
ATOM   765  C CD2 . LEU A 1 95  ? -2.140  -6.688  0.373   1.00 37.32  ? 120 LEU A CD2 1 
ATOM   766  N N   . VAL A 1 96  ? -1.401  -2.395  2.494   1.00 31.52  ? 121 VAL A N   1 
ATOM   767  C CA  . VAL A 1 96  ? -1.877  -1.219  3.211   1.00 28.78  ? 121 VAL A CA  1 
ATOM   768  C C   . VAL A 1 96  ? -3.396  -1.285  3.171   1.00 38.23  ? 121 VAL A C   1 
ATOM   769  O O   . VAL A 1 96  ? -4.008  -1.079  2.116   1.00 36.81  ? 121 VAL A O   1 
ATOM   770  C CB  . VAL A 1 96  ? -1.353  0.086   2.598   1.00 34.23  ? 121 VAL A CB  1 
ATOM   771  C CG1 . VAL A 1 96  ? -1.980  1.280   3.288   1.00 35.91  ? 121 VAL A CG1 1 
ATOM   772  C CG2 . VAL A 1 96  ? 0.163   0.149   2.700   1.00 25.78  ? 121 VAL A CG2 1 
ATOM   773  N N   . TYR A 1 97  ? -4.008  -1.599  4.308   1.00 36.35  ? 122 TYR A N   1 
ATOM   774  C CA  . TYR A 1 97  ? -5.454  -1.743  4.367   1.00 41.48  ? 122 TYR A CA  1 
ATOM   775  C C   . TYR A 1 97  ? -6.108  -0.369  4.375   1.00 33.90  ? 122 TYR A C   1 
ATOM   776  O O   . TYR A 1 97  ? -5.719  0.510   5.149   1.00 41.30  ? 122 TYR A O   1 
ATOM   777  C CB  . TYR A 1 97  ? -5.863  -2.541  5.603   1.00 38.38  ? 122 TYR A CB  1 
ATOM   778  C CG  . TYR A 1 97  ? -5.246  -3.923  5.670   1.00 34.42  ? 122 TYR A CG  1 
ATOM   779  C CD1 . TYR A 1 97  ? -5.787  -4.979  4.951   1.00 33.99  ? 122 TYR A CD1 1 
ATOM   780  C CD2 . TYR A 1 97  ? -4.123  -4.169  6.447   1.00 34.77  ? 122 TYR A CD2 1 
ATOM   781  C CE1 . TYR A 1 97  ? -5.228  -6.247  5.006   1.00 47.29  ? 122 TYR A CE1 1 
ATOM   782  C CE2 . TYR A 1 97  ? -3.559  -5.429  6.508   1.00 41.48  ? 122 TYR A CE2 1 
ATOM   783  C CZ  . TYR A 1 97  ? -4.113  -6.464  5.788   1.00 44.89  ? 122 TYR A CZ  1 
ATOM   784  O OH  . TYR A 1 97  ? -3.547  -7.719  5.850   1.00 35.93  ? 122 TYR A OH  1 
ATOM   785  N N   . LEU A 1 98  ? -7.100  -0.185  3.508   1.00 34.67  ? 123 LEU A N   1 
ATOM   786  C CA  . LEU A 1 98  ? -7.825  1.079   3.380   1.00 39.45  ? 123 LEU A CA  1 
ATOM   787  C C   . LEU A 1 98  ? -9.307  0.777   3.540   1.00 40.24  ? 123 LEU A C   1 
ATOM   788  O O   . LEU A 1 98  ? -10.060 0.744   2.556   1.00 38.75  ? 123 LEU A O   1 
ATOM   789  C CB  . LEU A 1 98  ? -7.529  1.753   2.042   1.00 37.02  ? 123 LEU A CB  1 
ATOM   790  C CG  . LEU A 1 98  ? -6.048  2.052   1.815   1.00 35.99  ? 123 LEU A CG  1 
ATOM   791  C CD1 . LEU A 1 98  ? -5.810  2.607   0.423   1.00 37.39  ? 123 LEU A CD1 1 
ATOM   792  C CD2 . LEU A 1 98  ? -5.533  3.013   2.880   1.00 42.51  ? 123 LEU A CD2 1 
ATOM   793  N N   . PRO A 1 99  ? -9.766  0.551   4.779   1.00 44.80  ? 124 PRO A N   1 
ATOM   794  C CA  . PRO A 1 99  ? -11.130 0.048   4.988   1.00 43.56  ? 124 PRO A CA  1 
ATOM   795  C C   . PRO A 1 99  ? -12.192 1.138   5.030   1.00 43.87  ? 124 PRO A C   1 
ATOM   796  O O   . PRO A 1 99  ? -12.362 1.807   6.055   1.00 42.44  ? 124 PRO A O   1 
ATOM   797  C CB  . PRO A 1 99  ? -11.022 -0.679  6.334   1.00 42.64  ? 124 PRO A CB  1 
ATOM   798  C CG  . PRO A 1 99  ? -9.938  0.058   7.071   1.00 40.21  ? 124 PRO A CG  1 
ATOM   799  C CD  . PRO A 1 99  ? -9.020  0.685   6.044   1.00 40.10  ? 124 PRO A CD  1 
ATOM   800  N N   . CYS A 1 100 ? -12.918 1.319   3.926   1.00 44.75  ? 125 CYS A N   1 
ATOM   801  C CA  . CYS A 1 100 ? -14.052 2.232   3.933   1.00 50.26  ? 125 CYS A CA  1 
ATOM   802  C C   . CYS A 1 100 ? -15.122 1.719   4.890   1.00 52.96  ? 125 CYS A C   1 
ATOM   803  O O   . CYS A 1 100 ? -15.335 0.511   5.019   1.00 48.70  ? 125 CYS A O   1 
ATOM   804  C CB  . CYS A 1 100 ? -14.638 2.381   2.528   1.00 47.49  ? 125 CYS A CB  1 
ATOM   805  S SG  . CYS A 1 100 ? -13.573 3.203   1.320   1.00 49.10  ? 125 CYS A SG  1 
ATOM   806  N N   . THR A 1 101 ? -15.793 2.647   5.573   1.00 57.90  ? 126 THR A N   1 
ATOM   807  C CA  . THR A 1 101 ? -16.786 2.247   6.564   1.00 62.15  ? 126 THR A CA  1 
ATOM   808  C C   . THR A 1 101 ? -18.072 1.750   5.917   1.00 59.61  ? 126 THR A C   1 
ATOM   809  O O   . THR A 1 101 ? -18.818 0.983   6.536   1.00 63.56  ? 126 THR A O   1 
ATOM   810  C CB  . THR A 1 101 ? -17.095 3.413   7.501   1.00 59.17  ? 126 THR A CB  1 
ATOM   811  O OG1 . THR A 1 101 ? -17.820 4.424   6.789   1.00 64.63  ? 126 THR A OG1 1 
ATOM   812  C CG2 . THR A 1 101 ? -15.807 4.009   8.042   1.00 55.89  ? 126 THR A CG2 1 
ATOM   813  N N   . GLY A 1 102 ? -18.346 2.164   4.682   1.00 56.83  ? 127 GLY A N   1 
ATOM   814  C CA  . GLY A 1 102 ? -19.645 1.922   4.096   1.00 64.18  ? 127 GLY A CA  1 
ATOM   815  C C   . GLY A 1 102 ? -20.760 2.760   4.678   1.00 63.74  ? 127 GLY A C   1 
ATOM   816  O O   . GLY A 1 102 ? -21.913 2.598   4.265   1.00 65.04  ? 127 GLY A O   1 
ATOM   817  N N   . ASN A 1 103 ? -20.457 3.643   5.628   1.00 72.25  ? 128 ASN A N   1 
ATOM   818  C CA  . ASN A 1 103 ? -21.439 4.537   6.219   1.00 69.96  ? 128 ASN A CA  1 
ATOM   819  C C   . ASN A 1 103 ? -21.416 5.923   5.597   1.00 74.69  ? 128 ASN A C   1 
ATOM   820  O O   . ASN A 1 103 ? -22.132 6.811   6.069   1.00 81.35  ? 128 ASN A O   1 
ATOM   821  C CB  . ASN A 1 103 ? -21.209 4.643   7.730   1.00 68.62  ? 128 ASN A CB  1 
ATOM   822  C CG  . ASN A 1 103 ? -21.467 3.337   8.450   1.00 72.77  ? 128 ASN A CG  1 
ATOM   823  O OD1 . ASN A 1 103 ? -22.174 2.467   7.944   1.00 67.84  ? 128 ASN A OD1 1 
ATOM   824  N ND2 . ASN A 1 103 ? -20.882 3.188   9.633   1.00 65.89  ? 128 ASN A ND2 1 
ATOM   825  N N   . ALA A 1 104 ? -20.610 6.129   4.556   1.00 69.43  ? 129 ALA A N   1 
ATOM   826  C CA  . ALA A 1 104 ? -20.499 7.432   3.920   1.00 69.22  ? 129 ALA A CA  1 
ATOM   827  C C   . ALA A 1 104 ? -19.819 7.272   2.568   1.00 73.29  ? 129 ALA A C   1 
ATOM   828  O O   . ALA A 1 104 ? -18.993 6.378   2.373   1.00 74.20  ? 129 ALA A O   1 
ATOM   829  C CB  . ALA A 1 104 ? -19.722 8.418   4.798   1.00 64.47  ? 129 ALA A CB  1 
ATOM   830  N N   . SER A 1 105 ? -20.188 8.149   1.639   1.00 65.46  ? 130 SER A N   1 
ATOM   831  C CA  . SER A 1 105 ? -19.564 8.218   0.326   1.00 62.68  ? 130 SER A CA  1 
ATOM   832  C C   . SER A 1 105 ? -18.652 9.434   0.266   1.00 68.01  ? 130 SER A C   1 
ATOM   833  O O   . SER A 1 105 ? -19.023 10.523  0.717   1.00 65.62  ? 130 SER A O   1 
ATOM   834  C CB  . SER A 1 105 ? -20.613 8.297   -0.782  1.00 64.54  ? 130 SER A CB  1 
ATOM   835  O OG  . SER A 1 105 ? -21.337 7.087   -0.881  1.00 69.46  ? 130 SER A OG  1 
ATOM   836  N N   . LEU A 1 106 ? -17.465 9.245   -0.306  1.00 66.12  ? 131 LEU A N   1 
ATOM   837  C CA  . LEU A 1 106 ? -16.433 10.268  -0.231  1.00 58.56  ? 131 LEU A CA  1 
ATOM   838  C C   . LEU A 1 106 ? -15.244 9.868   -1.092  1.00 60.39  ? 131 LEU A C   1 
ATOM   839  O O   . LEU A 1 106 ? -14.971 8.678   -1.284  1.00 61.61  ? 131 LEU A O   1 
ATOM   840  C CB  . LEU A 1 106 ? -15.981 10.481  1.220   1.00 55.54  ? 131 LEU A CB  1 
ATOM   841  C CG  . LEU A 1 106 ? -15.539 11.877  1.663   1.00 65.99  ? 131 LEU A CG  1 
ATOM   842  C CD1 . LEU A 1 106 ? -16.694 12.867  1.634   1.00 77.92  ? 131 LEU A CD1 1 
ATOM   843  C CD2 . LEU A 1 106 ? -14.920 11.813  3.054   1.00 74.39  ? 131 LEU A CD2 1 
ATOM   844  N N   . GLN A 1 107 ? -14.560 10.880  -1.617  1.00 61.50  ? 132 GLN A N   1 
ATOM   845  C CA  . GLN A 1 107 ? -13.226 10.746  -2.181  1.00 58.14  ? 132 GLN A CA  1 
ATOM   846  C C   . GLN A 1 107 ? -12.257 11.505  -1.291  1.00 56.97  ? 132 GLN A C   1 
ATOM   847  O O   . GLN A 1 107 ? -12.589 12.581  -0.785  1.00 63.25  ? 132 GLN A O   1 
ATOM   848  C CB  . GLN A 1 107 ? -13.153 11.304  -3.603  1.00 62.28  ? 132 GLN A CB  1 
ATOM   849  C CG  . GLN A 1 107 ? -13.015 10.256  -4.682  1.00 62.08  ? 132 GLN A CG  1 
ATOM   850  C CD  . GLN A 1 107 ? -13.106 10.836  -6.076  1.00 69.87  ? 132 GLN A CD  1 
ATOM   851  O OE1 . GLN A 1 107 ? -12.541 11.889  -6.356  1.00 76.74  ? 132 GLN A OE1 1 
ATOM   852  N NE2 . GLN A 1 107 ? -13.811 10.142  -6.961  1.00 63.23  ? 132 GLN A NE2 1 
ATOM   853  N N   . MET A 1 108 ? -11.059 10.957  -1.101  1.00 54.20  ? 133 MET A N   1 
ATOM   854  C CA  . MET A 1 108 ? -10.096 11.642  -0.252  1.00 56.89  ? 133 MET A CA  1 
ATOM   855  C C   . MET A 1 108 ? -8.698  11.157  -0.579  1.00 52.20  ? 133 MET A C   1 
ATOM   856  O O   . MET A 1 108 ? -8.521  9.999   -0.978  1.00 43.31  ? 133 MET A O   1 
ATOM   857  C CB  . MET A 1 108 ? -10.402 11.419  1.234   1.00 53.45  ? 133 MET A CB  1 
ATOM   858  C CG  . MET A 1 108 ? -10.196 9.999   1.726   1.00 54.53  ? 133 MET A CG  1 
ATOM   859  S SD  . MET A 1 108 ? -11.129 9.732   3.234   1.00 61.22  ? 133 MET A SD  1 
ATOM   860  C CE  . MET A 1 108 ? -10.086 10.657  4.364   1.00 60.30  ? 133 MET A CE  1 
ATOM   861  N N   . PRO A 1 109 ? -7.687  12.008  -0.414  1.00 58.63  ? 134 PRO A N   1 
ATOM   862  C CA  . PRO A 1 109 ? -6.307  11.549  -0.597  1.00 51.22  ? 134 PRO A CA  1 
ATOM   863  C C   . PRO A 1 109 ? -5.888  10.599  0.515   1.00 43.92  ? 134 PRO A C   1 
ATOM   864  O O   . PRO A 1 109 ? -6.227  10.789  1.685   1.00 48.06  ? 134 PRO A O   1 
ATOM   865  C CB  . PRO A 1 109 ? -5.479  12.841  -0.565  1.00 46.98  ? 134 PRO A CB  1 
ATOM   866  C CG  . PRO A 1 109 ? -6.432  13.970  -0.427  1.00 56.39  ? 134 PRO A CG  1 
ATOM   867  C CD  . PRO A 1 109 ? -7.789  13.448  -0.118  1.00 53.26  ? 134 PRO A CD  1 
ATOM   868  N N   . VAL A 1 110 ? -5.170  9.548   0.128   1.00 45.47  ? 135 VAL A N   1 
ATOM   869  C CA  . VAL A 1 110 ? -4.386  8.733   1.050   1.00 46.82  ? 135 VAL A CA  1 
ATOM   870  C C   . VAL A 1 110 ? -3.021  8.541   0.409   1.00 41.97  ? 135 VAL A C   1 
ATOM   871  O O   . VAL A 1 110 ? -2.926  7.981   -0.689  1.00 40.12  ? 135 VAL A O   1 
ATOM   872  C CB  . VAL A 1 110 ? -5.024  7.363   1.351   1.00 50.50  ? 135 VAL A CB  1 
ATOM   873  C CG1 . VAL A 1 110 ? -4.358  6.731   2.567   1.00 42.24  ? 135 VAL A CG1 1 
ATOM   874  C CG2 . VAL A 1 110 ? -6.527  7.479   1.560   1.00 44.27  ? 135 VAL A CG2 1 
ATOM   875  N N   . ASN A 1 111 ? -1.972  9.015   1.071   1.00 38.19  ? 136 ASN A N   1 
ATOM   876  C CA  . ASN A 1 111 ? -0.616  8.884   0.561   1.00 37.11  ? 136 ASN A CA  1 
ATOM   877  C C   . ASN A 1 111 ? 0.201   7.962   1.454   1.00 40.40  ? 136 ASN A C   1 
ATOM   878  O O   . ASN A 1 111 ? 0.083   7.999   2.683   1.00 45.76  ? 136 ASN A O   1 
ATOM   879  C CB  . ASN A 1 111 ? 0.070   10.248  0.445   1.00 42.40  ? 136 ASN A CB  1 
ATOM   880  C CG  . ASN A 1 111 ? -0.828  11.301  -0.171  1.00 40.53  ? 136 ASN A CG  1 
ATOM   881  O OD1 . ASN A 1 111 ? -1.429  11.078  -1.222  1.00 39.62  ? 136 ASN A OD1 1 
ATOM   882  N ND2 . ASN A 1 111 ? -0.912  12.460  0.471   1.00 43.49  ? 136 ASN A ND2 1 
ATOM   883  N N   . VAL A 1 112 ? 1.030   7.136   0.823   1.00 36.30  ? 137 VAL A N   1 
ATOM   884  C CA  . VAL A 1 112 ? 1.888   6.185   1.514   1.00 37.32  ? 137 VAL A CA  1 
ATOM   885  C C   . VAL A 1 112 ? 3.331   6.630   1.324   1.00 38.19  ? 137 VAL A C   1 
ATOM   886  O O   . VAL A 1 112 ? 3.836   6.667   0.194   1.00 31.54  ? 137 VAL A O   1 
ATOM   887  C CB  . VAL A 1 112 ? 1.678   4.754   0.999   1.00 33.56  ? 137 VAL A CB  1 
ATOM   888  C CG1 . VAL A 1 112 ? 2.597   3.791   1.730   1.00 32.98  ? 137 VAL A CG1 1 
ATOM   889  C CG2 . VAL A 1 112 ? 0.219   4.344   1.155   1.00 28.80  ? 137 VAL A CG2 1 
ATOM   890  N N   . ASN A 1 113 ? 3.990   6.973   2.425   1.00 38.57  ? 138 ASN A N   1 
ATOM   891  C CA  . ASN A 1 113 ? 5.382   7.393   2.409   1.00 32.31  ? 138 ASN A CA  1 
ATOM   892  C C   . ASN A 1 113 ? 6.274   6.218   2.784   1.00 36.49  ? 138 ASN A C   1 
ATOM   893  O O   . ASN A 1 113 ? 5.981   5.482   3.730   1.00 38.16  ? 138 ASN A O   1 
ATOM   894  C CB  . ASN A 1 113 ? 5.616   8.560   3.370   1.00 33.69  ? 138 ASN A CB  1 
ATOM   895  C CG  . ASN A 1 113 ? 4.871   9.814   2.955   1.00 42.98  ? 138 ASN A CG  1 
ATOM   896  O OD1 . ASN A 1 113 ? 4.931   10.232  1.797   1.00 40.64  ? 138 ASN A OD1 1 
ATOM   897  N ND2 . ASN A 1 113 ? 4.173   10.429  3.903   1.00 39.79  ? 138 ASN A ND2 1 
ATOM   898  N N   . MET A 1 114 ? 7.349   6.032   2.025   1.00 34.39  ? 139 MET A N   1 
ATOM   899  C CA  . MET A 1 114 ? 8.319   4.986   2.308   1.00 34.98  ? 139 MET A CA  1 
ATOM   900  C C   . MET A 1 114 ? 9.725   5.555   2.208   1.00 33.99  ? 139 MET A C   1 
ATOM   901  O O   . MET A 1 114 ? 10.024  6.333   1.297   1.00 36.42  ? 139 MET A O   1 
ATOM   902  C CB  . MET A 1 114 ? 8.181   3.793   1.354   1.00 36.39  ? 139 MET A CB  1 
ATOM   903  C CG  . MET A 1 114 ? 6.808   3.140   1.332   1.00 40.31  ? 139 MET A CG  1 
ATOM   904  S SD  . MET A 1 114 ? 6.774   1.713   0.231   1.00 53.11  ? 139 MET A SD  1 
ATOM   905  C CE  . MET A 1 114 ? 8.528   1.381   0.073   1.00 38.82  ? 139 MET A CE  1 
ATOM   906  N N   . VAL A 1 115 ? 10.578  5.167   3.155   1.00 32.48  ? 140 VAL A N   1 
ATOM   907  C CA  . VAL A 1 115 ? 11.990  5.536   3.171   1.00 33.02  ? 140 VAL A CA  1 
ATOM   908  C C   . VAL A 1 115 ? 12.802  4.264   3.363   1.00 34.34  ? 140 VAL A C   1 
ATOM   909  O O   . VAL A 1 115 ? 12.627  3.560   4.365   1.00 32.53  ? 140 VAL A O   1 
ATOM   910  C CB  . VAL A 1 115 ? 12.320  6.548   4.281   1.00 38.64  ? 140 VAL A CB  1 
ATOM   911  C CG1 . VAL A 1 115 ? 13.806  6.867   4.270   1.00 38.34  ? 140 VAL A CG1 1 
ATOM   912  C CG2 . VAL A 1 115 ? 11.497  7.815   4.113   1.00 33.88  ? 140 VAL A CG2 1 
ATOM   913  N N   . VAL A 1 116 ? 13.678  3.963   2.408   1.00 28.80  ? 141 VAL A N   1 
ATOM   914  C CA  . VAL A 1 116 ? 14.591  2.830   2.503   1.00 32.99  ? 141 VAL A CA  1 
ATOM   915  C C   . VAL A 1 116 ? 16.000  3.387   2.613   1.00 40.33  ? 141 VAL A C   1 
ATOM   916  O O   . VAL A 1 116 ? 16.480  4.066   1.697   1.00 38.24  ? 141 VAL A O   1 
ATOM   917  C CB  . VAL A 1 116 ? 14.468  1.877   1.304   1.00 35.16  ? 141 VAL A CB  1 
ATOM   918  C CG1 . VAL A 1 116 ? 15.451  0.725   1.447   1.00 31.20  ? 141 VAL A CG1 1 
ATOM   919  C CG2 . VAL A 1 116 ? 13.047  1.348   1.191   1.00 26.88  ? 141 VAL A CG2 1 
ATOM   920  N N   . ARG A 1 117 ? 16.658  3.107   3.735   1.00 34.64  ? 142 ARG A N   1 
ATOM   921  C CA  . ARG A 1 117 ? 18.004  3.602   3.980   1.00 33.40  ? 142 ARG A CA  1 
ATOM   922  C C   . ARG A 1 117 ? 19.008  2.798   3.164   1.00 38.80  ? 142 ARG A C   1 
ATOM   923  O O   . ARG A 1 117 ? 18.962  1.564   3.149   1.00 40.74  ? 142 ARG A O   1 
ATOM   924  C CB  . ARG A 1 117 ? 18.337  3.511   5.468   1.00 42.36  ? 142 ARG A CB  1 
ATOM   925  C CG  . ARG A 1 117 ? 17.415  4.324   6.372   1.00 47.96  ? 142 ARG A CG  1 
ATOM   926  C CD  . ARG A 1 117 ? 17.553  5.819   6.135   1.00 57.23  ? 142 ARG A CD  1 
ATOM   927  N NE  . ARG A 1 117 ? 16.463  6.575   6.748   1.00 65.80  ? 142 ARG A NE  1 
ATOM   928  C CZ  . ARG A 1 117 ? 16.447  7.899   6.860   1.00 75.14  ? 142 ARG A CZ  1 
ATOM   929  N NH1 . ARG A 1 117 ? 17.467  8.613   6.404   1.00 77.79  ? 142 ARG A NH1 1 
ATOM   930  N NH2 . ARG A 1 117 ? 15.418  8.509   7.434   1.00 71.86  ? 142 ARG A NH2 1 
ATOM   931  N N   . ALA A 1 118 ? 19.914  3.495   2.493   1.00 43.14  ? 143 ALA A N   1 
ATOM   932  C CA  . ALA A 1 118 ? 20.859  2.857   1.595   1.00 43.48  ? 143 ALA A CA  1 
ATOM   933  C C   . ALA A 1 118 ? 22.208  2.641   2.268   1.00 49.89  ? 143 ALA A C   1 
ATOM   934  O O   . ALA A 1 118 ? 22.560  3.338   3.225   1.00 46.63  ? 143 ALA A O   1 
ATOM   935  C CB  . ALA A 1 118 ? 21.045  3.709   0.336   1.00 41.88  ? 143 ALA A CB  1 
ATOM   936  N N   . PRO A 1 119 ? 22.985  1.665   1.802   1.00 52.16  ? 144 PRO A N   1 
ATOM   937  C CA  . PRO A 1 119 ? 24.393  1.565   2.216   1.00 56.16  ? 144 PRO A CA  1 
ATOM   938  C C   . PRO A 1 119 ? 25.169  2.789   1.759   1.00 62.47  ? 144 PRO A C   1 
ATOM   939  O O   . PRO A 1 119 ? 24.715  3.509   0.857   1.00 49.35  ? 144 PRO A O   1 
ATOM   940  C CB  . PRO A 1 119 ? 24.881  0.280   1.523   1.00 59.37  ? 144 PRO A CB  1 
ATOM   941  C CG  . PRO A 1 119 ? 23.869  -0.043  0.484   1.00 56.27  ? 144 PRO A CG  1 
ATOM   942  C CD  . PRO A 1 119 ? 22.574  0.574   0.902   1.00 54.25  ? 144 PRO A CD  1 
ATOM   943  N N   . PRO A 1 120 ? 26.342  3.060   2.346   1.00 67.88  ? 145 PRO A N   1 
ATOM   944  C CA  . PRO A 1 120 ? 26.923  4.414   2.229   1.00 50.92  ? 145 PRO A CA  1 
ATOM   945  C C   . PRO A 1 120 ? 27.256  4.852   0.811   1.00 54.17  ? 145 PRO A C   1 
ATOM   946  O O   . PRO A 1 120 ? 27.397  6.059   0.576   1.00 59.48  ? 145 PRO A O   1 
ATOM   947  C CB  . PRO A 1 120 ? 28.186  4.331   3.095   1.00 69.61  ? 145 PRO A CB  1 
ATOM   948  C CG  . PRO A 1 120 ? 28.542  2.889   3.117   1.00 65.04  ? 145 PRO A CG  1 
ATOM   949  C CD  . PRO A 1 120 ? 27.251  2.129   3.042   1.00 65.74  ? 145 PRO A CD  1 
ATOM   950  N N   . ARG A 1 121 ? 27.380  3.930   -0.141  1.00 54.81  ? 146 ARG A N   1 
ATOM   951  C CA  . ARG A 1 121 ? 27.750  4.320   -1.496  1.00 58.61  ? 146 ARG A CA  1 
ATOM   952  C C   . ARG A 1 121 ? 26.581  4.867   -2.306  1.00 69.37  ? 146 ARG A C   1 
ATOM   953  O O   . ARG A 1 121 ? 26.811  5.445   -3.374  1.00 64.87  ? 146 ARG A O   1 
ATOM   954  C CB  . ARG A 1 121 ? 28.380  3.132   -2.226  1.00 63.77  ? 146 ARG A CB  1 
ATOM   955  C CG  . ARG A 1 121 ? 27.664  1.816   -1.995  1.00 74.11  ? 146 ARG A CG  1 
ATOM   956  C CD  . ARG A 1 121 ? 28.575  0.634   -2.275  1.00 87.02  ? 146 ARG A CD  1 
ATOM   957  N NE  . ARG A 1 121 ? 28.048  -0.604  -1.709  1.00 92.54  ? 146 ARG A NE  1 
ATOM   958  C CZ  . ARG A 1 121 ? 28.150  -0.951  -0.429  1.00 88.23  ? 146 ARG A CZ  1 
ATOM   959  N NH1 . ARG A 1 121 ? 28.766  -0.155  0.434   1.00 89.07  ? 146 ARG A NH1 1 
ATOM   960  N NH2 . ARG A 1 121 ? 27.635  -2.098  -0.013  1.00 69.51  ? 146 ARG A NH2 1 
ATOM   961  N N   . PHE A 1 122 ? 25.348  4.718   -1.830  1.00 67.78  ? 147 PHE A N   1 
ATOM   962  C CA  . PHE A 1 122 ? 24.162  5.193   -2.532  1.00 49.97  ? 147 PHE A CA  1 
ATOM   963  C C   . PHE A 1 122 ? 23.378  6.167   -1.654  1.00 56.07  ? 147 PHE A C   1 
ATOM   964  O O   . PHE A 1 122 ? 23.763  6.475   -0.523  1.00 48.57  ? 147 PHE A O   1 
ATOM   965  C CB  . PHE A 1 122 ? 23.269  4.025   -2.958  1.00 51.31  ? 147 PHE A CB  1 
ATOM   966  C CG  . PHE A 1 122 ? 24.021  2.848   -3.511  1.00 61.85  ? 147 PHE A CG  1 
ATOM   967  C CD1 . PHE A 1 122 ? 24.738  2.956   -4.690  1.00 69.64  ? 147 PHE A CD1 1 
ATOM   968  C CD2 . PHE A 1 122 ? 23.987  1.623   -2.862  1.00 65.86  ? 147 PHE A CD2 1 
ATOM   969  C CE1 . PHE A 1 122 ? 25.424  1.869   -5.203  1.00 76.30  ? 147 PHE A CE1 1 
ATOM   970  C CE2 . PHE A 1 122 ? 24.668  0.535   -3.369  1.00 70.72  ? 147 PHE A CE2 1 
ATOM   971  C CZ  . PHE A 1 122 ? 25.386  0.657   -4.540  1.00 75.79  ? 147 PHE A CZ  1 
ATOM   972  N N   . ASN A 1 123 ? 22.258  6.644   -2.193  1.00 54.56  ? 148 ASN A N   1 
ATOM   973  C CA  . ASN A 1 123 ? 21.373  7.578   -1.516  1.00 49.30  ? 148 ASN A CA  1 
ATOM   974  C C   . ASN A 1 123 ? 20.079  6.880   -1.117  1.00 42.91  ? 148 ASN A C   1 
ATOM   975  O O   . ASN A 1 123 ? 19.612  5.965   -1.801  1.00 42.53  ? 148 ASN A O   1 
ATOM   976  C CB  . ASN A 1 123 ? 21.047  8.777   -2.408  1.00 49.07  ? 148 ASN A CB  1 
ATOM   977  C CG  . ASN A 1 123 ? 22.249  9.653   -2.671  1.00 62.04  ? 148 ASN A CG  1 
ATOM   978  O OD1 . ASN A 1 123 ? 22.867  10.170  -1.741  1.00 59.55  ? 148 ASN A OD1 1 
ATOM   979  N ND2 . ASN A 1 123 ? 22.589  9.826   -3.942  1.00 69.09  ? 148 ASN A ND2 1 
ATOM   980  N N   . ASP A 1 124 ? 19.498  7.335   -0.009  1.00 32.65  ? 149 ASP A N   1 
ATOM   981  C CA  . ASP A 1 124 ? 18.247  6.765   0.474   1.00 39.49  ? 149 ASP A CA  1 
ATOM   982  C C   . ASP A 1 124 ? 17.150  6.903   -0.575  1.00 43.50  ? 149 ASP A C   1 
ATOM   983  O O   . ASP A 1 124 ? 17.100  7.881   -1.327  1.00 36.37  ? 149 ASP A O   1 
ATOM   984  C CB  . ASP A 1 124 ? 17.815  7.452   1.770   1.00 32.68  ? 149 ASP A CB  1 
ATOM   985  C CG  . ASP A 1 124 ? 18.810  7.253   2.894   1.00 51.12  ? 149 ASP A CG  1 
ATOM   986  O OD1 . ASP A 1 124 ? 19.698  6.382   2.756   1.00 49.45  ? 149 ASP A OD1 1 
ATOM   987  O OD2 . ASP A 1 124 ? 18.704  7.963   3.915   1.00 41.66  ? 149 ASP A OD2 1 
ATOM   988  N N   . THR A 1 125 ? 16.268  5.910   -0.623  1.00 40.16  ? 150 THR A N   1 
ATOM   989  C CA  . THR A 1 125 ? 15.105  5.949   -1.504  1.00 34.25  ? 150 THR A CA  1 
ATOM   990  C C   . THR A 1 125 ? 13.926  6.510   -0.718  1.00 31.75  ? 150 THR A C   1 
ATOM   991  O O   . THR A 1 125 ? 13.448  5.879   0.231   1.00 31.29  ? 150 THR A O   1 
ATOM   992  C CB  . THR A 1 125 ? 14.777  4.562   -2.047  1.00 35.66  ? 150 THR A CB  1 
ATOM   993  O OG1 . THR A 1 125 ? 15.920  4.019   -2.719  1.00 31.73  ? 150 THR A OG1 1 
ATOM   994  C CG2 . THR A 1 125 ? 13.599  4.638   -3.019  1.00 34.30  ? 150 THR A CG2 1 
ATOM   995  N N   . ARG A 1 126 ? 13.462  7.693   -1.108  1.00 31.59  ? 151 ARG A N   1 
ATOM   996  C CA  . ARG A 1 126 ? 12.332  8.358   -0.469  1.00 36.61  ? 151 ARG A CA  1 
ATOM   997  C C   . ARG A 1 126 ? 11.169  8.403   -1.451  1.00 40.85  ? 151 ARG A C   1 
ATOM   998  O O   . ARG A 1 126 ? 11.293  8.975   -2.541  1.00 33.65  ? 151 ARG A O   1 
ATOM   999  C CB  . ARG A 1 126 ? 12.716  9.768   -0.019  1.00 33.69  ? 151 ARG A CB  1 
ATOM   1000 C CG  . ARG A 1 126 ? 14.130  9.881   0.543   1.00 51.42  ? 151 ARG A CG  1 
ATOM   1001 C CD  . ARG A 1 126 ? 14.301  11.138  1.390   1.00 59.55  ? 151 ARG A CD  1 
ATOM   1002 N NE  . ARG A 1 126 ? 13.249  11.282  2.392   1.00 64.79  ? 151 ARG A NE  1 
ATOM   1003 C CZ  . ARG A 1 126 ? 13.411  11.024  3.686   1.00 72.03  ? 151 ARG A CZ  1 
ATOM   1004 N NH1 . ARG A 1 126 ? 14.586  10.606  4.137   1.00 55.87  ? 151 ARG A NH1 1 
ATOM   1005 N NH2 . ARG A 1 126 ? 12.402  11.185  4.532   1.00 69.30  ? 151 ARG A NH2 1 
ATOM   1006 N N   . LEU A 1 127 ? 10.042  7.809   -1.065  1.00 32.29  ? 152 LEU A N   1 
ATOM   1007 C CA  . LEU A 1 127 ? 8.893   7.681   -1.949  1.00 40.39  ? 152 LEU A CA  1 
ATOM   1008 C C   . LEU A 1 127 ? 7.647   8.266   -1.301  1.00 32.79  ? 152 LEU A C   1 
ATOM   1009 O O   . LEU A 1 127 ? 7.440   8.134   -0.089  1.00 35.25  ? 152 LEU A O   1 
ATOM   1010 C CB  . LEU A 1 127 ? 8.643   6.217   -2.322  1.00 36.21  ? 152 LEU A CB  1 
ATOM   1011 C CG  . LEU A 1 127 ? 9.805   5.504   -3.013  1.00 37.85  ? 152 LEU A CG  1 
ATOM   1012 C CD1 . LEU A 1 127 ? 9.497   4.023   -3.166  1.00 38.84  ? 152 LEU A CD1 1 
ATOM   1013 C CD2 . LEU A 1 127 ? 10.104  6.155   -4.360  1.00 31.70  ? 152 LEU A CD2 1 
ATOM   1014 N N   . HIS A 1 128 ? 6.821   8.911   -2.129  1.00 31.82  ? 153 HIS A N   1 
ATOM   1015 C CA  . HIS A 1 128 ? 5.560   9.526   -1.719  1.00 33.49  ? 153 HIS A CA  1 
ATOM   1016 C C   . HIS A 1 128 ? 4.498   9.027   -2.700  1.00 35.53  ? 153 HIS A C   1 
ATOM   1017 O O   . HIS A 1 128 ? 4.237   9.659   -3.727  1.00 34.40  ? 153 HIS A O   1 
ATOM   1018 C CB  . HIS A 1 128 ? 5.683   11.052  -1.708  1.00 34.53  ? 153 HIS A CB  1 
ATOM   1019 C CG  . HIS A 1 128 ? 4.417   11.766  -1.345  1.00 32.18  ? 153 HIS A CG  1 
ATOM   1020 N ND1 . HIS A 1 128 ? 3.861   11.701  -0.086  1.00 42.51  ? 153 HIS A ND1 1 
ATOM   1021 C CD2 . HIS A 1 128 ? 3.611   12.577  -2.071  1.00 42.52  ? 153 HIS A CD2 1 
ATOM   1022 C CE1 . HIS A 1 128 ? 2.759   12.430  -0.056  1.00 42.78  ? 153 HIS A CE1 1 
ATOM   1023 N NE2 . HIS A 1 128 ? 2.586   12.973  -1.247  1.00 35.72  ? 153 HIS A NE2 1 
ATOM   1024 N N   . PHE A 1 129 ? 3.907   7.875   -2.391  1.00 31.82  ? 154 PHE A N   1 
ATOM   1025 C CA  . PHE A 1 129 ? 2.883   7.285   -3.246  1.00 35.54  ? 154 PHE A CA  1 
ATOM   1026 C C   . PHE A 1 129 ? 1.578   8.047   -3.064  1.00 33.84  ? 154 PHE A C   1 
ATOM   1027 O O   . PHE A 1 129 ? 0.990   8.027   -1.979  1.00 36.22  ? 154 PHE A O   1 
ATOM   1028 C CB  . PHE A 1 129 ? 2.684   5.808   -2.912  1.00 35.37  ? 154 PHE A CB  1 
ATOM   1029 C CG  . PHE A 1 129 ? 3.839   4.927   -3.300  1.00 29.97  ? 154 PHE A CG  1 
ATOM   1030 C CD1 . PHE A 1 129 ? 3.974   4.474   -4.601  1.00 36.19  ? 154 PHE A CD1 1 
ATOM   1031 C CD2 . PHE A 1 129 ? 4.773   4.526   -2.357  1.00 37.40  ? 154 PHE A CD2 1 
ATOM   1032 C CE1 . PHE A 1 129 ? 5.025   3.658   -4.959  1.00 37.59  ? 154 PHE A CE1 1 
ATOM   1033 C CE2 . PHE A 1 129 ? 5.831   3.706   -2.711  1.00 35.51  ? 154 PHE A CE2 1 
ATOM   1034 C CZ  . PHE A 1 129 ? 5.957   3.269   -4.016  1.00 35.17  ? 154 PHE A CZ  1 
ATOM   1035 N N   . LYS A 1 130 ? 1.119   8.713   -4.120  1.00 36.75  ? 155 LYS A N   1 
ATOM   1036 C CA  . LYS A 1 130 ? -0.125  9.466   -4.065  1.00 32.52  ? 155 LYS A CA  1 
ATOM   1037 C C   . LYS A 1 130 ? -1.287  8.596   -4.522  1.00 36.41  ? 155 LYS A C   1 
ATOM   1038 O O   . LYS A 1 130 ? -1.265  8.045   -5.626  1.00 35.30  ? 155 LYS A O   1 
ATOM   1039 C CB  . LYS A 1 130 ? -0.036  10.729  -4.923  1.00 41.94  ? 155 LYS A CB  1 
ATOM   1040 C CG  . LYS A 1 130 ? 0.847   11.808  -4.329  1.00 29.35  ? 155 LYS A CG  1 
ATOM   1041 C CD  . LYS A 1 130 ? 0.835   13.053  -5.189  1.00 34.97  ? 155 LYS A CD  1 
ATOM   1042 C CE  . LYS A 1 130 ? 1.456   12.789  -6.542  1.00 33.33  ? 155 LYS A CE  1 
ATOM   1043 N NZ  . LYS A 1 130 ? 2.066   14.020  -7.112  1.00 31.66  ? 155 LYS A NZ  1 
ATOM   1044 N N   . ARG A 1 131 ? -2.293  8.463   -3.660  1.00 35.04  ? 156 ARG A N   1 
ATOM   1045 C CA  . ARG A 1 131 ? -3.509  7.734   -3.982  1.00 34.49  ? 156 ARG A CA  1 
ATOM   1046 C C   . ARG A 1 131 ? -4.731  8.536   -3.554  1.00 32.46  ? 156 ARG A C   1 
ATOM   1047 O O   . ARG A 1 131 ? -4.681  9.320   -2.599  1.00 42.12  ? 156 ARG A O   1 
ATOM   1048 C CB  . ARG A 1 131 ? -3.540  6.341   -3.322  1.00 33.54  ? 156 ARG A CB  1 
ATOM   1049 C CG  . ARG A 1 131 ? -2.262  5.527   -3.485  1.00 32.50  ? 156 ARG A CG  1 
ATOM   1050 C CD  . ARG A 1 131 ? -2.371  4.649   -4.716  1.00 37.53  ? 156 ARG A CD  1 
ATOM   1051 N NE  . ARG A 1 131 ? -1.160  3.887   -4.984  1.00 35.72  ? 156 ARG A NE  1 
ATOM   1052 C CZ  . ARG A 1 131 ? -0.123  4.343   -5.675  1.00 35.09  ? 156 ARG A CZ  1 
ATOM   1053 N NH1 . ARG A 1 131 ? -0.133  5.572   -6.173  1.00 34.78  ? 156 ARG A NH1 1 
ATOM   1054 N NH2 . ARG A 1 131 ? 0.929   3.561   -5.870  1.00 31.82  ? 156 ARG A NH2 1 
ATOM   1055 N N   . ASN A 1 132 ? -5.827  8.340   -4.292  1.00 33.94  ? 157 ASN A N   1 
ATOM   1056 C CA  . ASN A 1 132 ? -7.116  8.961   -3.999  1.00 39.87  ? 157 ASN A CA  1 
ATOM   1057 C C   . ASN A 1 132 ? -8.122  7.846   -3.749  1.00 37.31  ? 157 ASN A C   1 
ATOM   1058 O O   . ASN A 1 132 ? -8.566  7.179   -4.692  1.00 36.80  ? 157 ASN A O   1 
ATOM   1059 C CB  . ASN A 1 132 ? -7.572  9.865   -5.145  1.00 43.00  ? 157 ASN A CB  1 
ATOM   1060 C CG  . ASN A 1 132 ? -9.053  10.167  -5.095  1.00 57.45  ? 157 ASN A CG  1 
ATOM   1061 O OD1 . ASN A 1 132 ? -9.840  9.619   -5.868  1.00 59.58  ? 157 ASN A OD1 1 
ATOM   1062 N ND2 . ASN A 1 132 ? -9.442  11.037  -4.173  1.00 63.63  ? 157 ASN A ND2 1 
ATOM   1063 N N   . LYS A 1 133 ? -8.478  7.646   -2.485  1.00 39.04  ? 158 LYS A N   1 
ATOM   1064 C CA  . LYS A 1 133 ? -9.377  6.565   -2.109  1.00 38.23  ? 158 LYS A CA  1 
ATOM   1065 C C   . LYS A 1 133 ? -10.830 6.977   -2.296  1.00 44.81  ? 158 LYS A C   1 
ATOM   1066 O O   . LYS A 1 133 ? -11.267 8.009   -1.777  1.00 44.88  ? 158 LYS A O   1 
ATOM   1067 C CB  . LYS A 1 133 ? -9.137  6.157   -0.658  1.00 38.52  ? 158 LYS A CB  1 
ATOM   1068 C CG  . LYS A 1 133 ? -9.947  4.950   -0.205  1.00 37.54  ? 158 LYS A CG  1 
ATOM   1069 C CD  . LYS A 1 133 ? -9.556  3.687   -0.960  1.00 34.52  ? 158 LYS A CD  1 
ATOM   1070 C CE  . LYS A 1 133 ? -10.203 2.450   -0.348  1.00 37.48  ? 158 LYS A CE  1 
ATOM   1071 N NZ  . LYS A 1 133 ? -11.492 2.093   -1.002  1.00 37.09  ? 158 LYS A NZ  1 
ATOM   1072 N N   . ILE A 1 134 ? -11.574 6.166   -3.032  1.00 36.63  ? 159 ILE A N   1 
ATOM   1073 C CA  . ILE A 1 134 ? -13.016 6.335   -3.159  1.00 45.11  ? 159 ILE A CA  1 
ATOM   1074 C C   . ILE A 1 134 ? -13.695 5.436   -2.138  1.00 46.32  ? 159 ILE A C   1 
ATOM   1075 O O   . ILE A 1 134 ? -13.313 4.272   -1.959  1.00 44.53  ? 159 ILE A O   1 
ATOM   1076 C CB  . ILE A 1 134 ? -13.491 6.006   -4.587  1.00 41.80  ? 159 ILE A CB  1 
ATOM   1077 C CG1 . ILE A 1 134 ? -12.850 6.954   -5.601  1.00 44.73  ? 159 ILE A CG1 1 
ATOM   1078 C CG2 . ILE A 1 134 ? -15.010 6.086   -4.680  1.00 42.18  ? 159 ILE A CG2 1 
ATOM   1079 C CD1 . ILE A 1 134 ? -12.490 6.294   -6.904  1.00 47.40  ? 159 ILE A CD1 1 
ATOM   1080 N N   . CYS A 1 135 ? -14.696 5.976   -1.455  1.00 51.84  ? 160 CYS A N   1 
ATOM   1081 C CA  . CYS A 1 135 ? -15.555 5.202   -0.576  1.00 46.31  ? 160 CYS A CA  1 
ATOM   1082 C C   . CYS A 1 135 ? -17.002 5.386   -1.010  1.00 51.63  ? 160 CYS A C   1 
ATOM   1083 O O   . CYS A 1 135 ? -17.391 6.453   -1.496  1.00 53.01  ? 160 CYS A O   1 
ATOM   1084 C CB  . CYS A 1 135 ? -15.394 5.621   0.890   1.00 44.95  ? 160 CYS A CB  1 
ATOM   1085 S SG  . CYS A 1 135 ? -13.812 5.191   1.662   1.00 51.79  ? 160 CYS A SG  1 
ATOM   1086 N N   . ALA A 1 136 ? -17.792 4.332   -0.842  1.00 62.35  ? 161 ALA A N   1 
ATOM   1087 C CA  . ALA A 1 136 ? -19.213 4.374   -1.141  1.00 60.71  ? 161 ALA A CA  1 
ATOM   1088 C C   . ALA A 1 136 ? -19.988 3.822   0.044   1.00 64.54  ? 161 ALA A C   1 
ATOM   1089 O O   . ALA A 1 136 ? -19.524 2.919   0.744   1.00 56.38  ? 161 ALA A O   1 
ATOM   1090 C CB  . ALA A 1 136 ? -19.550 3.582   -2.411  1.00 49.54  ? 161 ALA A CB  1 
ATOM   1091 N N   . LYS A 1 137 ? -21.167 4.394   0.277   1.00 67.62  ? 162 LYS A N   1 
ATOM   1092 C CA  . LYS A 1 137 ? -22.064 3.844   1.282   1.00 63.02  ? 162 LYS A CA  1 
ATOM   1093 C C   . LYS A 1 137 ? -22.461 2.425   0.899   1.00 56.52  ? 162 LYS A C   1 
ATOM   1094 O O   . LYS A 1 137 ? -22.771 2.139   -0.260  1.00 59.20  ? 162 LYS A O   1 
ATOM   1095 C CB  . LYS A 1 137 ? -23.310 4.718   1.428   1.00 66.95  ? 162 LYS A CB  1 
ATOM   1096 C CG  . LYS A 1 137 ? -24.118 4.422   2.681   1.00 78.12  ? 162 LYS A CG  1 
ATOM   1097 C CD  . LYS A 1 137 ? -25.104 5.535   3.007   1.00 84.86  ? 162 LYS A CD  1 
ATOM   1098 C CE  . LYS A 1 137 ? -24.407 6.786   3.516   1.00 85.74  ? 162 LYS A CE  1 
ATOM   1099 N NZ  . LYS A 1 137 ? -25.352 7.935   3.611   1.00 90.26  ? 162 LYS A NZ  1 
ATOM   1100 N N   . GLY A 1 138 ? -22.435 1.528   1.880   1.00 64.89  ? 163 GLY A N   1 
ATOM   1101 C CA  . GLY A 1 138 ? -22.769 0.143   1.627   1.00 58.33  ? 163 GLY A CA  1 
ATOM   1102 C C   . GLY A 1 138 ? -21.682 -0.672  0.964   1.00 59.98  ? 163 GLY A C   1 
ATOM   1103 O O   . GLY A 1 138 ? -21.930 -1.831  0.612   1.00 53.43  ? 163 GLY A O   1 
ATOM   1104 N N   . ILE A 1 139 ? -20.493 -0.105  0.769   1.00 52.81  ? 164 ILE A N   1 
ATOM   1105 C CA  . ILE A 1 139 ? -19.340 -0.837  0.259   1.00 52.64  ? 164 ILE A CA  1 
ATOM   1106 C C   . ILE A 1 139 ? -18.256 -0.786  1.325   1.00 51.18  ? 164 ILE A C   1 
ATOM   1107 O O   . ILE A 1 139 ? -17.762 0.297   1.665   1.00 49.87  ? 164 ILE A O   1 
ATOM   1108 C CB  . ILE A 1 139 ? -18.827 -0.265  -1.072  1.00 51.07  ? 164 ILE A CB  1 
ATOM   1109 C CG1 . ILE A 1 139 ? -19.954 -0.234  -2.114  1.00 42.32  ? 164 ILE A CG1 1 
ATOM   1110 C CG2 . ILE A 1 139 ? -17.628 -1.071  -1.565  1.00 49.41  ? 164 ILE A CG2 1 
ATOM   1111 C CD1 . ILE A 1 139 ? -19.976 -1.423  -3.055  1.00 49.46  ? 164 ILE A CD1 1 
ATOM   1112 N N   . SER A 1 140 ? -17.891 -1.953  1.852   1.00 50.10  ? 165 SER A N   1 
ATOM   1113 C CA  . SER A 1 140 ? -16.908 -2.051  2.921   1.00 59.86  ? 165 SER A CA  1 
ATOM   1114 C C   . SER A 1 140 ? -16.333 -3.458  2.909   1.00 57.62  ? 165 SER A C   1 
ATOM   1115 O O   . SER A 1 140 ? -17.006 -4.390  2.452   1.00 54.58  ? 165 SER A O   1 
ATOM   1116 C CB  . SER A 1 140 ? -17.543 -1.735  4.285   1.00 56.03  ? 165 SER A CB  1 
ATOM   1117 O OG  . SER A 1 140 ? -18.888 -2.176  4.337   1.00 68.22  ? 165 SER A OG  1 
ATOM   1118 N N   . PRO A 1 141 ? -15.107 -3.650  3.397   1.00 44.99  ? 166 PRO A N   1 
ATOM   1119 C CA  . PRO A 1 141 ? -14.509 -4.989  3.360   1.00 52.74  ? 166 PRO A CA  1 
ATOM   1120 C C   . PRO A 1 141 ? -15.250 -5.952  4.271   1.00 56.49  ? 166 PRO A C   1 
ATOM   1121 O O   . PRO A 1 141 ? -15.672 -5.601  5.375   1.00 52.58  ? 166 PRO A O   1 
ATOM   1122 C CB  . PRO A 1 141 ? -13.073 -4.760  3.845   1.00 49.74  ? 166 PRO A CB  1 
ATOM   1123 C CG  . PRO A 1 141 ? -13.108 -3.473  4.588   1.00 48.24  ? 166 PRO A CG  1 
ATOM   1124 C CD  . PRO A 1 141 ? -14.205 -2.648  3.991   1.00 51.97  ? 166 PRO A CD  1 
ATOM   1125 N N   . GLU A 1 142 ? -15.406 -7.173  3.791   1.00 57.85  ? 167 GLU A N   1 
ATOM   1126 C CA  . GLU A 1 142 ? -16.020 -8.213  4.593   1.00 68.39  ? 167 GLU A CA  1 
ATOM   1127 C C   . GLU A 1 142 ? -15.000 -8.795  5.571   1.00 63.38  ? 167 GLU A C   1 
ATOM   1128 O O   . GLU A 1 142 ? -13.817 -8.921  5.243   1.00 63.00  ? 167 GLU A O   1 
ATOM   1129 C CB  . GLU A 1 142 ? -16.559 -9.326  3.698   1.00 65.93  ? 167 GLU A CB  1 
ATOM   1130 C CG  . GLU A 1 142 ? -17.729 -8.933  2.796   1.00 74.46  ? 167 GLU A CG  1 
ATOM   1131 C CD  . GLU A 1 142 ? -19.029 -8.659  3.540   1.00 82.19  ? 167 GLU A CD  1 
ATOM   1132 O OE1 . GLU A 1 142 ? -19.049 -8.681  4.789   1.00 82.64  ? 167 GLU A OE1 1 
ATOM   1133 O OE2 . GLU A 1 142 ? -20.049 -8.428  2.857   1.00 89.15  ? 167 GLU A OE2 1 
ATOM   1134 N N   . PRO A 1 143 ? -15.431 -9.150  6.776   1.00 78.46  ? 168 PRO A N   1 
ATOM   1135 C CA  . PRO A 1 143 ? -14.531 -9.841  7.703   1.00 62.56  ? 168 PRO A CA  1 
ATOM   1136 C C   . PRO A 1 143 ? -14.360 -11.296 7.302   1.00 72.60  ? 168 PRO A C   1 
ATOM   1137 O O   . PRO A 1 143 ? -15.261 -11.920 6.736   1.00 64.47  ? 168 PRO A O   1 
ATOM   1138 C CB  . PRO A 1 143 ? -15.258 -9.724  9.047   1.00 68.48  ? 168 PRO A CB  1 
ATOM   1139 C CG  . PRO A 1 143 ? -16.707 -9.682  8.670   1.00 70.64  ? 168 PRO A CG  1 
ATOM   1140 C CD  . PRO A 1 143 ? -16.779 -8.966  7.340   1.00 76.27  ? 168 PRO A CD  1 
ATOM   1141 N N   . ASN A 1 144 ? -13.183 -11.845 7.602   1.00 65.79  ? 169 ASN A N   1 
ATOM   1142 C CA  . ASN A 1 144 ? -12.961 -13.247 7.281   1.00 67.24  ? 169 ASN A CA  1 
ATOM   1143 C C   . ASN A 1 144 ? -13.261 -14.184 8.438   1.00 66.44  ? 169 ASN A C   1 
ATOM   1144 O O   . ASN A 1 144 ? -13.393 -15.393 8.215   1.00 63.92  ? 169 ASN A O   1 
ATOM   1145 C CB  . ASN A 1 144 ? -11.528 -13.485 6.772   1.00 67.21  ? 169 ASN A CB  1 
ATOM   1146 C CG  . ASN A 1 144 ? -11.109 -12.540 5.619   1.00 82.56  ? 169 ASN A CG  1 
ATOM   1147 O OD1 . ASN A 1 144 ? -10.070 -11.890 5.739   1.00 84.73  ? 169 ASN A OD1 1 
ATOM   1148 N ND2 . ASN A 1 144 ? -11.872 -12.473 4.502   1.00 87.12  ? 169 ASN A ND2 1 
ATOM   1149 N N   . GLN A 1 145 ? -13.387 -13.667 9.654   1.00 54.77  ? 170 GLN A N   1 
ATOM   1150 C CA  . GLN A 1 145 ? -13.906 -14.478 10.744  1.00 52.54  ? 170 GLN A CA  1 
ATOM   1151 C C   . GLN A 1 145 ? -15.414 -14.608 10.581  1.00 59.42  ? 170 GLN A C   1 
ATOM   1152 O O   . GLN A 1 145 ? -16.133 -13.602 10.563  1.00 57.55  ? 170 GLN A O   1 
ATOM   1153 C CB  . GLN A 1 145 ? -13.538 -13.864 12.090  1.00 56.19  ? 170 GLN A CB  1 
ATOM   1154 C CG  . GLN A 1 145 ? -12.093 -14.141 12.478  1.00 56.18  ? 170 GLN A CG  1 
ATOM   1155 C CD  . GLN A 1 145 ? -11.614 -13.298 13.642  1.00 59.83  ? 170 GLN A CD  1 
ATOM   1156 O OE1 . GLN A 1 145 ? -10.469 -12.842 13.664  1.00 64.56  ? 170 GLN A OE1 1 
ATOM   1157 N NE2 . GLN A 1 145 ? -12.488 -13.086 14.617  1.00 65.49  ? 170 GLN A NE2 1 
ATOM   1158 N N   . SER A 1 146 ? -15.888 -15.837 10.437  1.00 49.90  ? 171 SER A N   1 
ATOM   1159 C CA  . SER A 1 146 ? -17.273 -16.076 10.068  1.00 52.57  ? 171 SER A CA  1 
ATOM   1160 C C   . SER A 1 146 ? -18.132 -16.301 11.304  1.00 60.28  ? 171 SER A C   1 
ATOM   1161 O O   . SER A 1 146 ? -17.667 -16.898 12.283  1.00 54.19  ? 171 SER A O   1 
ATOM   1162 C CB  . SER A 1 146 ? -17.381 -17.295 9.150   1.00 54.17  ? 171 SER A CB  1 
ATOM   1163 O OG  . SER A 1 146 ? -16.539 -17.161 8.018   1.00 49.22  ? 171 SER A OG  1 
ATOM   1164 N N   . PRO A 1 147 ? -19.382 -15.842 11.272  1.00 63.10  ? 172 PRO A N   1 
ATOM   1165 C CA  . PRO A 1 147 ? -20.269 -16.012 12.429  1.00 54.26  ? 172 PRO A CA  1 
ATOM   1166 C C   . PRO A 1 147 ? -20.598 -17.477 12.669  1.00 56.29  ? 172 PRO A C   1 
ATOM   1167 O O   . PRO A 1 147 ? -20.346 -18.355 11.841  1.00 55.47  ? 172 PRO A O   1 
ATOM   1168 C CB  . PRO A 1 147 ? -21.514 -15.211 12.034  1.00 59.17  ? 172 PRO A CB  1 
ATOM   1169 C CG  . PRO A 1 147 ? -21.505 -15.276 10.536  1.00 55.59  ? 172 PRO A CG  1 
ATOM   1170 C CD  . PRO A 1 147 ? -20.052 -15.102 10.189  1.00 53.47  ? 172 PRO A CD  1 
ATOM   1171 N N   . ALA A 1 148 ? -21.174 -17.731 13.843  1.00 57.48  ? 173 ALA A N   1 
ATOM   1172 C CA  . ALA A 1 148 ? -21.623 -19.045 14.230  1.00 58.64  ? 173 ALA A CA  1 
ATOM   1173 C C   . ALA A 1 148 ? -22.829 -18.840 15.135  1.00 51.31  ? 173 ALA A C   1 
ATOM   1174 O O   . ALA A 1 148 ? -22.768 -17.995 16.044  1.00 49.95  ? 173 ALA A O   1 
ATOM   1175 C CB  . ALA A 1 148 ? -20.546 -19.850 14.958  1.00 60.49  ? 173 ALA A CB  1 
ATOM   1176 N N   . PRO A 1 149 ? -23.924 -19.564 14.905  1.00 50.40  ? 174 PRO A N   1 
ATOM   1177 C CA  . PRO A 1 149 ? -25.101 -19.419 15.771  1.00 54.11  ? 174 PRO A CA  1 
ATOM   1178 C C   . PRO A 1 149 ? -24.755 -19.705 17.224  1.00 59.35  ? 174 PRO A C   1 
ATOM   1179 O O   . PRO A 1 149 ? -23.950 -20.587 17.531  1.00 52.65  ? 174 PRO A O   1 
ATOM   1180 C CB  . PRO A 1 149 ? -26.089 -20.451 15.210  1.00 52.86  ? 174 PRO A CB  1 
ATOM   1181 C CG  . PRO A 1 149 ? -25.275 -21.347 14.318  1.00 47.78  ? 174 PRO A CG  1 
ATOM   1182 C CD  . PRO A 1 149 ? -24.157 -20.507 13.801  1.00 51.08  ? 174 PRO A CD  1 
ATOM   1183 N N   . ALA A 1 150 ? -25.372 -18.944 18.124  1.00 65.12  ? 175 ALA A N   1 
ATOM   1184 C CA  . ALA A 1 150 ? -25.042 -19.028 19.536  1.00 60.70  ? 175 ALA A CA  1 
ATOM   1185 C C   . ALA A 1 150 ? -26.301 -18.921 20.380  1.00 69.68  ? 175 ALA A C   1 
ATOM   1186 O O   . ALA A 1 150 ? -27.271 -18.255 20.007  1.00 71.54  ? 175 ALA A O   1 
ATOM   1187 C CB  . ALA A 1 150 ? -24.045 -17.937 19.949  1.00 48.92  ? 175 ALA A CB  1 
ATOM   1188 N N   . HIS A 1 151 ? -26.269 -19.594 21.528  1.00 58.66  ? 176 HIS A N   1 
ATOM   1189 C CA  . HIS A 1 151 ? -27.318 -19.495 22.527  1.00 62.17  ? 176 HIS A CA  1 
ATOM   1190 C C   . HIS A 1 151 ? -26.689 -19.722 23.893  1.00 67.19  ? 176 HIS A C   1 
ATOM   1191 O O   . HIS A 1 151 ? -25.572 -20.234 24.005  1.00 67.84  ? 176 HIS A O   1 
ATOM   1192 C CB  . HIS A 1 151 ? -28.447 -20.499 22.269  1.00 60.71  ? 176 HIS A CB  1 
ATOM   1193 C CG  . HIS A 1 151 ? -27.991 -21.925 22.244  1.00 62.21  ? 176 HIS A CG  1 
ATOM   1194 N ND1 . HIS A 1 151 ? -27.490 -22.528 21.110  1.00 65.53  ? 176 HIS A ND1 1 
ATOM   1195 C CD2 . HIS A 1 151 ? -27.957 -22.865 23.218  1.00 60.20  ? 176 HIS A CD2 1 
ATOM   1196 C CE1 . HIS A 1 151 ? -27.171 -23.780 21.387  1.00 60.98  ? 176 HIS A CE1 1 
ATOM   1197 N NE2 . HIS A 1 151 ? -27.444 -24.010 22.659  1.00 54.16  ? 176 HIS A NE2 1 
ATOM   1198 N N   . ALA A 1 152 ? -27.416 -19.327 24.932  1.00 67.96  ? 177 ALA A N   1 
ATOM   1199 C CA  . ALA A 1 152 ? -26.903 -19.455 26.285  1.00 72.02  ? 177 ALA A CA  1 
ATOM   1200 C C   . ALA A 1 152 ? -26.953 -20.912 26.745  1.00 71.37  ? 177 ALA A C   1 
ATOM   1201 O O   . ALA A 1 152 ? -27.807 -21.684 26.299  1.00 75.89  ? 177 ALA A O   1 
ATOM   1202 C CB  . ALA A 1 152 ? -27.707 -18.581 27.244  1.00 65.51  ? 177 ALA A CB  1 
ATOM   1203 N N   . PRO A 1 153 ? -26.029 -21.323 27.628  1.00 67.84  ? 178 PRO A N   1 
ATOM   1204 C CA  . PRO A 1 153 ? -26.114 -22.643 28.259  1.00 69.39  ? 178 PRO A CA  1 
ATOM   1205 C C   . PRO A 1 153 ? -26.896 -22.601 29.567  1.00 72.02  ? 178 PRO A C   1 
ATOM   1206 O O   . PRO A 1 153 ? -27.815 -23.398 29.751  1.00 81.52  ? 178 PRO A O   1 
ATOM   1207 C CB  . PRO A 1 153 ? -24.651 -23.003 28.509  1.00 69.55  ? 178 PRO A CB  1 
ATOM   1208 C CG  . PRO A 1 153 ? -23.983 -21.684 28.724  1.00 64.18  ? 178 PRO A CG  1 
ATOM   1209 C CD  . PRO A 1 153 ? -24.753 -20.649 27.929  1.00 71.33  ? 178 PRO A CD  1 
HETATM 1210 C C1  . NAG B 2 .   ? -13.119 -13.129 4.144   1.00 90.20  ? 201 NAG A C1  1 
HETATM 1211 C C2  . NAG B 2 .   ? -13.786 -12.756 2.832   1.00 80.19  ? 201 NAG A C2  1 
HETATM 1212 C C3  . NAG B 2 .   ? -15.230 -13.252 2.837   1.00 82.22  ? 201 NAG A C3  1 
HETATM 1213 C C4  . NAG B 2 .   ? -15.304 -14.726 3.231   1.00 73.90  ? 201 NAG A C4  1 
HETATM 1214 C C5  . NAG B 2 .   ? -14.438 -15.042 4.456   1.00 81.46  ? 201 NAG A C5  1 
HETATM 1215 C C6  . NAG B 2 .   ? -14.297 -16.522 4.722   1.00 86.63  ? 201 NAG A C6  1 
HETATM 1216 C C7  . NAG B 2 .   ? -12.617 -10.680 2.240   1.00 78.61  ? 201 NAG A C7  1 
HETATM 1217 C C8  . NAG B 2 .   ? -12.743 -9.200  2.035   1.00 65.22  ? 201 NAG A C8  1 
HETATM 1218 N N2  . NAG B 2 .   ? -13.735 -11.321 2.598   1.00 80.69  ? 201 NAG A N2  1 
HETATM 1219 O O3  . NAG B 2 .   ? -15.798 -13.063 1.546   1.00 63.08  ? 201 NAG A O3  1 
HETATM 1220 O O4  . NAG B 2 .   ? -16.650 -15.060 3.553   1.00 86.70  ? 201 NAG A O4  1 
HETATM 1221 O O5  . NAG B 2 .   ? -13.110 -14.527 4.283   1.00 80.95  ? 201 NAG A O5  1 
HETATM 1222 O O6  . NAG B 2 .   ? -14.881 -16.886 5.965   1.00 76.86  ? 201 NAG A O6  1 
HETATM 1223 O O7  . NAG B 2 .   ? -11.550 -11.268 2.097   1.00 87.69  ? 201 NAG A O7  1 
HETATM 1224 O O   . HOH C 3 .   ? 0.067   -9.530  -6.339  1.00 54.41  ? 301 HOH A O   1 
HETATM 1225 O O   . HOH C 3 .   ? 24.112  11.578  -4.358  1.00 62.74  ? 302 HOH A O   1 
HETATM 1226 O O   . HOH C 3 .   ? -17.074 -13.105 7.821   1.00 64.35  ? 303 HOH A O   1 
HETATM 1227 O O   . HOH C 3 .   ? -7.623  -5.343  -19.548 1.00 34.77  ? 304 HOH A O   1 
HETATM 1228 O O   . HOH C 3 .   ? 21.468  5.728   4.420   1.00 53.44  ? 305 HOH A O   1 
HETATM 1229 O O   . HOH C 3 .   ? 12.191  10.875  -3.928  1.00 49.77  ? 306 HOH A O   1 
HETATM 1230 O O   . HOH C 3 .   ? -22.630 1.936   10.954  1.00 61.26  ? 307 HOH A O   1 
HETATM 1231 O O   . HOH C 3 .   ? -2.640  2.612   11.773  1.00 51.21  ? 308 HOH A O   1 
HETATM 1232 O O   . HOH C 3 .   ? 4.796   14.143  2.421   1.00 44.71  ? 309 HOH A O   1 
HETATM 1233 O O   . HOH C 3 .   ? 10.165  6.323   -15.830 1.00 46.40  ? 310 HOH A O   1 
HETATM 1234 O O   . HOH C 3 .   ? 10.579  -4.678  12.436  1.00 51.37  ? 311 HOH A O   1 
HETATM 1235 O O   . HOH C 3 .   ? 25.549  -6.364  0.643   1.00 46.30  ? 312 HOH A O   1 
HETATM 1236 O O   . HOH C 3 .   ? -3.243  11.913  -2.849  1.00 43.90  ? 313 HOH A O   1 
HETATM 1237 O O   . HOH C 3 .   ? 2.666   12.765  -19.577 1.00 46.78  ? 314 HOH A O   1 
HETATM 1238 O O   . HOH C 3 .   ? -5.075  -9.568  4.854   1.00 43.22  ? 315 HOH A O   1 
HETATM 1239 O O   . HOH C 3 .   ? 17.261  5.309   -4.544  1.00 42.79  ? 316 HOH A O   1 
HETATM 1240 O O   . HOH C 3 .   ? -12.629 0.278   1.169   1.00 54.76  ? 317 HOH A O   1 
HETATM 1241 O O   . HOH C 3 .   ? 17.551  -5.909  3.915   1.00 40.10  ? 318 HOH A O   1 
HETATM 1242 O O   . HOH C 3 .   ? -2.488  -7.712  -5.785  1.00 37.39  ? 319 HOH A O   1 
HETATM 1243 O O   . HOH C 3 .   ? 20.521  -7.845  5.262   1.00 46.36  ? 320 HOH A O   1 
HETATM 1244 O O   . HOH C 3 .   ? 2.234   -5.696  -20.057 1.00 51.24  ? 321 HOH A O   1 
HETATM 1245 O O   . HOH C 3 .   ? 8.151   6.856   6.061   1.00 41.12  ? 322 HOH A O   1 
HETATM 1246 O O   . HOH C 3 .   ? -7.007  -0.952  8.617   1.00 46.89  ? 323 HOH A O   1 
HETATM 1247 O O   . HOH C 3 .   ? 23.380  6.609   2.084   1.00 64.91  ? 324 HOH A O   1 
HETATM 1248 O O   . HOH C 3 .   ? 2.226   -5.713  -5.630  1.00 35.97  ? 325 HOH A O   1 
HETATM 1249 O O   . HOH C 3 .   ? -20.639 -19.075 9.308   1.00 42.52  ? 326 HOH A O   1 
HETATM 1250 O O   . HOH C 3 .   ? 12.325  -7.963  -7.378  1.00 39.03  ? 327 HOH A O   1 
HETATM 1251 O O   . HOH C 3 .   ? 12.278  -6.675  8.892   1.00 51.19  ? 328 HOH A O   1 
HETATM 1252 O O   . HOH C 3 .   ? 20.855  -11.277 -1.620  1.00 54.51  ? 329 HOH A O   1 
HETATM 1253 O O   . HOH C 3 .   ? -15.247 3.270   -6.923  1.00 42.68  ? 330 HOH A O   1 
HETATM 1254 O O   . HOH C 3 .   ? 19.345  -6.493  2.335   1.00 44.95  ? 331 HOH A O   1 
HETATM 1255 O O   . HOH C 3 .   ? -0.864  -1.034  -4.891  1.00 31.70  ? 332 HOH A O   1 
HETATM 1256 O O   . HOH C 3 .   ? 1.670   5.428   -10.324 1.00 29.27  ? 333 HOH A O   1 
HETATM 1257 O O   . HOH C 3 .   ? 4.802   -0.544  -16.573 1.00 41.32  ? 334 HOH A O   1 
HETATM 1258 O O   . HOH C 3 .   ? -0.760  13.536  -9.283  1.00 44.63  ? 335 HOH A O   1 
HETATM 1259 O O   . HOH C 3 .   ? -5.768  -9.107  -9.820  1.00 50.02  ? 336 HOH A O   1 
HETATM 1260 O O   . HOH C 3 .   ? -19.167 1.528   10.962  1.00 63.58  ? 337 HOH A O   1 
HETATM 1261 O O   . HOH C 3 .   ? 8.501   -7.105  -15.440 1.00 46.06  ? 338 HOH A O   1 
HETATM 1262 O O   . HOH C 3 .   ? 13.236  3.249   -12.327 1.00 42.22  ? 339 HOH A O   1 
HETATM 1263 O O   . HOH C 3 .   ? 2.444   8.774   -6.558  1.00 34.50  ? 340 HOH A O   1 
HETATM 1264 O O   . HOH C 3 .   ? 15.968  -11.409 3.471   1.00 54.72  ? 341 HOH A O   1 
HETATM 1265 O O   . HOH C 3 .   ? -10.986 -3.802  -8.773  1.00 45.00  ? 342 HOH A O   1 
HETATM 1266 O O   . HOH C 3 .   ? 25.328  -8.031  -1.448  1.00 45.53  ? 343 HOH A O   1 
HETATM 1267 O O   . HOH C 3 .   ? 15.002  9.290   -2.833  1.00 38.84  ? 344 HOH A O   1 
HETATM 1268 O O   . HOH C 3 .   ? 7.771   -0.779  -14.736 1.00 37.96  ? 345 HOH A O   1 
HETATM 1269 O O   . HOH C 3 .   ? -16.390 1.954   -0.190  1.00 42.39  ? 346 HOH A O   1 
HETATM 1270 O O   . HOH C 3 .   ? 22.044  -10.701 4.470   1.00 33.50  ? 347 HOH A O   1 
HETATM 1271 O O   . HOH C 3 .   ? -9.206  -3.411  4.426   1.00 39.58  ? 348 HOH A O   1 
HETATM 1272 O O   . HOH C 3 .   ? -9.769  -5.264  -2.189  1.00 50.60  ? 349 HOH A O   1 
HETATM 1273 O O   . HOH C 3 .   ? 10.763  8.557   -14.849 1.00 33.20  ? 350 HOH A O   1 
HETATM 1274 O O   . HOH C 3 .   ? 4.549   -12.035 -3.518  1.00 55.35  ? 351 HOH A O   1 
HETATM 1275 O O   . HOH C 3 .   ? 3.188   -9.160  4.435   1.00 45.47  ? 352 HOH A O   1 
HETATM 1276 O O   . HOH C 3 .   ? 8.007   10.320  -4.404  1.00 29.80  ? 353 HOH A O   1 
HETATM 1277 O O   . HOH C 3 .   ? -21.674 -1.246  4.449   1.00 63.62  ? 354 HOH A O   1 
HETATM 1278 O O   . HOH C 3 .   ? -0.082  1.197   -4.426  1.00 39.77  ? 355 HOH A O   1 
HETATM 1279 O O   . HOH C 3 .   ? 12.956  8.324   -13.594 1.00 47.58  ? 356 HOH A O   1 
HETATM 1280 O O   . HOH C 3 .   ? 16.697  7.304   -8.304  1.00 43.60  ? 357 HOH A O   1 
HETATM 1281 O O   . HOH C 3 .   ? 6.124   -8.654  -11.681 1.00 47.91  ? 358 HOH A O   1 
HETATM 1282 O O   . HOH C 3 .   ? -12.667 -11.016 10.779  1.00 63.45  ? 359 HOH A O   1 
HETATM 1283 O O   . HOH C 3 .   ? -2.435  11.893  -11.605 1.00 36.13  ? 360 HOH A O   1 
HETATM 1284 O O   . HOH C 3 .   ? 4.959   -12.123 0.602   1.00 36.95  ? 361 HOH A O   1 
HETATM 1285 O O   . HOH C 3 .   ? -2.491  -8.306  8.617   1.00 47.25  ? 362 HOH A O   1 
HETATM 1286 O O   . HOH C 3 .   ? 4.401   -9.618  -6.381  1.00 43.22  ? 363 HOH A O   1 
HETATM 1287 O O   . HOH C 3 .   ? 0.374   14.905  -2.004  1.00 51.22  ? 364 HOH A O   1 
HETATM 1288 O O   . HOH C 3 .   ? 2.437   6.353   -7.585  1.00 41.60  ? 365 HOH A O   1 
HETATM 1289 O O   . HOH C 3 .   ? 7.982   -7.807  3.469   1.00 40.34  ? 366 HOH A O   1 
HETATM 1290 O O   . HOH C 3 .   ? 21.695  -3.601  -8.100  1.00 54.01  ? 367 HOH A O   1 
HETATM 1291 O O   . HOH C 3 .   ? -13.137 -2.260  -9.410  1.00 44.17  ? 368 HOH A O   1 
HETATM 1292 O O   . HOH C 3 .   ? 8.001   10.887  1.524   1.00 56.26  ? 369 HOH A O   1 
HETATM 1293 O O   . HOH C 3 .   ? 25.047  3.091   5.240   1.00 73.57  ? 370 HOH A O   1 
HETATM 1294 O O   . HOH C 3 .   ? 4.023   -9.262  -11.222 1.00 51.06  ? 371 HOH A O   1 
HETATM 1295 O O   . HOH C 3 .   ? 1.452   -10.679 -10.758 1.00 48.96  ? 372 HOH A O   1 
HETATM 1296 O O   . HOH C 3 .   ? 13.427  -12.780 2.691   1.00 53.56  ? 373 HOH A O   1 
HETATM 1297 O O   . HOH C 3 .   ? 13.553  5.512   -14.027 1.00 45.29  ? 374 HOH A O   1 
HETATM 1298 O O   . HOH C 3 .   ? 0.972   -10.644 2.159   1.00 49.86  ? 375 HOH A O   1 
HETATM 1299 O O   . HOH C 3 .   ? -10.887 -13.220 17.741  1.00 46.88  ? 376 HOH A O   1 
HETATM 1300 O O   . HOH C 3 .   ? -3.910  10.060  -13.003 1.00 44.44  ? 377 HOH A O   1 
HETATM 1301 O O   . HOH C 3 .   ? 9.384   -7.299  6.052   1.00 50.16  ? 378 HOH A O   1 
HETATM 1302 O O   . HOH C 3 .   ? -2.768  7.213   -12.584 1.00 48.41  ? 379 HOH A O   1 
HETATM 1303 O O   . HOH C 3 .   ? 25.160  5.990   4.334   1.00 50.74  ? 380 HOH A O   1 
HETATM 1304 O O   . HOH C 3 .   ? 11.705  4.590   -15.806 1.00 47.58  ? 381 HOH A O   1 
HETATM 1305 O O   . HOH C 3 .   ? -20.827 -16.255 1.736   1.00 67.08  ? 382 HOH A O   1 
HETATM 1306 O O   . HOH C 3 .   ? -18.347 0.400   14.320  1.00 66.86  ? 383 HOH A O   1 
HETATM 1307 O O   . HOH C 3 .   ? -22.824 -15.869 2.668   1.00 61.24  ? 384 HOH A O   1 
# 
